data_8X5D
#
_entry.id   8X5D
#
_cell.length_a   1.00
_cell.length_b   1.00
_cell.length_c   1.00
_cell.angle_alpha   90.00
_cell.angle_beta   90.00
_cell.angle_gamma   90.00
#
_symmetry.space_group_name_H-M   'P 1'
#
loop_
_entity.id
_entity.type
_entity.pdbx_description
1 polymer 'CRISPR system Cms endoribonuclease Csm3'
2 polymer 'CRISPR system Cms protein Csm5'
3 polymer 'RNA (47-MER)'
4 polymer Csm2
#
loop_
_entity_poly.entity_id
_entity_poly.type
_entity_poly.pdbx_seq_one_letter_code
_entity_poly.pdbx_strand_id
1 'polypeptide(L)'
;MAHMTTSYAKIEITGTLTVLTGLQIGAGDGFSAIGAVDKPVVRDPLSRLPMIPGTSLKGKVRTLLSRQYGADTETFYRKP
NEDHAHIRRLFGDTEEYMTGRLVFRDTKLTNKDDLEARGAKTLTEVKFENAINRVTAKANLRQMERVIPGSEFAFSLVYE
VSFGTPGEEQKASLPSSDEIIEDFNAIARGLKLLELDYLGGSGTRGYGQVKFSNLKARAAVGALDGSLLEKLNHELAAV
;
K,G,L,J,I,H
2 'polypeptide(L)'
;MAHMNTYLKPFELTLRCLGPVFIGSGEKRTSKEYHVEGDRVYFPDMELLYADIPAHKRKSFEAFVMNTDGAQATAPLKEW
VEPNAVKLDPAKHRGYEVKIGSIEPRRASRGRGGRMTRKKLTLNEIHAFIKDPLGRPYVPGSTVKGMLRSIYLQSLVHKR
TAQPVRVPGHQTREHRQYGERFERKELRKSGRPNTRPQDAVNDLFQAIRVTDSPALRTSDLLICQKMDMNVHGKPDGLPL
FRECLAPGTSISHRVVVDTSPTARGGWREGERFLETLAETAASVNQARYAEYRAMYPGVNAIVGPIVYLGGGAGYRSKTF
VTDQDDMAKVLDAQFGKVVKHVDKTRELRVSPLVLKRTKIDNICYEMGQCELSIRRAE
;
N
3 'polyribonucleotide'
;GUCGUCAGACCCAAAACCCCGAGAGGGGACGGAAACUUAAAACCGUGUUGCACUGCAACCCGGAAUUCUUGCACGUCGUC
AGACCCAAAACCCCGAGAGGGGACGGAAACUUAAAACCGUGUUGCACUGCAACCCGGAAUUCUUGCACGUCGUCAGACCC
AAAACCCCGAGAGGGGACGGAAAC
;
O
4 'polypeptide(L)'
;MAHMSVIQDDYVKQAEQVIRGLPKKNGDFELTTTQLRVLLSLTAQLFDEAQLSSDQNLSPALRDKVQYLRVRFVYQAGRE
KAVRVFVERAGLLDELAQIGDSRDRLLKFCHYMEALVAYKKFLDPKETSKETE
;
F,E,D,C,B
#
loop_
_chem_comp.id
_chem_comp.type
_chem_comp.name
_chem_comp.formula
A RNA linking ADENOSINE-5'-MONOPHOSPHATE 'C10 H14 N5 O7 P'
C RNA linking CYTIDINE-5'-MONOPHOSPHATE 'C9 H14 N3 O8 P'
G RNA linking GUANOSINE-5'-MONOPHOSPHATE 'C10 H14 N5 O8 P'
U RNA linking URIDINE-5'-MONOPHOSPHATE 'C9 H13 N2 O9 P'
#
# COMPACT_ATOMS: atom_id res chain seq x y z
N THR A 5 9.14 31.98 -27.08
CA THR A 5 8.62 30.70 -27.54
C THR A 5 7.31 30.90 -28.28
N THR A 6 6.45 31.71 -27.68
CA THR A 6 5.13 32.10 -28.21
C THR A 6 4.23 30.90 -28.48
N SER A 7 4.39 29.83 -27.70
CA SER A 7 3.57 28.62 -27.87
C SER A 7 3.58 27.85 -26.56
N TYR A 8 2.90 26.70 -26.58
CA TYR A 8 2.84 25.77 -25.46
C TYR A 8 3.33 24.43 -25.94
N ALA A 9 4.14 23.75 -25.12
CA ALA A 9 4.71 22.49 -25.55
C ALA A 9 4.93 21.58 -24.36
N LYS A 10 4.98 20.28 -24.65
CA LYS A 10 5.32 19.26 -23.67
C LYS A 10 6.33 18.33 -24.32
N ILE A 11 7.57 18.34 -23.83
CA ILE A 11 8.65 17.53 -24.38
C ILE A 11 8.82 16.29 -23.50
N GLU A 12 9.07 15.15 -24.13
CA GLU A 12 9.16 13.87 -23.43
C GLU A 12 10.51 13.25 -23.71
N ILE A 13 11.28 12.99 -22.65
CA ILE A 13 12.59 12.36 -22.76
C ILE A 13 12.45 10.89 -22.40
N THR A 14 12.81 10.01 -23.33
CA THR A 14 12.75 8.57 -23.12
C THR A 14 14.14 7.98 -23.20
N GLY A 15 14.28 6.75 -22.73
CA GLY A 15 15.56 6.08 -22.78
C GLY A 15 15.53 4.74 -22.07
N THR A 16 16.71 4.34 -21.59
CA THR A 16 16.88 3.03 -20.98
C THR A 16 17.86 3.17 -19.82
N LEU A 17 17.47 2.69 -18.64
CA LEU A 17 18.35 2.64 -17.48
C LEU A 17 18.71 1.18 -17.23
N THR A 18 19.99 0.86 -17.33
CA THR A 18 20.47 -0.50 -17.13
C THR A 18 21.27 -0.60 -15.83
N VAL A 19 21.32 -1.82 -15.31
CA VAL A 19 21.84 -2.10 -13.97
C VAL A 19 23.20 -2.79 -14.11
N LEU A 20 24.25 -2.15 -13.59
CA LEU A 20 25.61 -2.68 -13.71
C LEU A 20 26.02 -3.48 -12.49
N THR A 21 25.94 -2.91 -11.30
CA THR A 21 26.09 -3.64 -10.05
C THR A 21 24.73 -3.72 -9.36
N GLY A 22 24.63 -4.60 -8.37
CA GLY A 22 23.34 -4.93 -7.79
C GLY A 22 22.71 -3.76 -7.06
N LEU A 23 21.40 -3.59 -7.24
CA LEU A 23 20.68 -2.40 -6.82
C LEU A 23 19.69 -2.76 -5.72
N GLN A 24 19.71 -2.00 -4.63
CA GLN A 24 18.81 -2.22 -3.51
C GLN A 24 18.17 -0.89 -3.11
N ILE A 25 16.91 -0.70 -3.49
CA ILE A 25 16.07 0.35 -2.95
C ILE A 25 15.17 -0.30 -1.91
N GLY A 26 15.45 -0.05 -0.63
CA GLY A 26 14.78 -0.77 0.42
C GLY A 26 13.36 -0.32 0.65
N ALA A 27 12.59 -1.19 1.30
CA ALA A 27 11.20 -0.92 1.63
C ALA A 27 10.89 -1.00 3.12
N GLY A 28 11.68 -1.75 3.89
CA GLY A 28 11.46 -1.84 5.32
C GLY A 28 10.33 -2.79 5.66
N ASP A 29 9.11 -2.35 5.39
CA ASP A 29 7.90 -3.16 5.45
C ASP A 29 7.37 -3.34 4.05
N GLY A 30 6.23 -4.01 3.92
CA GLY A 30 5.63 -4.15 2.61
C GLY A 30 5.31 -5.55 2.13
N PHE A 31 5.11 -6.48 3.08
CA PHE A 31 4.33 -7.71 2.87
C PHE A 31 4.94 -8.63 1.82
N SER A 32 6.07 -9.24 2.19
CA SER A 32 6.59 -10.37 1.43
C SER A 32 6.16 -11.71 2.02
N ALA A 33 6.13 -11.81 3.35
CA ALA A 33 5.30 -12.72 4.14
C ALA A 33 5.70 -14.18 4.15
N ILE A 34 6.70 -14.58 3.36
CA ILE A 34 7.16 -15.97 3.37
C ILE A 34 8.69 -15.92 3.45
N GLY A 35 9.20 -16.04 4.68
CA GLY A 35 10.62 -16.26 4.95
C GLY A 35 11.55 -15.18 4.45
N ALA A 36 11.06 -13.95 4.29
CA ALA A 36 11.80 -12.92 3.60
C ALA A 36 13.01 -12.45 4.42
N VAL A 37 13.93 -11.79 3.73
CA VAL A 37 15.17 -11.30 4.33
C VAL A 37 14.86 -10.10 5.21
N ASP A 38 15.83 -9.70 6.04
CA ASP A 38 15.64 -8.56 6.91
C ASP A 38 15.69 -7.23 6.17
N LYS A 39 16.22 -7.20 4.95
CA LYS A 39 16.27 -6.00 4.13
C LYS A 39 15.73 -6.31 2.74
N PRO A 40 14.42 -6.13 2.53
CA PRO A 40 13.85 -6.41 1.20
C PRO A 40 13.90 -5.21 0.27
N VAL A 41 13.42 -5.37 -0.96
CA VAL A 41 13.45 -4.30 -1.97
C VAL A 41 12.02 -3.92 -2.33
N VAL A 42 11.90 -2.79 -3.01
CA VAL A 42 10.60 -2.26 -3.41
C VAL A 42 10.13 -2.99 -4.65
N ARG A 43 8.93 -3.57 -4.58
CA ARG A 43 8.32 -4.27 -5.69
C ARG A 43 6.99 -3.61 -6.06
N ASP A 44 6.26 -4.25 -6.95
CA ASP A 44 4.93 -3.86 -7.43
C ASP A 44 3.86 -4.71 -6.75
N PRO A 45 2.72 -4.12 -6.36
CA PRO A 45 1.73 -4.91 -5.61
C PRO A 45 0.96 -5.90 -6.46
N LEU A 46 0.87 -5.71 -7.77
CA LEU A 46 0.09 -6.59 -8.63
C LEU A 46 0.95 -7.46 -9.54
N SER A 47 1.86 -6.86 -10.30
CA SER A 47 2.72 -7.63 -11.20
C SER A 47 3.88 -8.29 -10.48
N ARG A 48 4.18 -7.84 -9.25
CA ARG A 48 5.24 -8.39 -8.39
CA ARG A 48 5.24 -8.41 -8.40
C ARG A 48 6.61 -8.35 -9.06
N LEU A 49 6.86 -7.29 -9.80
CA LEU A 49 8.13 -7.02 -10.45
C LEU A 49 8.93 -6.01 -9.63
N PRO A 50 10.26 -6.07 -9.70
CA PRO A 50 11.06 -5.00 -9.10
C PRO A 50 10.83 -3.68 -9.81
N MET A 51 10.89 -2.59 -9.04
CA MET A 51 10.60 -1.27 -9.59
C MET A 51 11.53 -0.24 -9.00
N ILE A 52 11.64 0.88 -9.70
CA ILE A 52 12.38 2.05 -9.25
C ILE A 52 11.37 3.18 -9.05
N PRO A 53 11.18 3.69 -7.84
CA PRO A 53 10.23 4.78 -7.63
C PRO A 53 10.72 6.09 -8.23
N GLY A 54 9.79 7.02 -8.37
CA GLY A 54 10.13 8.36 -8.83
C GLY A 54 10.66 9.27 -7.76
N THR A 55 10.47 8.92 -6.49
CA THR A 55 11.02 9.70 -5.40
C THR A 55 12.50 9.44 -5.20
N SER A 56 12.95 8.21 -5.46
CA SER A 56 14.35 7.87 -5.31
C SER A 56 15.19 8.46 -6.44
N LEU A 57 14.61 8.59 -7.63
CA LEU A 57 15.36 9.10 -8.78
C LEU A 57 15.35 10.62 -8.81
N LYS A 58 14.28 11.27 -8.35
CA LYS A 58 14.25 12.72 -8.31
C LYS A 58 15.08 13.26 -7.16
N GLY A 59 14.99 12.65 -5.98
CA GLY A 59 15.70 13.15 -4.82
C GLY A 59 17.19 12.91 -4.84
N LYS A 60 17.65 11.89 -5.57
CA LYS A 60 19.08 11.65 -5.67
C LYS A 60 19.74 12.60 -6.66
N VAL A 61 19.04 12.94 -7.74
CA VAL A 61 19.60 13.84 -8.74
C VAL A 61 19.60 15.29 -8.23
N ARG A 62 18.62 15.65 -7.40
CA ARG A 62 18.55 17.02 -6.89
C ARG A 62 19.68 17.30 -5.90
N THR A 63 20.04 16.31 -5.07
CA THR A 63 21.12 16.52 -4.11
C THR A 63 22.48 16.51 -4.79
N LEU A 64 22.62 15.81 -5.92
CA LEU A 64 23.89 15.81 -6.62
C LEU A 64 24.12 17.12 -7.37
N LEU A 65 23.05 17.81 -7.75
CA LEU A 65 23.20 19.10 -8.42
C LEU A 65 23.35 20.24 -7.42
N SER A 66 22.80 20.09 -6.21
CA SER A 66 22.99 21.10 -5.19
C SER A 66 24.39 21.03 -4.58
N ARG A 67 25.02 19.87 -4.63
CA ARG A 67 26.42 19.76 -4.23
C ARG A 67 27.34 20.42 -5.24
N GLN A 68 26.99 20.38 -6.53
CA GLN A 68 27.84 20.97 -7.55
C GLN A 68 27.63 22.46 -7.66
N TYR A 69 26.37 22.91 -7.71
CA TYR A 69 26.08 24.34 -7.73
C TYR A 69 26.46 25.01 -6.41
N GLY A 70 26.47 24.27 -5.32
CA GLY A 70 26.83 24.82 -4.03
C GLY A 70 28.31 24.98 -3.81
N ALA A 71 29.10 24.00 -4.25
CA ALA A 71 30.54 24.06 -4.06
C ALA A 71 31.21 25.01 -5.05
N ASP A 72 30.60 25.21 -6.23
CA ASP A 72 31.16 26.13 -7.21
C ASP A 72 30.84 27.58 -6.90
N THR A 73 29.95 27.86 -5.93
CA THR A 73 29.62 29.22 -5.53
C THR A 73 29.94 29.48 -4.07
N GLU A 74 30.57 28.52 -3.38
CA GLU A 74 31.00 28.62 -1.98
C GLU A 74 29.82 28.92 -1.04
N THR A 75 28.73 28.19 -1.23
CA THR A 75 27.54 28.34 -0.41
C THR A 75 26.95 26.97 -0.16
N PHE A 76 26.70 26.65 1.11
CA PHE A 76 26.13 25.36 1.49
C PHE A 76 24.62 25.50 1.60
N TYR A 77 23.90 24.83 0.71
CA TYR A 77 22.44 24.86 0.71
C TYR A 77 21.91 23.82 1.70
N ARG A 78 21.24 24.27 2.76
CA ARG A 78 20.84 23.38 3.83
C ARG A 78 19.37 22.94 3.76
N LYS A 79 18.59 23.48 2.83
CA LYS A 79 17.21 23.06 2.64
C LYS A 79 16.81 23.33 1.20
N PRO A 80 15.84 22.58 0.65
CA PRO A 80 15.49 22.77 -0.76
C PRO A 80 14.86 24.11 -1.13
N ASN A 81 14.48 24.94 -0.16
CA ASN A 81 14.05 26.30 -0.47
C ASN A 81 15.23 27.27 -0.56
N GLU A 82 16.43 26.83 -0.20
CA GLU A 82 17.62 27.65 -0.27
C GLU A 82 18.50 27.31 -1.46
N ASP A 83 18.03 26.45 -2.36
CA ASP A 83 18.84 25.96 -3.47
C ASP A 83 19.05 27.06 -4.52
N HIS A 84 19.79 26.70 -5.56
CA HIS A 84 20.09 27.63 -6.64
C HIS A 84 18.83 27.93 -7.45
N ALA A 85 18.86 29.04 -8.16
CA ALA A 85 17.70 29.45 -8.94
C ALA A 85 17.51 28.61 -10.21
N HIS A 86 18.53 27.83 -10.61
CA HIS A 86 18.39 26.88 -11.70
C HIS A 86 17.89 25.53 -11.22
N ILE A 87 18.00 25.24 -9.93
CA ILE A 87 17.47 23.99 -9.37
C ILE A 87 16.00 24.14 -9.03
N ARG A 88 15.61 25.29 -8.48
CA ARG A 88 14.25 25.48 -8.01
C ARG A 88 13.25 25.75 -9.12
N ARG A 89 13.71 26.09 -10.32
CA ARG A 89 12.77 26.23 -11.43
C ARG A 89 12.57 24.91 -12.19
N LEU A 90 13.41 23.92 -11.95
CA LEU A 90 13.25 22.59 -12.53
C LEU A 90 12.57 21.61 -11.59
N PHE A 91 12.95 21.62 -10.31
CA PHE A 91 12.42 20.67 -9.34
C PHE A 91 11.35 21.28 -8.44
N GLY A 92 11.26 22.60 -8.37
CA GLY A 92 10.20 23.26 -7.65
C GLY A 92 10.56 23.56 -6.20
N ASP A 93 9.86 24.54 -5.65
CA ASP A 93 9.91 24.84 -4.22
C ASP A 93 8.53 25.33 -3.81
N THR A 94 8.44 25.91 -2.61
CA THR A 94 7.15 26.35 -2.08
C THR A 94 7.11 27.84 -1.79
N GLU A 95 8.02 28.62 -2.37
CA GLU A 95 8.02 30.07 -2.17
C GLU A 95 7.85 30.85 -3.47
N GLU A 96 8.65 30.55 -4.49
CA GLU A 96 8.65 31.34 -5.72
C GLU A 96 8.24 30.56 -6.94
N TYR A 97 8.88 29.43 -7.22
CA TYR A 97 8.52 28.55 -8.34
C TYR A 97 7.76 27.37 -7.75
N MET A 98 6.42 27.49 -7.73
CA MET A 98 5.62 26.60 -6.90
C MET A 98 5.63 25.16 -7.41
N THR A 99 5.62 24.95 -8.72
CA THR A 99 5.63 23.61 -9.28
C THR A 99 6.77 23.48 -10.27
N GLY A 100 7.45 22.34 -10.24
CA GLY A 100 8.58 22.13 -11.11
C GLY A 100 8.17 21.86 -12.55
N ARG A 101 9.10 22.12 -13.46
CA ARG A 101 8.88 21.89 -14.88
C ARG A 101 9.14 20.45 -15.30
N LEU A 102 9.51 19.57 -14.37
CA LEU A 102 9.85 18.19 -14.68
C LEU A 102 8.92 17.24 -13.94
N VAL A 103 8.49 16.19 -14.63
CA VAL A 103 7.62 15.16 -14.06
C VAL A 103 8.37 13.84 -14.18
N PHE A 104 8.76 13.27 -13.05
CA PHE A 104 9.36 11.95 -13.01
C PHE A 104 8.28 10.88 -12.96
N ARG A 105 8.62 9.68 -13.41
CA ARG A 105 7.68 8.57 -13.43
C ARG A 105 8.31 7.35 -12.77
N ASP A 106 7.45 6.49 -12.23
CA ASP A 106 7.91 5.20 -11.73
C ASP A 106 8.19 4.25 -12.89
N THR A 107 9.20 3.41 -12.73
CA THR A 107 9.61 2.47 -13.77
C THR A 107 9.48 1.05 -13.25
N LYS A 108 9.13 0.13 -14.14
CA LYS A 108 9.07 -1.29 -13.83
C LYS A 108 10.05 -2.05 -14.71
N LEU A 109 10.35 -3.28 -14.29
CA LEU A 109 11.29 -4.13 -15.02
C LEU A 109 10.66 -4.60 -16.32
N THR A 110 11.39 -4.44 -17.43
CA THR A 110 10.86 -4.75 -18.75
C THR A 110 11.34 -6.10 -19.28
N ASN A 111 12.65 -6.37 -19.22
CA ASN A 111 13.20 -7.55 -19.87
C ASN A 111 13.20 -8.75 -18.92
N LYS A 112 12.01 -9.11 -18.45
CA LYS A 112 11.90 -10.30 -17.60
C LYS A 112 12.07 -11.56 -18.41
N ASP A 113 11.35 -11.66 -19.53
CA ASP A 113 11.43 -12.84 -20.39
C ASP A 113 12.77 -12.97 -21.10
N ASP A 114 13.49 -11.85 -21.28
CA ASP A 114 14.84 -11.93 -21.81
C ASP A 114 15.80 -12.51 -20.78
N LEU A 115 15.63 -12.14 -19.51
CA LEU A 115 16.50 -12.68 -18.46
C LEU A 115 16.18 -14.13 -18.15
N GLU A 116 14.92 -14.55 -18.32
CA GLU A 116 14.59 -15.95 -18.07
C GLU A 116 15.07 -16.85 -19.19
N ALA A 117 15.25 -16.31 -20.39
CA ALA A 117 15.76 -17.11 -21.50
C ALA A 117 17.26 -17.34 -21.39
N ARG A 118 17.97 -16.44 -20.71
CA ARG A 118 19.41 -16.54 -20.54
C ARG A 118 19.80 -17.25 -19.26
N GLY A 119 18.83 -17.74 -18.48
CA GLY A 119 19.10 -18.57 -17.33
C GLY A 119 19.04 -17.91 -15.97
N ALA A 120 18.02 -17.10 -15.71
CA ALA A 120 17.82 -16.55 -14.38
C ALA A 120 16.68 -17.29 -13.70
N LYS A 121 16.97 -17.94 -12.58
CA LYS A 121 15.94 -18.68 -11.86
C LYS A 121 15.09 -17.74 -10.99
N THR A 122 15.67 -16.63 -10.55
CA THR A 122 14.96 -15.63 -9.77
C THR A 122 15.34 -14.24 -10.26
N LEU A 123 14.46 -13.29 -10.02
CA LEU A 123 14.68 -11.91 -10.44
C LEU A 123 15.48 -11.11 -9.42
N THR A 124 15.73 -11.66 -8.24
CA THR A 124 16.52 -11.01 -7.21
C THR A 124 17.43 -12.03 -6.55
N GLU A 125 18.67 -11.64 -6.30
CA GLU A 125 19.60 -12.48 -5.57
C GLU A 125 19.58 -12.14 -4.09
N VAL A 126 20.05 -13.09 -3.28
CA VAL A 126 20.22 -12.88 -1.85
C VAL A 126 21.71 -12.95 -1.55
N LYS A 127 22.24 -11.90 -0.95
CA LYS A 127 23.67 -11.78 -0.67
C LYS A 127 23.91 -11.91 0.82
N PHE A 128 24.88 -12.74 1.18
CA PHE A 128 25.22 -12.99 2.58
C PHE A 128 26.43 -12.13 2.96
N GLU A 129 26.20 -11.13 3.78
CA GLU A 129 27.27 -10.31 4.32
C GLU A 129 27.54 -10.69 5.77
N ASN A 130 28.62 -10.14 6.32
CA ASN A 130 29.16 -10.68 7.56
C ASN A 130 30.01 -9.63 8.25
N ALA A 131 29.56 -9.13 9.39
CA ALA A 131 30.33 -8.18 10.17
C ALA A 131 31.17 -8.93 11.21
N ILE A 132 32.44 -8.59 11.31
CA ILE A 132 33.39 -9.28 12.18
C ILE A 132 33.72 -8.40 13.36
N ASN A 133 33.45 -8.91 14.57
CA ASN A 133 33.80 -8.20 15.80
C ASN A 133 35.31 -8.17 15.98
N ARG A 134 35.84 -7.01 16.37
CA ARG A 134 37.28 -6.83 16.41
C ARG A 134 37.93 -7.37 17.67
N VAL A 135 37.15 -7.80 18.65
CA VAL A 135 37.67 -8.28 19.92
C VAL A 135 37.64 -9.80 20.00
N THR A 136 36.47 -10.39 19.77
CA THR A 136 36.29 -11.83 19.90
C THR A 136 36.42 -12.56 18.57
N ALA A 137 36.57 -11.83 17.46
CA ALA A 137 36.69 -12.36 16.09
C ALA A 137 35.49 -13.22 15.71
N LYS A 138 34.31 -12.82 16.18
CA LYS A 138 33.09 -13.56 15.90
C LYS A 138 32.40 -13.05 14.65
N ALA A 139 31.28 -13.67 14.32
CA ALA A 139 30.60 -13.46 13.05
C ALA A 139 29.18 -12.99 13.30
N ASN A 140 28.79 -11.89 12.65
CA ASN A 140 27.44 -11.32 12.74
C ASN A 140 26.86 -11.31 11.34
N LEU A 141 26.26 -12.42 10.95
CA LEU A 141 25.78 -12.60 9.58
C LEU A 141 24.51 -11.81 9.33
N ARG A 142 24.28 -11.48 8.06
CA ARG A 142 23.04 -10.83 7.64
C ARG A 142 22.75 -11.22 6.20
N GLN A 143 21.49 -11.08 5.82
CA GLN A 143 21.02 -11.41 4.48
C GLN A 143 20.46 -10.17 3.81
N MET A 144 20.96 -9.86 2.61
CA MET A 144 20.55 -8.68 1.87
C MET A 144 20.03 -9.09 0.51
N GLU A 145 18.97 -8.42 0.05
CA GLU A 145 18.35 -8.71 -1.24
C GLU A 145 18.59 -7.53 -2.18
N ARG A 146 18.86 -7.82 -3.45
CA ARG A 146 19.10 -6.77 -4.42
C ARG A 146 18.78 -7.27 -5.82
N VAL A 147 18.49 -6.31 -6.70
CA VAL A 147 18.19 -6.63 -8.10
C VAL A 147 19.47 -7.04 -8.81
N ILE A 148 19.40 -8.10 -9.60
CA ILE A 148 20.57 -8.67 -10.26
C ILE A 148 21.06 -7.75 -11.37
N PRO A 149 22.34 -7.78 -11.73
CA PRO A 149 22.83 -6.99 -12.86
C PRO A 149 22.28 -7.51 -14.19
N GLY A 150 22.22 -6.60 -15.15
CA GLY A 150 21.64 -6.89 -16.44
C GLY A 150 20.18 -6.55 -16.55
N SER A 151 19.51 -6.22 -15.44
CA SER A 151 18.12 -5.80 -15.48
C SER A 151 17.99 -4.43 -16.11
N GLU A 152 16.86 -4.20 -16.77
CA GLU A 152 16.70 -3.02 -17.61
C GLU A 152 15.33 -2.41 -17.37
N PHE A 153 15.31 -1.11 -17.10
CA PHE A 153 14.10 -0.37 -16.77
C PHE A 153 13.85 0.69 -17.84
N ALA A 154 12.59 0.97 -18.11
CA ALA A 154 12.20 1.96 -19.10
C ALA A 154 12.14 3.33 -18.44
N PHE A 155 12.89 4.29 -18.98
CA PHE A 155 13.02 5.61 -18.38
C PHE A 155 12.19 6.62 -19.14
N SER A 156 11.50 7.49 -18.41
CA SER A 156 10.62 8.49 -19.00
C SER A 156 10.57 9.72 -18.13
N LEU A 157 10.53 10.89 -18.76
CA LEU A 157 10.62 12.16 -18.06
C LEU A 157 10.02 13.25 -18.94
N VAL A 158 9.10 14.03 -18.39
CA VAL A 158 8.33 15.01 -19.16
C VAL A 158 8.77 16.41 -18.75
N TYR A 159 8.76 17.33 -19.72
CA TYR A 159 9.13 18.73 -19.52
C TYR A 159 8.03 19.61 -20.09
N GLU A 160 7.81 20.76 -19.45
CA GLU A 160 6.66 21.61 -19.78
C GLU A 160 7.11 23.04 -20.05
N VAL A 161 6.51 23.65 -21.07
CA VAL A 161 6.81 25.02 -21.47
C VAL A 161 5.51 25.82 -21.33
N SER A 162 5.39 26.62 -20.28
CA SER A 162 4.19 27.41 -20.04
C SER A 162 4.57 28.64 -19.21
N PHE A 163 3.55 29.34 -18.70
CA PHE A 163 3.80 30.52 -17.88
C PHE A 163 4.30 30.14 -16.50
N GLY A 164 3.79 29.04 -15.94
CA GLY A 164 4.17 28.66 -14.59
C GLY A 164 3.29 29.30 -13.55
N THR A 165 3.89 29.84 -12.49
CA THR A 165 3.17 30.55 -11.43
C THR A 165 3.70 31.97 -11.37
N PRO A 166 3.16 32.87 -12.16
CA PRO A 166 3.65 34.25 -12.17
C PRO A 166 3.05 35.08 -11.05
N GLY A 167 3.69 35.09 -9.88
CA GLY A 167 3.25 35.84 -8.72
C GLY A 167 3.00 37.32 -8.92
N GLU A 168 2.30 37.95 -7.96
CA GLU A 168 1.74 39.28 -8.16
C GLU A 168 2.80 40.38 -8.28
N GLU A 169 4.02 40.13 -7.83
CA GLU A 169 5.09 41.11 -7.98
C GLU A 169 5.61 41.19 -9.41
N GLN A 170 5.47 40.13 -10.19
CA GLN A 170 6.01 40.05 -11.53
C GLN A 170 4.89 39.90 -12.55
N LYS A 171 5.24 40.07 -13.82
CA LYS A 171 4.34 39.78 -14.93
C LYS A 171 4.63 38.39 -15.46
N ALA A 172 3.70 37.88 -16.26
CA ALA A 172 3.82 36.54 -16.82
C ALA A 172 4.62 36.56 -18.12
N SER A 173 5.39 35.49 -18.34
CA SER A 173 6.23 35.38 -19.51
C SER A 173 6.56 33.92 -19.79
N LEU A 174 6.53 33.54 -21.06
CA LEU A 174 7.03 32.25 -21.46
C LEU A 174 8.56 32.21 -21.35
N PRO A 175 9.16 31.04 -21.14
CA PRO A 175 10.61 30.95 -21.21
C PRO A 175 11.09 31.05 -22.65
N SER A 176 12.21 31.73 -22.82
CA SER A 176 12.77 31.95 -24.15
C SER A 176 13.49 30.70 -24.65
N SER A 177 14.05 30.78 -25.85
CA SER A 177 14.75 29.66 -26.43
C SER A 177 16.15 29.47 -25.85
N ASP A 178 16.62 30.42 -25.04
CA ASP A 178 17.89 30.27 -24.34
C ASP A 178 17.74 29.67 -22.95
N GLU A 179 16.54 29.75 -22.37
CA GLU A 179 16.29 29.15 -21.06
C GLU A 179 15.97 27.66 -21.19
N ILE A 180 15.45 27.24 -22.34
CA ILE A 180 15.11 25.83 -22.53
C ILE A 180 16.38 25.01 -22.78
N ILE A 181 17.34 25.56 -23.52
CA ILE A 181 18.60 24.87 -23.70
C ILE A 181 19.45 24.97 -22.43
N GLU A 182 19.25 26.01 -21.62
CA GLU A 182 19.92 26.10 -20.33
C GLU A 182 19.38 25.08 -19.33
N ASP A 183 18.11 24.70 -19.47
CA ASP A 183 17.54 23.69 -18.58
C ASP A 183 17.95 22.28 -18.99
N PHE A 184 17.97 22.00 -20.29
CA PHE A 184 18.35 20.67 -20.76
C PHE A 184 19.83 20.39 -20.62
N ASN A 185 20.65 21.43 -20.48
CA ASN A 185 22.05 21.22 -20.13
C ASN A 185 22.19 20.80 -18.67
N ALA A 186 21.30 21.26 -17.80
CA ALA A 186 21.32 20.86 -16.41
C ALA A 186 20.75 19.46 -16.20
N ILE A 187 19.85 19.03 -17.08
CA ILE A 187 19.34 17.66 -17.02
C ILE A 187 20.43 16.68 -17.42
N ALA A 188 21.13 16.98 -18.51
CA ALA A 188 22.18 16.08 -19.00
C ALA A 188 23.39 16.07 -18.08
N ARG A 189 23.64 17.18 -17.39
CA ARG A 189 24.73 17.21 -16.41
C ARG A 189 24.35 16.42 -15.16
N GLY A 190 23.09 16.55 -14.71
CA GLY A 190 22.65 15.85 -13.52
C GLY A 190 22.50 14.36 -13.69
N LEU A 191 22.27 13.89 -14.92
CA LEU A 191 22.22 12.46 -15.17
C LEU A 191 23.60 11.86 -15.39
N LYS A 192 24.60 12.70 -15.66
CA LYS A 192 25.97 12.22 -15.78
C LYS A 192 26.65 12.09 -14.42
N LEU A 193 26.17 12.82 -13.42
CA LEU A 193 26.66 12.65 -12.06
C LEU A 193 26.14 11.37 -11.42
N LEU A 194 24.96 10.91 -11.85
CA LEU A 194 24.39 9.68 -11.31
C LEU A 194 25.17 8.45 -11.79
N GLU A 195 25.79 8.54 -12.96
CA GLU A 195 26.60 7.45 -13.46
C GLU A 195 27.95 7.34 -12.76
N LEU A 196 28.43 8.45 -12.16
CA LEU A 196 29.62 8.45 -11.33
C LEU A 196 29.28 8.40 -9.86
N ASP A 197 28.10 7.88 -9.52
CA ASP A 197 27.63 7.77 -8.15
C ASP A 197 26.74 6.54 -8.10
N TYR A 198 25.94 6.43 -7.05
CA TYR A 198 25.08 5.26 -6.87
C TYR A 198 23.63 5.69 -6.75
N LEU A 199 22.75 4.71 -6.86
CA LEU A 199 21.32 4.89 -6.65
C LEU A 199 20.87 3.89 -5.60
N GLY A 200 20.02 4.33 -4.69
CA GLY A 200 19.59 3.47 -3.61
C GLY A 200 20.53 3.51 -2.41
N GLY A 201 20.69 2.37 -1.73
CA GLY A 201 21.48 2.31 -0.52
C GLY A 201 22.69 1.40 -0.66
N SER A 202 23.56 1.46 0.36
CA SER A 202 24.80 0.68 0.48
C SER A 202 25.74 0.92 -0.69
N GLY A 203 25.77 2.13 -1.23
CA GLY A 203 26.50 2.39 -2.45
C GLY A 203 27.98 2.59 -2.28
N THR A 204 28.44 2.94 -1.08
CA THR A 204 29.88 3.02 -0.84
C THR A 204 30.52 1.64 -0.71
N ARG A 205 29.72 0.58 -0.58
CA ARG A 205 30.22 -0.78 -0.54
C ARG A 205 29.93 -1.55 -1.82
N GLY A 206 29.57 -0.86 -2.90
CA GLY A 206 29.49 -1.49 -4.21
C GLY A 206 28.11 -1.61 -4.82
N TYR A 207 27.05 -1.10 -4.20
CA TYR A 207 25.70 -1.32 -4.70
C TYR A 207 25.28 -0.23 -5.67
N GLY A 208 24.37 -0.59 -6.56
CA GLY A 208 23.57 0.38 -7.28
C GLY A 208 24.25 1.26 -8.31
N GLN A 209 25.07 0.68 -9.18
CA GLN A 209 25.66 1.42 -10.29
C GLN A 209 24.78 1.28 -11.52
N VAL A 210 24.43 2.41 -12.14
CA VAL A 210 23.51 2.42 -13.27
C VAL A 210 24.17 3.06 -14.49
N LYS A 211 23.46 3.05 -15.61
CA LYS A 211 23.93 3.66 -16.85
C LYS A 211 22.73 3.98 -17.73
N PHE A 212 22.82 5.09 -18.46
CA PHE A 212 21.73 5.56 -19.30
C PHE A 212 22.04 5.31 -20.78
N SER A 213 21.03 4.91 -21.53
CA SER A 213 21.17 4.60 -22.95
C SER A 213 20.00 5.17 -23.73
N ASN A 214 20.29 5.62 -24.96
CA ASN A 214 19.30 5.99 -25.97
C ASN A 214 18.41 7.15 -25.53
N LEU A 215 19.03 8.19 -24.98
CA LEU A 215 18.27 9.36 -24.55
C LEU A 215 17.91 10.21 -25.76
N LYS A 216 16.64 10.60 -25.85
CA LYS A 216 16.13 11.33 -27.01
C LYS A 216 14.89 12.10 -26.62
N ALA A 217 14.82 13.36 -27.02
CA ALA A 217 13.68 14.22 -26.73
C ALA A 217 12.71 14.23 -27.90
N ARG A 218 11.45 14.53 -27.59
CA ARG A 218 10.37 14.47 -28.57
C ARG A 218 9.23 15.36 -28.11
N ALA A 219 8.73 16.21 -29.01
CA ALA A 219 7.62 17.10 -28.70
C ALA A 219 6.31 16.34 -28.87
N ALA A 220 5.65 16.04 -27.75
CA ALA A 220 4.43 15.25 -27.77
C ALA A 220 3.18 16.10 -28.00
N VAL A 221 3.18 17.34 -27.51
CA VAL A 221 2.05 18.25 -27.66
C VAL A 221 2.61 19.62 -28.02
N GLY A 222 2.00 20.28 -29.00
CA GLY A 222 2.40 21.62 -29.37
C GLY A 222 3.47 21.62 -30.43
N ALA A 223 3.95 22.83 -30.72
CA ALA A 223 4.91 23.06 -31.80
C ALA A 223 6.14 23.75 -31.23
N LEU A 224 7.30 23.15 -31.47
CA LEU A 224 8.58 23.79 -31.19
C LEU A 224 9.06 24.51 -32.44
N ASP A 225 10.29 25.00 -32.42
CA ASP A 225 10.85 25.65 -33.60
C ASP A 225 11.49 24.59 -34.50
N GLY A 226 12.17 25.04 -35.55
CA GLY A 226 12.82 24.12 -36.46
C GLY A 226 14.19 23.68 -35.97
N SER A 227 14.94 24.63 -35.40
CA SER A 227 16.30 24.37 -34.94
C SER A 227 16.35 24.34 -33.41
N LEU A 228 15.31 23.79 -32.77
CA LEU A 228 15.29 23.63 -31.33
C LEU A 228 15.30 22.18 -30.87
N LEU A 229 14.61 21.29 -31.59
CA LEU A 229 14.62 19.89 -31.20
C LEU A 229 15.93 19.19 -31.53
N GLU A 230 16.73 19.77 -32.44
CA GLU A 230 18.06 19.23 -32.70
C GLU A 230 19.11 19.80 -31.76
N LYS A 231 18.83 20.94 -31.13
CA LYS A 231 19.72 21.47 -30.11
C LYS A 231 19.47 20.85 -28.75
N LEU A 232 18.26 20.35 -28.50
CA LEU A 232 17.99 19.64 -27.25
C LEU A 232 18.50 18.21 -27.31
N ASN A 233 18.51 17.60 -28.48
CA ASN A 233 19.10 16.27 -28.64
C ASN A 233 20.62 16.32 -28.66
N HIS A 234 21.21 17.49 -28.91
CA HIS A 234 22.65 17.63 -28.83
C HIS A 234 23.13 17.64 -27.39
N GLU A 235 22.29 18.13 -26.48
CA GLU A 235 22.64 18.13 -25.06
C GLU A 235 22.53 16.74 -24.46
N LEU A 236 21.51 15.98 -24.84
CA LEU A 236 21.30 14.64 -24.31
C LEU A 236 22.25 13.60 -24.89
N ALA A 237 23.00 13.95 -25.94
CA ALA A 237 23.96 13.02 -26.52
C ALA A 237 25.26 12.96 -25.74
N ALA A 238 25.45 13.82 -24.75
CA ALA A 238 26.63 13.79 -23.89
C ALA A 238 26.41 12.96 -22.63
N VAL A 239 25.41 12.07 -22.63
CA VAL A 239 25.14 11.22 -21.49
C VAL A 239 25.33 9.75 -21.88
N ILE B 13 -79.99 32.44 38.33
CA ILE B 13 -79.65 32.61 36.91
C ILE B 13 -78.35 33.39 36.77
N THR B 14 -77.36 33.04 37.60
CA THR B 14 -76.08 33.74 37.62
C THR B 14 -74.96 32.76 37.33
N GLY B 15 -74.34 32.91 36.16
CA GLY B 15 -73.19 32.12 35.79
C GLY B 15 -72.09 33.00 35.22
N THR B 16 -71.50 32.57 34.10
CA THR B 16 -70.51 33.39 33.40
C THR B 16 -70.52 32.99 31.93
N LEU B 17 -69.97 33.87 31.10
CA LEU B 17 -69.91 33.67 29.66
C LEU B 17 -68.51 33.25 29.25
N THR B 18 -68.42 32.25 28.38
CA THR B 18 -67.17 31.81 27.77
C THR B 18 -67.30 31.90 26.26
N VAL B 19 -66.20 32.24 25.60
CA VAL B 19 -66.13 32.31 24.14
C VAL B 19 -64.92 31.49 23.72
N LEU B 20 -65.16 30.23 23.31
CA LEU B 20 -64.06 29.35 22.95
C LEU B 20 -63.47 29.71 21.59
N THR B 21 -64.31 29.98 20.62
CA THR B 21 -63.92 30.60 19.36
C THR B 21 -64.30 32.07 19.42
N GLY B 22 -64.18 32.76 18.30
CA GLY B 22 -64.59 34.15 18.23
C GLY B 22 -66.10 34.33 18.35
N LEU B 23 -66.52 35.59 18.35
CA LEU B 23 -67.94 35.92 18.48
C LEU B 23 -68.23 37.11 17.58
N GLN B 24 -69.13 36.91 16.62
CA GLN B 24 -69.49 37.95 15.65
C GLN B 24 -70.98 38.23 15.79
N ILE B 25 -71.31 39.33 16.46
CA ILE B 25 -72.65 39.89 16.47
C ILE B 25 -72.59 41.21 15.71
N GLY B 26 -73.36 41.32 14.64
CA GLY B 26 -73.22 42.42 13.72
C GLY B 26 -73.79 43.72 14.25
N ALA B 27 -73.49 44.79 13.51
CA ALA B 27 -73.94 46.12 13.88
C ALA B 27 -74.08 46.99 12.62
N LYS B 39 -67.17 43.73 8.35
CA LYS B 39 -68.30 43.79 9.27
C LYS B 39 -67.85 44.24 10.66
N PRO B 40 -68.52 45.27 11.20
CA PRO B 40 -68.11 45.80 12.50
C PRO B 40 -68.73 45.07 13.68
N VAL B 41 -67.89 44.59 14.59
CA VAL B 41 -68.37 43.90 15.79
C VAL B 41 -68.96 44.93 16.75
N VAL B 42 -69.71 44.43 17.74
CA VAL B 42 -70.40 45.26 18.73
C VAL B 42 -69.46 46.08 19.60
N PRO B 50 -67.61 44.02 23.22
CA PRO B 50 -68.20 44.50 24.47
C PRO B 50 -69.57 43.90 24.76
N MET B 51 -70.63 44.70 24.60
CA MET B 51 -71.96 44.29 25.00
C MET B 51 -72.52 43.25 24.05
N ILE B 52 -73.10 42.19 24.60
CA ILE B 52 -73.90 41.23 23.85
C ILE B 52 -75.35 41.69 23.90
N PRO B 53 -75.98 42.02 22.77
CA PRO B 53 -77.35 42.52 22.80
C PRO B 53 -78.35 41.45 23.19
N GLY B 54 -79.42 41.89 23.85
CA GLY B 54 -80.44 40.99 24.33
C GLY B 54 -81.68 40.97 23.47
N THR B 55 -81.79 41.93 22.54
CA THR B 55 -82.90 41.93 21.60
C THR B 55 -82.81 40.79 20.60
N SER B 56 -81.60 40.31 20.28
CA SER B 56 -81.44 39.17 19.41
C SER B 56 -81.40 37.85 20.17
N LEU B 57 -81.59 37.89 21.48
CA LEU B 57 -81.69 36.67 22.28
C LEU B 57 -83.03 35.98 22.13
N LYS B 58 -84.00 36.62 21.47
CA LYS B 58 -85.22 35.97 21.06
C LYS B 58 -85.07 35.25 19.72
N GLY B 59 -83.86 35.20 19.17
CA GLY B 59 -83.67 34.60 17.85
C GLY B 59 -83.67 33.08 17.90
N LYS B 60 -82.99 32.51 18.90
CA LYS B 60 -82.93 31.06 19.02
C LYS B 60 -84.28 30.48 19.41
N VAL B 61 -85.10 31.23 20.15
CA VAL B 61 -86.42 30.79 20.54
C VAL B 61 -87.48 31.53 19.74
N LEU B 123 -58.76 43.59 22.17
CA LEU B 123 -59.89 42.72 22.45
C LEU B 123 -60.65 42.37 21.18
N THR B 124 -60.68 43.31 20.24
CA THR B 124 -61.38 43.14 18.97
C THR B 124 -60.33 42.98 17.87
N GLU B 125 -60.23 41.77 17.32
CA GLU B 125 -59.29 41.48 16.26
C GLU B 125 -60.00 41.54 14.91
N VAL B 126 -59.25 41.25 13.84
CA VAL B 126 -59.80 41.18 12.49
C VAL B 126 -59.39 39.86 11.87
N LYS B 127 -60.16 39.41 10.90
CA LYS B 127 -59.88 38.16 10.18
C LYS B 127 -59.86 38.43 8.69
N PHE B 128 -58.95 37.76 7.99
CA PHE B 128 -58.70 37.97 6.57
C PHE B 128 -59.09 36.72 5.81
N GLU B 129 -60.21 36.76 5.11
CA GLU B 129 -60.74 35.62 4.37
C GLU B 129 -60.96 36.03 2.91
N ASN B 130 -61.35 35.04 2.10
CA ASN B 130 -61.59 35.27 0.69
C ASN B 130 -62.55 34.22 0.15
N ALA B 131 -63.10 34.49 -1.03
CA ALA B 131 -63.94 33.55 -1.74
C ALA B 131 -63.28 33.21 -3.07
N ILE B 132 -63.24 31.91 -3.39
CA ILE B 132 -62.65 31.43 -4.63
C ILE B 132 -63.76 31.32 -5.68
N ASN B 133 -63.57 31.97 -6.82
CA ASN B 133 -64.54 31.89 -7.90
C ASN B 133 -64.48 30.51 -8.54
N ARG B 134 -65.64 29.89 -8.74
CA ARG B 134 -65.72 28.50 -9.15
C ARG B 134 -65.49 28.30 -10.64
N VAL B 135 -65.31 29.37 -11.41
CA VAL B 135 -65.10 29.28 -12.85
C VAL B 135 -63.72 29.81 -13.26
N THR B 136 -63.38 31.02 -12.84
CA THR B 136 -62.16 31.68 -13.27
C THR B 136 -61.06 31.66 -12.22
N ALA B 137 -61.36 31.20 -11.00
CA ALA B 137 -60.43 31.15 -9.86
C ALA B 137 -59.82 32.53 -9.55
N LYS B 138 -60.67 33.54 -9.53
CA LYS B 138 -60.27 34.91 -9.20
C LYS B 138 -60.81 35.24 -7.82
N ALA B 139 -59.92 35.40 -6.85
CA ALA B 139 -60.32 35.54 -5.46
C ALA B 139 -60.72 36.97 -5.11
N ASN B 140 -61.82 37.11 -4.39
CA ASN B 140 -62.27 38.38 -3.86
C ASN B 140 -62.22 38.32 -2.34
N LEU B 141 -61.69 39.38 -1.73
CA LEU B 141 -61.34 39.38 -0.32
C LEU B 141 -62.40 40.08 0.51
N ARG B 142 -62.37 39.83 1.82
CA ARG B 142 -63.29 40.46 2.74
C ARG B 142 -62.62 40.58 4.11
N GLN B 143 -63.31 41.27 5.02
CA GLN B 143 -62.84 41.49 6.38
C GLN B 143 -63.93 41.10 7.37
N MET B 144 -63.51 40.53 8.49
CA MET B 144 -64.44 40.18 9.55
C MET B 144 -63.78 40.44 10.90
N GLU B 145 -64.53 41.02 11.82
CA GLU B 145 -64.07 41.28 13.18
C GLU B 145 -64.83 40.40 14.16
N ARG B 146 -64.25 40.24 15.35
CA ARG B 146 -64.83 39.38 16.38
C ARG B 146 -64.27 39.79 17.73
N VAL B 147 -64.56 39.00 18.76
CA VAL B 147 -64.01 39.17 20.10
C VAL B 147 -63.11 37.97 20.37
N ILE B 148 -61.90 38.23 20.87
CA ILE B 148 -60.85 37.21 21.00
C ILE B 148 -61.22 36.19 22.05
N PRO B 149 -60.80 34.93 21.92
CA PRO B 149 -61.18 33.90 22.89
C PRO B 149 -60.41 34.02 24.20
N GLY B 150 -61.00 33.46 25.25
CA GLY B 150 -60.42 33.45 26.56
C GLY B 150 -60.82 34.58 27.47
N SER B 151 -61.24 35.71 26.90
CA SER B 151 -61.65 36.87 27.68
C SER B 151 -63.12 36.76 28.01
N GLU B 152 -63.44 36.71 29.31
CA GLU B 152 -64.83 36.58 29.74
C GLU B 152 -65.38 37.92 30.20
N ASP B 197 -75.23 24.28 18.15
CA ASP B 197 -75.96 25.52 18.45
C ASP B 197 -75.00 26.65 18.75
N TYR B 198 -75.35 27.86 18.27
CA TYR B 198 -74.49 29.02 18.41
C TYR B 198 -75.36 30.24 18.72
N LEU B 199 -74.71 31.40 18.79
CA LEU B 199 -75.38 32.68 18.80
C LEU B 199 -74.58 33.64 17.92
N GLY B 200 -75.27 34.60 17.33
CA GLY B 200 -74.63 35.55 16.45
C GLY B 200 -74.66 35.09 15.00
N GLY B 201 -73.69 35.61 14.23
CA GLY B 201 -73.63 35.36 12.82
C GLY B 201 -72.52 34.42 12.40
N SER B 202 -72.71 33.82 11.21
CA SER B 202 -71.77 32.89 10.57
C SER B 202 -71.45 31.70 11.46
N GLY B 203 -72.48 31.12 12.07
CA GLY B 203 -72.27 30.06 13.04
C GLY B 203 -71.88 28.73 12.41
N THR B 204 -72.27 28.49 11.17
CA THR B 204 -71.98 27.22 10.53
C THR B 204 -70.52 27.08 10.16
N ARG B 205 -69.77 28.17 10.09
CA ARG B 205 -68.34 28.13 9.76
C ARG B 205 -67.55 28.81 10.87
N GLY B 206 -67.29 28.05 11.94
CA GLY B 206 -66.37 28.43 13.00
C GLY B 206 -66.58 29.73 13.76
N TYR B 207 -67.77 29.93 14.31
CA TYR B 207 -68.05 31.14 15.07
C TYR B 207 -69.14 30.87 16.10
N GLY B 208 -69.22 31.76 17.09
CA GLY B 208 -70.33 31.77 18.02
C GLY B 208 -70.39 30.61 18.99
N GLN B 209 -69.27 29.98 19.29
CA GLN B 209 -69.26 28.84 20.21
C GLN B 209 -69.11 29.32 21.64
N VAL B 210 -70.16 29.11 22.44
CA VAL B 210 -70.19 29.51 23.84
C VAL B 210 -70.52 28.32 24.71
N LYS B 211 -70.08 28.37 25.96
CA LYS B 211 -70.40 27.37 26.97
C LYS B 211 -70.54 28.06 28.31
N PHE B 212 -71.75 28.08 28.85
CA PHE B 212 -71.98 28.68 30.16
C PHE B 212 -71.42 27.82 31.29
N MET C 4 59.29 -4.66 3.30
CA MET C 4 58.55 -5.06 4.49
C MET C 4 57.52 -4.02 4.88
N ASN C 5 57.08 -4.07 6.13
CA ASN C 5 56.15 -3.08 6.67
C ASN C 5 56.47 -2.86 8.13
N THR C 6 55.92 -1.79 8.69
CA THR C 6 56.28 -1.40 10.05
C THR C 6 55.48 -2.17 11.09
N TYR C 7 54.57 -3.05 10.68
CA TYR C 7 53.90 -3.95 11.60
C TYR C 7 53.78 -5.37 11.07
N LEU C 8 54.12 -5.61 9.80
CA LEU C 8 54.07 -6.92 9.17
C LEU C 8 55.46 -7.26 8.66
N LYS C 9 56.08 -8.31 9.21
CA LYS C 9 57.46 -8.64 8.90
C LYS C 9 57.51 -9.91 8.07
N PRO C 10 57.90 -9.85 6.80
CA PRO C 10 58.02 -11.07 5.99
C PRO C 10 59.39 -11.72 6.13
N PHE C 11 59.49 -12.92 5.56
CA PHE C 11 60.75 -13.67 5.49
C PHE C 11 60.85 -14.26 4.09
N GLU C 12 61.87 -15.11 3.90
CA GLU C 12 62.06 -15.80 2.62
C GLU C 12 62.50 -17.22 2.93
N LEU C 13 61.58 -18.17 2.79
CA LEU C 13 61.84 -19.58 3.08
C LEU C 13 62.19 -20.29 1.79
N THR C 14 63.45 -20.74 1.69
CA THR C 14 63.93 -21.47 0.53
C THR C 14 64.18 -22.91 0.91
N LEU C 15 63.67 -23.83 0.09
CA LEU C 15 63.77 -25.26 0.35
C LEU C 15 64.50 -25.93 -0.80
N ARG C 16 65.65 -26.53 -0.52
CA ARG C 16 66.42 -27.27 -1.51
C ARG C 16 66.28 -28.76 -1.24
N CYS C 17 65.76 -29.50 -2.20
CA CYS C 17 65.47 -30.92 -2.00
C CYS C 17 66.73 -31.76 -2.19
N LEU C 18 67.03 -32.59 -1.21
CA LEU C 18 68.15 -33.52 -1.29
C LEU C 18 67.74 -34.86 -1.86
N GLY C 19 66.50 -35.27 -1.64
CA GLY C 19 65.95 -36.43 -2.28
C GLY C 19 64.74 -36.05 -3.10
N PRO C 20 64.04 -37.03 -3.65
CA PRO C 20 62.80 -36.73 -4.38
C PRO C 20 61.68 -36.35 -3.43
N VAL C 21 60.84 -35.43 -3.90
CA VAL C 21 59.71 -34.91 -3.13
C VAL C 21 58.43 -35.26 -3.86
N PHE C 22 57.48 -35.88 -3.16
CA PHE C 22 56.21 -36.28 -3.76
C PHE C 22 55.08 -35.72 -2.93
N ILE C 23 54.34 -34.77 -3.51
CA ILE C 23 53.12 -34.24 -2.93
C ILE C 23 51.98 -34.69 -3.81
N GLY C 24 51.17 -35.62 -3.31
CA GLY C 24 50.15 -36.25 -4.13
C GLY C 24 48.97 -35.35 -4.41
N SER C 25 48.29 -35.65 -5.51
CA SER C 25 47.12 -34.90 -5.93
C SER C 25 45.82 -35.67 -5.80
N GLY C 26 45.88 -36.97 -5.50
CA GLY C 26 44.70 -37.79 -5.58
C GLY C 26 44.44 -38.37 -6.95
N GLU C 27 45.46 -38.40 -7.81
CA GLU C 27 45.35 -38.86 -9.19
C GLU C 27 46.31 -40.00 -9.41
N LYS C 28 45.82 -41.08 -10.03
CA LYS C 28 46.63 -42.26 -10.31
C LYS C 28 46.35 -42.69 -11.74
N ARG C 29 47.43 -42.82 -12.53
CA ARG C 29 47.32 -43.12 -13.95
C ARG C 29 47.59 -44.59 -14.23
N THR C 30 46.77 -45.18 -15.08
CA THR C 30 46.91 -46.58 -15.46
C THR C 30 47.82 -46.72 -16.66
N SER C 31 48.20 -47.96 -16.96
CA SER C 31 49.15 -48.24 -18.03
C SER C 31 48.57 -48.06 -19.43
N LYS C 32 47.27 -47.82 -19.56
CA LYS C 32 46.64 -47.59 -20.85
C LYS C 32 46.58 -46.10 -21.22
N GLU C 33 47.43 -45.28 -20.60
CA GLU C 33 47.54 -43.87 -20.93
C GLU C 33 48.93 -43.46 -21.39
N TYR C 34 49.97 -44.06 -20.82
CA TYR C 34 51.35 -43.80 -21.19
C TYR C 34 51.96 -45.06 -21.80
N HIS C 35 53.09 -44.87 -22.48
CA HIS C 35 53.92 -46.00 -22.90
C HIS C 35 55.36 -45.54 -22.91
N VAL C 36 56.26 -46.44 -22.48
CA VAL C 36 57.65 -46.08 -22.29
C VAL C 36 58.41 -46.17 -23.61
N GLU C 37 59.60 -45.55 -23.64
CA GLU C 37 60.54 -45.67 -24.75
C GLU C 37 61.94 -45.71 -24.12
N GLY C 38 62.43 -46.92 -23.86
CA GLY C 38 63.69 -47.08 -23.17
C GLY C 38 63.54 -46.83 -21.68
N ASP C 39 64.08 -45.72 -21.21
CA ASP C 39 63.86 -45.26 -19.84
C ASP C 39 62.82 -44.17 -19.74
N ARG C 40 62.74 -43.28 -20.73
CA ARG C 40 61.80 -42.16 -20.68
C ARG C 40 60.39 -42.63 -21.04
N VAL C 41 59.42 -42.19 -20.23
CA VAL C 41 58.01 -42.54 -20.41
C VAL C 41 57.27 -41.30 -20.88
N TYR C 42 56.50 -41.45 -21.96
CA TYR C 42 55.81 -40.34 -22.59
C TYR C 42 54.36 -40.27 -22.11
N PHE C 43 53.93 -39.07 -21.73
CA PHE C 43 52.55 -38.80 -21.30
C PHE C 43 51.87 -37.91 -22.33
N PRO C 44 51.17 -38.47 -23.31
CA PRO C 44 50.46 -37.64 -24.30
C PRO C 44 49.22 -37.00 -23.72
N ASP C 45 48.69 -36.04 -24.45
CA ASP C 45 47.39 -35.46 -24.13
C ASP C 45 46.29 -36.43 -24.48
N MET C 46 45.33 -36.59 -23.57
CA MET C 46 44.34 -37.66 -23.71
C MET C 46 43.32 -37.35 -24.80
N GLU C 47 43.04 -36.07 -25.08
CA GLU C 47 42.06 -35.71 -26.08
C GLU C 47 42.68 -35.49 -27.47
N LEU C 48 43.97 -35.18 -27.54
CA LEU C 48 44.59 -34.95 -28.84
C LEU C 48 44.90 -36.24 -29.58
N LEU C 49 45.21 -37.31 -28.85
CA LEU C 49 45.37 -38.61 -29.50
C LEU C 49 44.05 -39.28 -29.81
N TYR C 50 42.94 -38.74 -29.29
CA TYR C 50 41.61 -39.25 -29.62
C TYR C 50 40.99 -38.52 -30.81
N ALA C 51 41.32 -37.24 -30.99
CA ALA C 51 40.67 -36.45 -32.04
C ALA C 51 41.19 -36.84 -33.42
N ASP C 52 42.50 -37.09 -33.54
CA ASP C 52 43.06 -37.46 -34.84
C ASP C 52 42.72 -38.88 -35.25
N ILE C 53 42.40 -39.75 -34.30
CA ILE C 53 41.96 -41.11 -34.61
C ILE C 53 40.59 -41.05 -35.27
N PRO C 54 40.39 -41.72 -36.41
CA PRO C 54 39.09 -41.65 -37.09
C PRO C 54 38.00 -42.40 -36.33
N ALA C 55 36.76 -42.16 -36.76
CA ALA C 55 35.60 -42.59 -35.99
C ALA C 55 35.33 -44.09 -36.06
N HIS C 56 35.92 -44.80 -37.02
CA HIS C 56 35.66 -46.23 -37.14
C HIS C 56 36.41 -47.05 -36.09
N LYS C 57 37.48 -46.51 -35.50
CA LYS C 57 38.22 -47.18 -34.45
C LYS C 57 38.00 -46.57 -33.08
N ARG C 58 37.14 -45.56 -32.97
CA ARG C 58 36.90 -44.95 -31.67
C ARG C 58 36.04 -45.84 -30.77
N LYS C 59 35.23 -46.72 -31.35
CA LYS C 59 34.48 -47.67 -30.53
C LYS C 59 35.38 -48.75 -29.97
N SER C 60 36.52 -49.00 -30.60
CA SER C 60 37.50 -49.94 -30.05
C SER C 60 38.39 -49.28 -29.02
N PHE C 61 38.70 -47.99 -29.20
CA PHE C 61 39.50 -47.26 -28.23
C PHE C 61 38.75 -47.00 -26.93
N GLU C 62 37.42 -46.89 -27.01
CA GLU C 62 36.61 -46.75 -25.80
C GLU C 62 36.51 -48.08 -25.07
N ALA C 63 36.50 -49.20 -25.79
CA ALA C 63 36.43 -50.52 -25.18
C ALA C 63 37.80 -51.04 -24.75
N PHE C 64 38.88 -50.31 -25.07
CA PHE C 64 40.20 -50.70 -24.63
C PHE C 64 40.60 -50.00 -23.33
N VAL C 65 40.33 -48.70 -23.21
CA VAL C 65 40.61 -47.98 -21.98
C VAL C 65 39.70 -48.48 -20.86
N MET C 66 38.39 -48.52 -21.12
CA MET C 66 37.46 -49.18 -20.21
C MET C 66 37.65 -50.68 -20.38
N ASN C 67 38.45 -51.28 -19.50
CA ASN C 67 38.87 -52.66 -19.65
C ASN C 67 37.72 -53.60 -19.32
N THR C 68 37.02 -54.05 -20.36
CA THR C 68 35.94 -55.02 -20.21
C THR C 68 36.40 -56.43 -20.56
N ASP C 69 36.92 -56.63 -21.77
CA ASP C 69 37.42 -57.93 -22.20
C ASP C 69 38.66 -57.69 -23.06
N GLY C 70 39.28 -58.80 -23.49
CA GLY C 70 40.50 -58.70 -24.27
C GLY C 70 41.72 -58.64 -23.37
N ALA C 71 42.23 -57.44 -23.14
CA ALA C 71 43.34 -57.26 -22.22
C ALA C 71 42.88 -57.50 -20.79
N GLN C 72 43.81 -57.93 -19.94
CA GLN C 72 43.53 -58.27 -18.55
C GLN C 72 43.91 -57.14 -17.60
N ALA C 73 43.66 -55.89 -18.01
CA ALA C 73 43.89 -54.66 -17.25
C ALA C 73 45.36 -54.48 -16.87
N THR C 74 46.28 -55.04 -17.63
CA THR C 74 47.72 -54.87 -17.41
C THR C 74 48.46 -54.52 -18.69
N ALA C 75 47.78 -54.45 -19.82
CA ALA C 75 48.43 -54.20 -21.10
C ALA C 75 48.73 -52.70 -21.25
N PRO C 76 49.87 -52.35 -21.83
CA PRO C 76 50.20 -50.93 -22.04
C PRO C 76 49.46 -50.37 -23.25
N LEU C 77 49.78 -49.13 -23.58
CA LEU C 77 49.21 -48.50 -24.78
C LEU C 77 49.76 -49.12 -26.05
N LYS C 78 51.01 -49.63 -26.01
CA LYS C 78 51.62 -50.24 -27.18
C LYS C 78 51.03 -51.60 -27.50
N GLU C 79 50.22 -52.17 -26.63
CA GLU C 79 49.51 -53.41 -26.95
C GLU C 79 48.45 -53.16 -28.03
N TRP C 80 47.75 -52.03 -27.95
CA TRP C 80 46.63 -51.75 -28.83
C TRP C 80 47.02 -50.91 -30.05
N VAL C 81 48.05 -50.08 -29.92
CA VAL C 81 48.38 -49.13 -30.99
C VAL C 81 49.42 -49.66 -31.98
N GLU C 82 50.07 -50.77 -31.68
CA GLU C 82 51.11 -51.31 -32.56
C GLU C 82 50.59 -52.02 -33.82
N PRO C 83 49.49 -52.86 -33.79
CA PRO C 83 48.98 -53.38 -35.08
C PRO C 83 48.46 -52.33 -36.03
N ASN C 84 47.51 -51.52 -35.58
CA ASN C 84 46.98 -50.40 -36.37
C ASN C 84 47.78 -49.18 -35.97
N ALA C 85 48.84 -48.89 -36.74
CA ALA C 85 49.92 -48.00 -36.32
C ALA C 85 49.45 -46.55 -36.35
N VAL C 86 49.01 -46.06 -35.20
CA VAL C 86 48.83 -44.63 -34.97
C VAL C 86 50.10 -44.13 -34.28
N LYS C 87 50.86 -43.30 -34.99
CA LYS C 87 52.18 -42.90 -34.51
C LYS C 87 52.06 -41.91 -33.37
N LEU C 88 52.64 -42.25 -32.22
CA LEU C 88 52.65 -41.36 -31.06
C LEU C 88 53.68 -40.27 -31.30
N ASP C 89 53.24 -39.20 -31.94
CA ASP C 89 54.08 -38.07 -32.31
C ASP C 89 54.06 -37.02 -31.21
N PRO C 90 55.22 -36.60 -30.69
CA PRO C 90 55.23 -35.55 -29.66
C PRO C 90 54.87 -34.15 -30.15
N ALA C 91 54.65 -33.95 -31.45
CA ALA C 91 54.22 -32.68 -31.98
C ALA C 91 52.72 -32.58 -32.17
N LYS C 92 52.07 -33.68 -32.58
CA LYS C 92 50.62 -33.67 -32.75
C LYS C 92 49.90 -33.79 -31.42
N HIS C 93 50.58 -34.33 -30.40
CA HIS C 93 50.00 -34.52 -29.07
C HIS C 93 50.94 -33.85 -28.07
N ARG C 94 50.68 -32.58 -27.77
CA ARG C 94 51.59 -31.75 -26.97
C ARG C 94 51.46 -32.16 -25.50
N GLY C 95 52.19 -33.22 -25.14
CA GLY C 95 52.26 -33.66 -23.77
C GLY C 95 53.61 -33.35 -23.16
N TYR C 96 54.16 -34.30 -22.39
CA TYR C 96 55.50 -34.15 -21.84
C TYR C 96 56.10 -35.52 -21.61
N GLU C 97 57.41 -35.63 -21.85
CA GLU C 97 58.14 -36.88 -21.68
C GLU C 97 59.19 -36.70 -20.61
N VAL C 98 59.38 -37.73 -19.78
CA VAL C 98 60.27 -37.64 -18.64
C VAL C 98 60.76 -39.05 -18.28
N LYS C 99 61.84 -39.11 -17.50
CA LYS C 99 62.62 -40.33 -17.31
C LYS C 99 62.19 -41.10 -16.07
N ILE C 100 62.78 -42.29 -15.93
CA ILE C 100 62.50 -43.21 -14.84
C ILE C 100 63.76 -43.38 -14.00
N GLY C 101 63.61 -43.26 -12.68
CA GLY C 101 64.72 -43.44 -11.76
C GLY C 101 65.34 -44.83 -11.75
N SER C 102 64.60 -45.84 -11.31
CA SER C 102 65.15 -47.19 -11.20
C SER C 102 64.00 -48.20 -11.19
N ILE C 103 64.37 -49.47 -11.32
CA ILE C 103 63.44 -50.58 -11.18
C ILE C 103 64.17 -51.80 -10.63
N GLU C 104 63.73 -52.32 -9.50
CA GLU C 104 64.39 -53.42 -8.82
C GLU C 104 63.35 -54.43 -8.36
N PRO C 105 63.71 -55.72 -8.31
CA PRO C 105 62.76 -56.74 -7.82
C PRO C 105 62.83 -56.91 -6.31
N ARG C 106 62.04 -57.85 -5.79
CA ARG C 106 62.01 -58.13 -4.36
C ARG C 106 63.07 -59.18 -4.01
N ARG C 107 63.06 -59.65 -2.76
CA ARG C 107 64.05 -60.60 -2.26
C ARG C 107 63.33 -61.87 -1.84
N ALA C 108 63.55 -62.96 -2.61
CA ALA C 108 63.14 -64.32 -2.29
C ALA C 108 61.62 -64.48 -2.12
N SER C 109 60.84 -63.63 -2.78
CA SER C 109 59.39 -63.69 -2.70
C SER C 109 58.89 -64.56 -3.85
N ARG C 110 58.41 -65.76 -3.53
CA ARG C 110 57.93 -66.69 -4.55
C ARG C 110 56.53 -67.17 -4.23
N MET C 116 64.95 -69.93 -6.17
CA MET C 116 64.10 -68.76 -6.00
C MET C 116 63.49 -68.33 -7.33
N THR C 117 62.26 -67.81 -7.26
CA THR C 117 61.58 -67.32 -8.46
C THR C 117 61.97 -65.87 -8.68
N ARG C 118 62.65 -65.60 -9.79
CA ARG C 118 63.12 -64.25 -10.11
C ARG C 118 62.03 -63.54 -10.91
N LYS C 119 61.06 -63.00 -10.18
CA LYS C 119 59.99 -62.23 -10.80
C LYS C 119 60.48 -60.84 -11.17
N LYS C 120 59.96 -60.31 -12.28
CA LYS C 120 60.33 -58.99 -12.78
C LYS C 120 59.06 -58.18 -12.98
N LEU C 121 58.92 -57.11 -12.21
CA LEU C 121 57.73 -56.28 -12.23
C LEU C 121 57.83 -55.18 -13.27
N THR C 122 56.70 -54.56 -13.59
CA THR C 122 56.64 -53.45 -14.53
C THR C 122 55.95 -52.26 -13.90
N LEU C 123 55.73 -51.21 -14.69
CA LEU C 123 55.10 -49.97 -14.22
C LEU C 123 53.62 -50.03 -14.55
N ASN C 124 52.84 -50.59 -13.62
CA ASN C 124 51.41 -50.74 -13.85
C ASN C 124 50.64 -49.47 -13.49
N GLU C 125 51.05 -48.79 -12.42
CA GLU C 125 50.36 -47.60 -11.94
C GLU C 125 51.39 -46.54 -11.56
N ILE C 126 51.02 -45.28 -11.79
CA ILE C 126 51.87 -44.14 -11.49
C ILE C 126 51.02 -43.07 -10.80
N HIS C 127 51.44 -42.65 -9.61
CA HIS C 127 50.78 -41.58 -8.89
C HIS C 127 51.35 -40.24 -9.35
N ALA C 128 50.49 -39.23 -9.41
CA ALA C 128 50.81 -37.96 -10.06
C ALA C 128 51.06 -36.85 -9.04
N PHE C 129 52.03 -35.99 -9.37
CA PHE C 129 52.29 -34.78 -8.61
C PHE C 129 51.15 -33.79 -8.80
N ILE C 130 50.99 -32.89 -7.83
CA ILE C 130 49.93 -31.89 -7.89
C ILE C 130 50.39 -30.73 -8.78
N LYS C 131 49.53 -30.33 -9.71
CA LYS C 131 49.92 -29.41 -10.77
C LYS C 131 49.02 -28.18 -10.78
N ASP C 132 49.48 -27.16 -11.50
CA ASP C 132 48.73 -25.94 -11.70
C ASP C 132 47.55 -26.19 -12.62
N PRO C 133 46.58 -25.26 -12.69
CA PRO C 133 45.54 -25.36 -13.73
C PRO C 133 46.05 -25.24 -15.16
N LEU C 134 47.28 -24.78 -15.38
CA LEU C 134 47.86 -24.82 -16.72
C LEU C 134 48.56 -26.15 -17.00
N GLY C 135 49.22 -26.74 -16.01
CA GLY C 135 49.85 -28.03 -16.20
C GLY C 135 51.21 -28.18 -15.55
N ARG C 136 51.70 -27.12 -14.92
CA ARG C 136 53.03 -27.08 -14.32
C ARG C 136 52.96 -27.47 -12.85
N PRO C 137 53.96 -28.19 -12.33
CA PRO C 137 53.94 -28.58 -10.92
C PRO C 137 54.28 -27.41 -10.01
N TYR C 138 53.84 -27.53 -8.76
CA TYR C 138 54.07 -26.51 -7.74
C TYR C 138 53.88 -27.14 -6.37
N VAL C 139 54.21 -26.38 -5.34
CA VAL C 139 54.16 -26.84 -3.96
C VAL C 139 53.13 -26.00 -3.22
N PRO C 140 52.14 -26.61 -2.56
CA PRO C 140 51.13 -25.82 -1.86
C PRO C 140 51.68 -25.20 -0.59
N GLY C 141 51.01 -24.14 -0.14
CA GLY C 141 51.34 -23.53 1.13
C GLY C 141 50.68 -24.18 2.32
N SER C 142 49.72 -25.07 2.08
CA SER C 142 49.12 -25.85 3.16
C SER C 142 49.97 -27.03 3.56
N THR C 143 50.91 -27.43 2.71
CA THR C 143 51.79 -28.55 3.03
C THR C 143 52.99 -28.09 3.84
N VAL C 144 53.55 -26.93 3.51
CA VAL C 144 54.72 -26.42 4.22
C VAL C 144 54.33 -25.90 5.60
N LYS C 145 53.13 -25.31 5.72
CA LYS C 145 52.67 -24.87 7.04
C LYS C 145 52.33 -26.04 7.95
N GLY C 146 51.95 -27.19 7.39
CA GLY C 146 51.77 -28.38 8.19
C GLY C 146 53.07 -29.02 8.61
N MET C 147 54.17 -28.70 7.93
CA MET C 147 55.49 -29.11 8.38
C MET C 147 55.97 -28.24 9.53
N LEU C 148 55.75 -26.92 9.44
CA LEU C 148 56.13 -26.01 10.51
C LEU C 148 55.30 -26.20 11.78
N ARG C 149 54.13 -26.82 11.68
CA ARG C 149 53.35 -27.22 12.84
C ARG C 149 53.80 -28.57 13.40
N SER C 150 54.87 -29.15 12.85
CA SER C 150 55.54 -30.29 13.44
C SER C 150 56.94 -29.96 13.94
N ILE C 151 57.60 -28.94 13.38
CA ILE C 151 58.90 -28.52 13.89
C ILE C 151 58.74 -27.82 15.22
N TYR C 152 57.78 -26.89 15.32
CA TYR C 152 57.53 -26.20 16.58
C TYR C 152 56.88 -27.12 17.61
N LEU C 153 56.13 -28.12 17.15
CA LEU C 153 55.45 -29.04 18.06
C LEU C 153 56.31 -30.24 18.46
N GLN C 154 57.56 -30.30 17.98
CA GLN C 154 58.53 -31.28 18.45
C GLN C 154 59.63 -30.65 19.28
N SER C 155 60.00 -29.40 18.99
CA SER C 155 61.00 -28.68 19.77
C SER C 155 60.51 -28.40 21.18
N LEU C 156 59.20 -28.30 21.40
CA LEU C 156 58.65 -28.18 22.74
C LEU C 156 58.42 -29.52 23.41
N VAL C 157 58.72 -30.62 22.73
CA VAL C 157 58.49 -31.95 23.31
C VAL C 157 59.69 -32.88 23.20
N HIS C 158 60.69 -32.58 22.38
CA HIS C 158 61.93 -33.37 22.34
C HIS C 158 63.04 -32.74 23.17
N LYS C 159 63.04 -31.41 23.31
CA LYS C 159 64.02 -30.74 24.14
C LYS C 159 63.76 -31.04 25.62
N ARG C 160 62.61 -30.61 26.12
CA ARG C 160 62.21 -30.85 27.50
C ARG C 160 60.70 -31.05 27.55
N THR C 161 60.24 -31.67 28.63
CA THR C 161 58.82 -31.85 28.87
C THR C 161 58.61 -32.05 30.36
N ALA C 162 57.36 -31.83 30.79
CA ALA C 162 57.01 -32.07 32.19
C ALA C 162 57.07 -33.56 32.50
N GLN C 163 56.25 -34.35 31.83
CA GLN C 163 56.39 -35.79 31.81
C GLN C 163 56.83 -36.22 30.41
N PRO C 164 57.69 -37.23 30.31
CA PRO C 164 57.94 -37.85 29.00
C PRO C 164 56.67 -38.46 28.45
N VAL C 165 56.39 -38.17 27.18
CA VAL C 165 55.07 -38.40 26.61
C VAL C 165 54.82 -39.89 26.44
N ARG C 166 53.78 -40.38 27.11
CA ARG C 166 53.36 -41.77 27.02
C ARG C 166 51.93 -41.79 26.51
N VAL C 167 51.66 -42.63 25.52
CA VAL C 167 50.31 -42.73 24.97
C VAL C 167 49.48 -43.64 25.86
N PRO C 168 48.41 -43.14 26.48
CA PRO C 168 47.65 -43.97 27.41
C PRO C 168 46.57 -44.81 26.74
N GLY C 169 46.68 -46.14 26.87
CA GLY C 169 45.61 -47.03 26.47
C GLY C 169 46.03 -47.99 25.37
N HIS C 170 45.02 -48.70 24.86
CA HIS C 170 45.20 -49.67 23.79
C HIS C 170 44.31 -49.43 22.59
N GLN C 171 43.09 -48.92 22.81
CA GLN C 171 42.17 -48.67 21.71
C GLN C 171 42.60 -47.43 20.94
N THR C 172 42.24 -47.40 19.65
CA THR C 172 42.64 -46.28 18.79
C THR C 172 41.78 -45.04 19.01
N ARG C 173 40.69 -45.14 19.77
CA ARG C 173 39.85 -43.98 20.04
C ARG C 173 40.44 -43.10 21.14
N GLU C 174 41.08 -43.71 22.13
CA GLU C 174 41.80 -42.94 23.14
C GLU C 174 43.20 -42.59 22.67
N HIS C 175 43.72 -43.27 21.65
CA HIS C 175 44.92 -42.80 20.97
C HIS C 175 44.62 -41.58 20.12
N ARG C 176 43.39 -41.44 19.66
CA ARG C 176 42.99 -40.28 18.87
C ARG C 176 42.80 -39.05 19.76
N GLN C 177 42.15 -39.22 20.91
CA GLN C 177 41.80 -38.08 21.76
C GLN C 177 42.96 -37.51 22.53
N TYR C 178 44.09 -38.22 22.63
CA TYR C 178 45.25 -37.65 23.28
C TYR C 178 45.96 -36.64 22.39
N GLY C 179 45.99 -36.89 21.07
CA GLY C 179 46.69 -36.01 20.17
C GLY C 179 45.98 -34.69 19.93
N GLU C 180 44.64 -34.70 19.92
CA GLU C 180 43.87 -33.49 19.67
C GLU C 180 43.73 -32.61 20.91
N ARG C 181 44.28 -33.02 22.05
CA ARG C 181 44.30 -32.19 23.25
C ARG C 181 45.68 -31.68 23.60
N PHE C 182 46.74 -32.36 23.15
CA PHE C 182 48.08 -31.84 23.38
C PHE C 182 48.35 -30.61 22.52
N GLU C 183 47.88 -30.63 21.27
CA GLU C 183 48.01 -29.45 20.41
C GLU C 183 47.14 -28.31 20.91
N ARG C 184 45.92 -28.63 21.34
CA ARG C 184 44.97 -27.63 21.82
C ARG C 184 45.37 -27.04 23.18
N LYS C 185 46.32 -27.65 23.87
CA LYS C 185 46.87 -27.09 25.10
C LYS C 185 48.12 -26.25 24.83
N GLU C 186 48.95 -26.69 23.89
CA GLU C 186 50.23 -26.05 23.63
C GLU C 186 50.18 -24.98 22.53
N LEU C 187 49.03 -24.80 21.88
CA LEU C 187 48.93 -23.81 20.81
C LEU C 187 47.73 -22.89 20.90
N ARG C 188 46.77 -23.14 21.79
CA ARG C 188 45.63 -22.24 21.99
C ARG C 188 45.95 -21.35 23.18
N LYS C 189 46.90 -20.42 22.96
CA LYS C 189 47.42 -19.55 24.01
C LYS C 189 47.34 -18.08 23.58
N SER C 190 46.18 -17.66 23.08
CA SER C 190 46.00 -16.26 22.72
C SER C 190 45.30 -15.48 23.83
N GLY C 191 44.24 -16.04 24.40
CA GLY C 191 43.56 -15.40 25.51
C GLY C 191 42.68 -14.24 25.13
N ARG C 192 41.74 -14.47 24.22
CA ARG C 192 40.76 -13.45 23.87
C ARG C 192 39.81 -13.23 25.05
N PRO C 193 39.22 -12.02 25.18
CA PRO C 193 38.53 -11.67 26.44
C PRO C 193 37.30 -12.52 26.79
N ASN C 194 36.33 -12.67 25.90
CA ASN C 194 35.13 -13.43 26.21
C ASN C 194 34.89 -14.48 25.13
N THR C 195 35.56 -15.62 25.27
CA THR C 195 35.39 -16.78 24.40
C THR C 195 35.78 -18.03 25.17
N ARG C 196 35.56 -19.18 24.55
CA ARG C 196 36.09 -20.42 25.09
C ARG C 196 37.60 -20.45 24.90
N PRO C 197 38.36 -20.94 25.87
CA PRO C 197 39.84 -20.91 25.76
C PRO C 197 40.39 -21.90 24.75
N GLN C 198 39.61 -22.88 24.32
CA GLN C 198 40.04 -23.85 23.32
C GLN C 198 39.33 -23.63 21.98
N ASP C 199 39.01 -22.38 21.67
CA ASP C 199 38.37 -22.05 20.41
C ASP C 199 39.43 -21.80 19.34
N ALA C 200 39.01 -21.92 18.08
CA ALA C 200 39.94 -21.82 16.95
C ALA C 200 40.47 -20.41 16.75
N VAL C 201 39.80 -19.39 17.31
CA VAL C 201 40.30 -18.03 17.22
C VAL C 201 41.44 -17.76 18.20
N ASN C 202 41.72 -18.69 19.10
CA ASN C 202 42.81 -18.56 20.06
C ASN C 202 44.08 -19.28 19.63
N ASP C 203 44.08 -19.87 18.44
CA ASP C 203 45.24 -20.64 17.98
C ASP C 203 46.39 -19.71 17.61
N LEU C 204 47.60 -20.05 18.08
CA LEU C 204 48.75 -19.19 17.86
C LEU C 204 49.25 -19.23 16.42
N PHE C 205 48.83 -20.21 15.63
CA PHE C 205 49.26 -20.31 14.23
C PHE C 205 48.34 -19.58 13.27
N GLN C 206 47.63 -18.56 13.75
CA GLN C 206 46.90 -17.64 12.89
C GLN C 206 47.68 -16.37 12.60
N ALA C 207 48.90 -16.25 13.12
CA ALA C 207 49.75 -15.10 12.87
C ALA C 207 50.88 -15.42 11.91
N ILE C 208 50.86 -16.59 11.27
CA ILE C 208 51.87 -17.00 10.31
C ILE C 208 51.18 -17.27 8.99
N ARG C 209 51.58 -16.55 7.94
CA ARG C 209 50.99 -16.67 6.62
C ARG C 209 52.04 -17.26 5.68
N VAL C 210 51.82 -18.49 5.25
CA VAL C 210 52.74 -19.18 4.34
C VAL C 210 52.07 -19.26 2.98
N THR C 211 52.58 -18.49 2.03
CA THR C 211 52.01 -18.47 0.68
C THR C 211 52.45 -19.70 -0.09
N ASP C 212 51.91 -19.86 -1.30
CA ASP C 212 52.26 -20.97 -2.16
C ASP C 212 53.63 -20.73 -2.81
N SER C 213 54.10 -21.72 -3.52
CA SER C 213 55.33 -21.60 -4.28
C SER C 213 55.03 -21.16 -5.71
N PRO C 214 55.98 -20.52 -6.39
CA PRO C 214 55.80 -20.24 -7.82
C PRO C 214 55.82 -21.51 -8.64
N ALA C 215 55.28 -21.41 -9.84
CA ALA C 215 55.13 -22.57 -10.71
C ALA C 215 56.48 -22.97 -11.31
N LEU C 216 56.85 -24.24 -11.11
CA LEU C 216 58.08 -24.79 -11.68
C LEU C 216 57.81 -25.24 -13.11
N ARG C 217 58.75 -25.98 -13.69
CA ARG C 217 58.59 -26.56 -15.01
C ARG C 217 58.66 -28.07 -14.93
N THR C 218 57.94 -28.73 -15.83
CA THR C 218 57.77 -30.18 -15.80
C THR C 218 58.94 -30.93 -16.45
N SER C 219 60.04 -30.25 -16.76
CA SER C 219 61.17 -30.90 -17.40
C SER C 219 61.93 -31.81 -16.44
N ASP C 220 61.75 -31.65 -15.13
CA ASP C 220 62.48 -32.42 -14.13
C ASP C 220 61.47 -32.98 -13.11
N LEU C 221 60.86 -34.12 -13.45
CA LEU C 221 60.00 -34.86 -12.53
C LEU C 221 60.15 -36.35 -12.87
N LEU C 222 61.09 -37.03 -12.24
CA LEU C 222 61.33 -38.42 -12.59
C LEU C 222 60.42 -39.36 -11.80
N ILE C 223 60.43 -40.64 -12.18
CA ILE C 223 59.57 -41.65 -11.59
C ILE C 223 60.42 -42.53 -10.70
N CYS C 224 60.02 -42.68 -9.44
CA CYS C 224 60.76 -43.45 -8.45
C CYS C 224 60.04 -44.77 -8.16
N GLN C 225 60.59 -45.52 -7.21
CA GLN C 225 59.97 -46.73 -6.70
C GLN C 225 60.27 -46.84 -5.21
N LYS C 226 59.26 -47.26 -4.44
CA LYS C 226 59.40 -47.36 -3.00
C LYS C 226 60.19 -48.62 -2.66
N MET C 227 61.41 -48.45 -2.15
CA MET C 227 62.27 -49.55 -1.74
C MET C 227 62.40 -49.52 -0.22
N ASP C 228 62.09 -50.64 0.43
CA ASP C 228 62.05 -50.73 1.88
C ASP C 228 63.25 -51.53 2.36
N MET C 229 64.30 -50.83 2.76
CA MET C 229 65.45 -51.50 3.38
C MET C 229 65.11 -51.92 4.80
N ASN C 230 65.85 -52.91 5.30
CA ASN C 230 65.66 -53.39 6.66
C ASN C 230 66.98 -53.34 7.42
N VAL C 231 67.02 -53.96 8.60
CA VAL C 231 68.24 -53.94 9.42
C VAL C 231 69.36 -54.77 8.80
N HIS C 232 69.04 -55.71 7.92
CA HIS C 232 70.05 -56.44 7.17
C HIS C 232 70.54 -55.67 5.95
N GLY C 233 69.79 -54.66 5.51
CA GLY C 233 70.20 -53.86 4.36
C GLY C 233 69.81 -54.44 3.02
N LYS C 234 68.60 -54.98 2.92
CA LYS C 234 68.13 -55.65 1.70
C LYS C 234 66.77 -55.09 1.31
N PRO C 235 66.73 -54.12 0.40
CA PRO C 235 65.45 -53.55 0.00
C PRO C 235 64.69 -54.45 -0.99
N ASP C 236 63.39 -54.18 -1.09
CA ASP C 236 62.52 -54.83 -2.04
C ASP C 236 61.75 -53.78 -2.82
N GLY C 237 61.49 -54.06 -4.09
CA GLY C 237 60.77 -53.11 -4.92
C GLY C 237 59.27 -53.30 -4.90
N LEU C 238 58.58 -52.47 -4.12
CA LEU C 238 57.13 -52.53 -4.06
C LEU C 238 56.53 -51.95 -5.34
N PRO C 239 55.31 -52.37 -5.70
CA PRO C 239 54.64 -51.72 -6.86
C PRO C 239 54.00 -50.39 -6.48
N LEU C 240 54.84 -49.40 -6.21
CA LEU C 240 54.41 -48.06 -5.81
C LEU C 240 55.19 -47.01 -6.60
N PHE C 241 55.22 -47.19 -7.92
CA PHE C 241 55.83 -46.18 -8.78
C PHE C 241 55.00 -44.90 -8.77
N ARG C 242 55.68 -43.77 -8.63
CA ARG C 242 55.00 -42.50 -8.47
C ARG C 242 55.87 -41.39 -9.05
N GLU C 243 55.23 -40.38 -9.64
CA GLU C 243 55.93 -39.27 -10.26
C GLU C 243 56.41 -38.32 -9.17
N CYS C 244 57.71 -38.38 -8.87
CA CYS C 244 58.31 -37.58 -7.83
C CYS C 244 59.07 -36.40 -8.45
N LEU C 245 59.76 -35.64 -7.62
CA LEU C 245 60.68 -34.62 -8.09
C LEU C 245 62.08 -35.22 -8.21
N ALA C 246 63.08 -34.39 -8.42
CA ALA C 246 64.46 -34.84 -8.49
C ALA C 246 65.35 -33.91 -7.67
N PRO C 247 66.43 -34.42 -7.08
CA PRO C 247 67.32 -33.56 -6.26
C PRO C 247 68.04 -32.53 -7.11
N GLY C 248 67.82 -31.27 -6.79
CA GLY C 248 68.44 -30.19 -7.52
C GLY C 248 67.53 -29.00 -7.74
N THR C 249 66.23 -29.18 -7.48
CA THR C 249 65.25 -28.12 -7.64
C THR C 249 65.18 -27.26 -6.40
N SER C 250 65.04 -25.96 -6.58
CA SER C 250 64.96 -25.00 -5.49
C SER C 250 63.54 -24.48 -5.40
N ILE C 251 62.92 -24.64 -4.23
CA ILE C 251 61.57 -24.18 -3.97
C ILE C 251 61.66 -23.02 -2.99
N SER C 252 61.02 -21.91 -3.33
CA SER C 252 61.14 -20.66 -2.57
C SER C 252 59.75 -20.16 -2.19
N HIS C 253 59.43 -20.24 -0.91
CA HIS C 253 58.16 -19.73 -0.39
C HIS C 253 58.38 -18.38 0.30
N ARG C 254 57.27 -17.74 0.66
CA ARG C 254 57.29 -16.51 1.43
C ARG C 254 56.49 -16.72 2.71
N VAL C 255 57.10 -16.41 3.84
CA VAL C 255 56.45 -16.47 5.14
C VAL C 255 56.34 -15.07 5.70
N VAL C 256 55.17 -14.71 6.20
CA VAL C 256 54.90 -13.40 6.75
C VAL C 256 54.43 -13.56 8.19
N VAL C 257 55.09 -12.88 9.12
CA VAL C 257 54.69 -12.89 10.52
C VAL C 257 53.97 -11.58 10.82
N ASP C 258 53.19 -11.58 11.89
CA ASP C 258 52.36 -10.45 12.28
C ASP C 258 52.73 -10.03 13.70
N THR C 259 53.20 -8.79 13.85
CA THR C 259 53.73 -8.30 15.11
C THR C 259 52.69 -7.50 15.91
N SER C 260 51.42 -7.80 15.74
CA SER C 260 50.39 -7.26 16.60
C SER C 260 50.49 -7.91 17.98
N PRO C 261 49.99 -7.26 19.02
CA PRO C 261 50.05 -7.86 20.37
C PRO C 261 49.17 -9.10 20.48
N THR C 262 49.46 -9.90 21.49
CA THR C 262 48.67 -11.09 21.77
C THR C 262 47.29 -10.68 22.27
N ALA C 263 46.29 -11.53 21.99
CA ALA C 263 44.84 -11.38 22.17
C ALA C 263 44.23 -10.35 21.23
N ARG C 264 45.04 -9.71 20.40
CA ARG C 264 44.59 -8.97 19.24
C ARG C 264 44.70 -9.79 17.97
N GLY C 265 45.17 -11.03 18.08
CA GLY C 265 45.44 -11.86 16.93
C GLY C 265 46.85 -11.69 16.42
N GLY C 266 47.84 -11.81 17.31
CA GLY C 266 49.23 -11.69 16.95
C GLY C 266 50.10 -12.66 17.72
N TRP C 267 51.36 -12.71 17.34
CA TRP C 267 52.33 -13.61 17.98
C TRP C 267 53.71 -12.97 17.84
N ARG C 268 54.17 -12.31 18.91
CA ARG C 268 55.46 -11.64 18.87
C ARG C 268 56.62 -12.63 18.95
N GLU C 269 56.40 -13.83 19.47
CA GLU C 269 57.46 -14.81 19.65
C GLU C 269 57.53 -15.82 18.52
N GLY C 270 56.55 -15.83 17.62
CA GLY C 270 56.71 -16.59 16.38
C GLY C 270 57.74 -15.98 15.46
N GLU C 271 57.92 -14.66 15.53
CA GLU C 271 58.99 -14.01 14.78
C GLU C 271 60.35 -14.38 15.35
N ARG C 272 60.47 -14.41 16.69
CA ARG C 272 61.70 -14.85 17.33
C ARG C 272 61.96 -16.33 17.09
N PHE C 273 60.89 -17.11 16.91
CA PHE C 273 61.06 -18.52 16.53
C PHE C 273 61.54 -18.65 15.08
N LEU C 274 61.11 -17.77 14.19
CA LEU C 274 61.48 -17.86 12.79
C LEU C 274 62.90 -17.39 12.53
N GLU C 275 63.48 -16.59 13.42
CA GLU C 275 64.88 -16.19 13.26
C GLU C 275 65.84 -17.29 13.67
N THR C 276 65.40 -18.23 14.49
CA THR C 276 66.19 -19.39 14.89
C THR C 276 65.63 -20.67 14.29
N LEU C 277 65.15 -20.57 13.04
CA LEU C 277 64.47 -21.69 12.40
C LEU C 277 65.43 -22.77 11.92
N ALA C 278 66.61 -22.40 11.41
CA ALA C 278 67.60 -23.38 11.05
C ALA C 278 68.24 -24.02 12.28
N GLU C 279 68.19 -23.35 13.42
CA GLU C 279 68.74 -23.88 14.65
C GLU C 279 67.85 -24.97 15.24
N THR C 280 66.53 -24.72 15.31
CA THR C 280 65.62 -25.73 15.84
C THR C 280 65.43 -26.88 14.86
N ALA C 281 65.66 -26.66 13.57
CA ALA C 281 65.62 -27.75 12.61
C ALA C 281 66.82 -28.67 12.75
N ALA C 282 67.95 -28.15 13.22
CA ALA C 282 69.11 -28.99 13.49
C ALA C 282 69.02 -29.67 14.84
N SER C 283 68.44 -28.99 15.84
CA SER C 283 68.31 -29.59 17.16
C SER C 283 67.25 -30.68 17.18
N VAL C 284 66.22 -30.57 16.35
CA VAL C 284 65.24 -31.64 16.23
C VAL C 284 65.76 -32.76 15.33
N ASN C 285 66.81 -32.49 14.54
CA ASN C 285 67.36 -33.52 13.68
C ASN C 285 68.22 -34.50 14.48
N GLN C 286 69.03 -33.98 15.40
CA GLN C 286 69.94 -34.81 16.17
C GLN C 286 69.21 -35.62 17.25
N ALA C 287 67.98 -35.25 17.60
CA ALA C 287 67.28 -35.88 18.70
C ALA C 287 66.17 -36.82 18.26
N ARG C 288 65.70 -36.73 17.02
CA ARG C 288 64.56 -37.54 16.61
C ARG C 288 64.95 -38.67 15.66
N TYR C 289 65.65 -38.35 14.57
CA TYR C 289 65.96 -39.36 13.56
C TYR C 289 67.41 -39.35 13.10
N ALA C 290 68.35 -38.87 13.91
CA ALA C 290 69.76 -39.08 13.57
C ALA C 290 70.27 -40.39 14.16
N GLU C 291 69.76 -40.77 15.33
CA GLU C 291 70.14 -42.04 15.95
C GLU C 291 69.37 -43.21 15.36
N TYR C 292 68.15 -42.96 14.85
CA TYR C 292 67.38 -43.99 14.18
C TYR C 292 67.96 -44.29 12.80
N ARG C 293 68.46 -43.26 12.13
CA ARG C 293 69.06 -43.42 10.81
C ARG C 293 70.41 -44.13 10.88
N ALA C 294 71.12 -44.05 12.00
CA ALA C 294 72.43 -44.67 12.13
C ALA C 294 72.35 -46.16 12.44
N MET C 295 71.17 -46.69 12.76
CA MET C 295 71.04 -48.12 13.03
C MET C 295 71.17 -48.93 11.75
N TYR C 296 70.52 -48.49 10.68
CA TYR C 296 70.53 -49.25 9.43
C TYR C 296 71.89 -49.12 8.74
N PRO C 297 72.47 -50.22 8.27
CA PRO C 297 73.81 -50.14 7.66
C PRO C 297 73.77 -49.54 6.27
N GLY C 298 74.91 -49.01 5.86
CA GLY C 298 75.03 -48.36 4.58
C GLY C 298 74.46 -46.96 4.49
N VAL C 299 73.98 -46.42 5.60
CA VAL C 299 73.38 -45.08 5.63
C VAL C 299 74.32 -44.18 6.43
N ASN C 300 74.75 -43.08 5.81
CA ASN C 300 75.69 -42.16 6.43
C ASN C 300 74.94 -40.99 7.05
N ALA C 301 75.22 -40.74 8.33
CA ALA C 301 74.50 -39.72 9.08
C ALA C 301 74.96 -38.32 8.70
N ILE C 302 74.00 -37.44 8.42
CA ILE C 302 74.24 -36.03 8.17
C ILE C 302 73.71 -35.25 9.36
N VAL C 303 74.31 -34.10 9.65
CA VAL C 303 73.83 -33.28 10.75
C VAL C 303 72.73 -32.37 10.23
N GLY C 304 73.09 -31.40 9.37
CA GLY C 304 72.15 -30.67 8.55
C GLY C 304 71.15 -29.76 9.23
N PRO C 305 70.60 -28.82 8.46
CA PRO C 305 69.26 -28.26 8.77
C PRO C 305 68.19 -29.04 8.03
N ILE C 306 68.01 -30.30 8.44
CA ILE C 306 67.23 -31.27 7.67
C ILE C 306 65.79 -31.25 8.13
N VAL C 307 64.86 -31.12 7.17
CA VAL C 307 63.43 -31.28 7.42
C VAL C 307 62.91 -32.32 6.43
N TYR C 308 61.67 -32.76 6.66
CA TYR C 308 61.04 -33.77 5.84
C TYR C 308 59.69 -33.25 5.35
N LEU C 309 59.38 -33.51 4.09
CA LEU C 309 58.24 -32.87 3.44
C LEU C 309 57.58 -33.83 2.48
N GLY C 310 56.25 -33.93 2.55
CA GLY C 310 55.49 -34.73 1.62
C GLY C 310 55.35 -36.17 2.02
N GLY C 311 54.67 -36.93 1.16
CA GLY C 311 54.44 -38.33 1.41
C GLY C 311 55.66 -39.18 1.20
N GLY C 312 55.60 -40.40 1.71
CA GLY C 312 56.75 -41.29 1.66
C GLY C 312 57.87 -40.94 2.60
N ALA C 313 57.56 -40.24 3.70
CA ALA C 313 58.58 -39.77 4.63
C ALA C 313 58.64 -40.58 5.92
N GLY C 314 57.63 -41.40 6.21
CA GLY C 314 57.66 -42.25 7.37
C GLY C 314 56.74 -41.75 8.48
N TYR C 315 56.48 -42.65 9.44
CA TYR C 315 55.63 -42.33 10.58
C TYR C 315 56.31 -41.35 11.53
N ARG C 316 57.64 -41.37 11.59
CA ARG C 316 58.36 -40.57 12.58
C ARG C 316 58.31 -39.08 12.26
N SER C 317 58.18 -38.72 10.99
CA SER C 317 58.21 -37.32 10.60
C SER C 317 56.88 -36.60 10.82
N LYS C 318 55.79 -37.34 11.02
CA LYS C 318 54.45 -36.73 11.09
C LYS C 318 53.86 -36.81 12.49
N THR C 319 54.67 -37.07 13.51
CA THR C 319 54.19 -37.18 14.89
C THR C 319 55.07 -36.38 15.83
N PHE C 320 54.84 -36.50 17.14
CA PHE C 320 55.84 -36.06 18.11
C PHE C 320 56.07 -37.10 19.20
N VAL C 321 55.92 -38.38 18.85
CA VAL C 321 56.18 -39.45 19.81
C VAL C 321 57.68 -39.71 19.87
N THR C 322 58.19 -39.94 21.09
CA THR C 322 59.63 -40.02 21.31
C THR C 322 60.13 -41.46 21.42
N ASP C 323 59.53 -42.26 22.29
CA ASP C 323 60.04 -43.60 22.57
C ASP C 323 59.69 -44.54 21.43
N GLN C 324 60.61 -45.47 21.14
CA GLN C 324 60.44 -46.40 20.02
C GLN C 324 59.36 -47.43 20.33
N ASP C 325 59.28 -47.90 21.57
CA ASP C 325 58.22 -48.82 21.96
C ASP C 325 56.88 -48.11 22.14
N ASP C 326 56.90 -46.78 22.30
CA ASP C 326 55.67 -46.02 22.32
C ASP C 326 55.03 -45.95 20.94
N MET C 327 55.84 -46.02 19.87
CA MET C 327 55.31 -45.95 18.52
C MET C 327 54.68 -47.26 18.08
N ALA C 328 54.98 -48.35 18.77
CA ALA C 328 54.52 -49.66 18.30
C ALA C 328 53.11 -49.99 18.76
N LYS C 329 52.70 -49.50 19.93
CA LYS C 329 51.36 -49.78 20.42
C LYS C 329 50.30 -49.04 19.61
N VAL C 330 50.60 -47.82 19.18
CA VAL C 330 49.67 -47.07 18.36
C VAL C 330 49.62 -47.60 16.93
N LEU C 331 50.73 -48.16 16.42
CA LEU C 331 50.71 -48.80 15.11
C LEU C 331 50.05 -50.16 15.14
N ASP C 332 50.00 -50.82 16.30
CA ASP C 332 49.29 -52.07 16.46
C ASP C 332 47.84 -51.88 16.89
N ALA C 333 47.39 -50.63 17.01
CA ALA C 333 45.99 -50.34 17.28
C ALA C 333 45.19 -50.11 16.01
N GLN C 334 45.86 -49.99 14.86
CA GLN C 334 45.22 -49.89 13.56
C GLN C 334 45.63 -51.02 12.62
N PHE C 335 46.85 -51.53 12.76
CA PHE C 335 47.27 -52.74 12.06
C PHE C 335 47.55 -53.82 13.11
N GLY C 336 48.07 -54.97 12.69
CA GLY C 336 48.45 -55.97 13.67
C GLY C 336 48.08 -57.39 13.28
N LYS C 337 47.01 -57.55 12.51
CA LYS C 337 46.66 -58.89 12.02
C LYS C 337 47.47 -59.29 10.80
N VAL C 338 48.20 -58.35 10.20
CA VAL C 338 49.08 -58.68 9.08
C VAL C 338 50.47 -59.04 9.59
N VAL C 339 51.14 -58.10 10.26
CA VAL C 339 52.49 -58.29 10.76
C VAL C 339 52.51 -57.82 12.22
N LYS C 340 52.97 -58.68 13.12
CA LYS C 340 53.06 -58.34 14.53
C LYS C 340 54.23 -57.39 14.76
N HIS C 341 53.93 -56.17 15.21
CA HIS C 341 54.95 -55.14 15.42
C HIS C 341 55.46 -55.07 16.85
N VAL C 342 54.66 -55.50 17.83
CA VAL C 342 55.04 -55.35 19.24
C VAL C 342 56.21 -56.26 19.59
N ASP C 343 56.19 -57.51 19.14
CA ASP C 343 57.28 -58.43 19.44
C ASP C 343 58.53 -58.14 18.60
N LYS C 344 58.36 -57.53 17.43
CA LYS C 344 59.49 -57.28 16.53
C LYS C 344 60.24 -56.00 16.85
N THR C 345 59.62 -55.05 17.54
CA THR C 345 60.27 -53.79 17.85
C THR C 345 61.14 -53.85 19.09
N ARG C 346 61.07 -54.94 19.86
CA ARG C 346 61.91 -55.11 21.04
C ARG C 346 63.00 -56.14 20.83
N GLU C 347 63.16 -56.63 19.60
CA GLU C 347 64.26 -57.52 19.25
C GLU C 347 65.42 -56.78 18.61
N LEU C 348 65.12 -55.78 17.77
CA LEU C 348 66.16 -55.02 17.09
C LEU C 348 66.07 -53.53 17.38
N ARG C 349 65.19 -53.12 18.30
CA ARG C 349 64.95 -51.74 18.80
C ARG C 349 64.88 -50.70 17.67
N VAL C 350 63.89 -50.89 16.80
CA VAL C 350 63.61 -49.96 15.71
C VAL C 350 62.10 -49.77 15.60
N SER C 351 61.69 -48.57 15.22
CA SER C 351 60.29 -48.24 14.95
C SER C 351 60.22 -47.04 14.02
N PRO C 352 59.68 -47.17 12.80
CA PRO C 352 59.11 -48.36 12.14
C PRO C 352 60.15 -49.37 11.67
N LEU C 353 59.70 -50.43 11.01
CA LEU C 353 60.55 -51.58 10.71
C LEU C 353 61.30 -51.45 9.40
N VAL C 354 61.11 -50.36 8.64
CA VAL C 354 61.76 -50.16 7.36
C VAL C 354 62.28 -48.73 7.28
N LEU C 355 62.89 -48.42 6.13
CA LEU C 355 63.39 -47.08 5.86
C LEU C 355 63.13 -46.76 4.40
N LYS C 356 62.41 -45.66 4.16
CA LYS C 356 61.92 -45.30 2.83
C LYS C 356 63.05 -44.67 2.03
N ARG C 357 63.87 -45.53 1.43
CA ARG C 357 64.99 -45.10 0.61
C ARG C 357 64.74 -45.41 -0.86
N THR C 358 65.34 -44.61 -1.73
CA THR C 358 65.10 -44.67 -3.16
C THR C 358 66.40 -44.93 -3.90
N LYS C 359 66.33 -44.86 -5.23
CA LYS C 359 67.48 -45.08 -6.09
C LYS C 359 67.21 -44.48 -7.46
N ILE C 360 68.21 -43.83 -8.04
CA ILE C 360 68.11 -43.28 -9.38
C ILE C 360 69.21 -43.90 -10.25
N ASP C 361 69.56 -45.15 -9.93
CA ASP C 361 70.61 -46.03 -10.46
C ASP C 361 72.01 -45.61 -10.01
N ASN C 362 72.17 -44.50 -9.28
CA ASN C 362 73.48 -44.03 -8.88
C ASN C 362 73.69 -44.07 -7.38
N ILE C 363 72.87 -43.36 -6.60
CA ILE C 363 73.06 -43.23 -5.16
C ILE C 363 71.74 -43.59 -4.48
N CYS C 364 71.82 -44.46 -3.47
CA CYS C 364 70.67 -44.79 -2.63
C CYS C 364 70.54 -43.73 -1.54
N TYR C 365 69.44 -42.97 -1.57
CA TYR C 365 69.15 -42.02 -0.50
C TYR C 365 67.66 -42.05 -0.20
N GLU C 366 67.26 -41.22 0.76
CA GLU C 366 65.93 -41.30 1.35
C GLU C 366 64.87 -40.69 0.44
N MET C 367 63.63 -40.69 0.92
CA MET C 367 62.47 -40.18 0.20
C MET C 367 61.86 -39.03 0.98
N GLY C 368 62.06 -37.81 0.51
CA GLY C 368 61.44 -36.64 1.09
C GLY C 368 62.34 -35.70 1.84
N GLN C 369 63.67 -35.87 1.78
CA GLN C 369 64.57 -34.99 2.50
C GLN C 369 64.71 -33.64 1.80
N CYS C 370 64.89 -32.59 2.61
CA CYS C 370 65.05 -31.24 2.10
C CYS C 370 66.11 -30.51 2.93
N GLU C 371 66.63 -29.43 2.35
CA GLU C 371 67.58 -28.56 3.03
C GLU C 371 66.93 -27.19 3.20
N LEU C 372 66.90 -26.70 4.44
CA LEU C 372 66.14 -25.52 4.80
C LEU C 372 67.05 -24.34 5.11
N SER C 373 66.61 -23.15 4.72
CA SER C 373 67.31 -21.91 5.01
C SER C 373 66.30 -20.77 4.94
N ILE C 374 66.65 -19.64 5.56
CA ILE C 374 65.74 -18.50 5.65
C ILE C 374 66.57 -17.22 5.79
N ARG C 375 65.94 -16.09 5.48
CA ARG C 375 66.52 -14.77 5.67
C ARG C 375 65.40 -13.76 5.88
N ARG C 376 65.72 -12.66 6.54
CA ARG C 376 64.73 -11.63 6.88
C ARG C 376 64.77 -10.52 5.84
N ALA C 377 64.29 -10.86 4.65
CA ALA C 377 64.29 -9.93 3.54
C ALA C 377 63.07 -9.03 3.59
N GLU C 378 63.28 -7.76 3.26
CA GLU C 378 62.20 -6.77 3.20
C GLU C 378 61.32 -6.99 1.99
N THR D 5 39.61 23.41 -1.04
CA THR D 5 39.84 23.52 -2.48
C THR D 5 39.06 24.70 -3.06
N THR D 6 38.70 24.63 -4.34
CA THR D 6 38.04 25.73 -5.02
C THR D 6 36.72 25.35 -5.68
N SER D 7 36.49 24.08 -6.00
CA SER D 7 35.29 23.69 -6.71
C SER D 7 34.99 22.22 -6.44
N TYR D 8 33.86 21.76 -6.95
CA TYR D 8 33.42 20.39 -6.79
C TYR D 8 34.12 19.49 -7.80
N ALA D 9 34.48 18.29 -7.38
CA ALA D 9 35.18 17.37 -8.26
C ALA D 9 34.89 15.94 -7.86
N LYS D 10 35.06 15.03 -8.82
CA LYS D 10 35.06 13.60 -8.58
C LYS D 10 36.28 13.00 -9.25
N ILE D 11 37.05 12.22 -8.49
CA ILE D 11 38.32 11.67 -8.95
C ILE D 11 38.15 10.18 -9.12
N GLU D 12 38.39 9.69 -10.33
CA GLU D 12 38.26 8.27 -10.64
C GLU D 12 39.63 7.60 -10.63
N ILE D 13 39.75 6.52 -9.87
CA ILE D 13 41.00 5.80 -9.73
C ILE D 13 40.82 4.42 -10.36
N THR D 14 41.40 4.21 -11.54
CA THR D 14 41.31 2.95 -12.25
C THR D 14 42.56 2.13 -11.99
N GLY D 15 42.53 0.88 -12.43
CA GLY D 15 43.67 0.00 -12.27
C GLY D 15 43.37 -1.39 -12.77
N THR D 16 44.14 -2.36 -12.24
CA THR D 16 44.00 -3.75 -12.63
C THR D 16 44.39 -4.60 -11.42
N LEU D 17 43.56 -5.59 -11.11
CA LEU D 17 43.80 -6.49 -9.98
C LEU D 17 44.04 -7.89 -10.53
N THR D 18 45.25 -8.41 -10.32
CA THR D 18 45.61 -9.74 -10.79
C THR D 18 45.86 -10.66 -9.61
N VAL D 19 45.52 -11.93 -9.80
CA VAL D 19 45.49 -12.94 -8.75
C VAL D 19 46.73 -13.81 -8.89
N LEU D 20 47.51 -13.94 -7.81
CA LEU D 20 48.79 -14.64 -7.86
C LEU D 20 48.71 -16.05 -7.29
N THR D 21 48.11 -16.23 -6.11
CA THR D 21 47.74 -17.54 -5.61
C THR D 21 46.23 -17.59 -5.52
N GLY D 22 45.69 -18.80 -5.43
CA GLY D 22 44.27 -19.03 -5.69
C GLY D 22 43.36 -18.36 -4.68
N LEU D 23 42.38 -17.61 -5.18
CA LEU D 23 41.51 -16.78 -4.38
C LEU D 23 40.20 -17.49 -4.10
N GLN D 24 39.73 -17.39 -2.85
CA GLN D 24 38.45 -17.98 -2.46
C GLN D 24 37.76 -17.02 -1.50
N ILE D 25 36.90 -16.16 -2.04
CA ILE D 25 36.10 -15.30 -1.16
C ILE D 25 34.99 -16.11 -0.52
N GLY D 26 34.21 -16.82 -1.33
CA GLY D 26 33.40 -17.91 -0.80
C GLY D 26 32.21 -17.55 0.05
N ALA D 27 31.49 -16.48 -0.31
CA ALA D 27 30.32 -16.06 0.45
C ALA D 27 29.02 -16.61 -0.12
N GLY D 28 29.09 -17.63 -0.96
CA GLY D 28 27.87 -18.26 -1.42
C GLY D 28 27.22 -19.08 -0.32
N ASP D 29 27.87 -20.21 0.00
CA ASP D 29 27.51 -21.10 1.12
C ASP D 29 26.06 -21.56 1.07
N GLY D 30 25.68 -22.16 -0.06
CA GLY D 30 24.35 -22.72 -0.21
C GLY D 30 23.59 -22.27 -1.44
N PHE D 31 23.81 -21.01 -1.86
CA PHE D 31 23.08 -20.45 -2.98
C PHE D 31 23.54 -21.00 -4.33
N SER D 32 24.70 -21.64 -4.39
CA SER D 32 25.33 -21.99 -5.66
C SER D 32 24.66 -23.23 -6.27
N ALA D 33 25.31 -23.79 -7.29
CA ALA D 33 24.72 -24.83 -8.12
C ALA D 33 24.60 -26.15 -7.36
N ILE D 34 23.83 -27.06 -7.94
CA ILE D 34 23.58 -28.34 -7.28
C ILE D 34 24.77 -29.28 -7.46
N GLY D 35 25.40 -29.28 -8.63
CA GLY D 35 26.61 -30.05 -8.81
C GLY D 35 27.84 -29.24 -8.42
N ALA D 36 27.99 -28.97 -7.12
CA ALA D 36 29.03 -28.09 -6.63
C ALA D 36 29.65 -28.64 -5.35
N VAL D 37 30.70 -27.96 -4.91
CA VAL D 37 31.49 -28.31 -3.73
C VAL D 37 30.78 -27.79 -2.49
N ASP D 38 31.23 -28.23 -1.31
CA ASP D 38 30.57 -27.85 -0.06
C ASP D 38 30.73 -26.36 0.24
N LYS D 39 31.88 -25.77 -0.08
CA LYS D 39 32.16 -24.36 0.16
C LYS D 39 32.39 -23.67 -1.17
N PRO D 40 31.35 -23.19 -1.84
CA PRO D 40 31.51 -22.60 -3.16
C PRO D 40 31.90 -21.12 -3.08
N VAL D 41 32.27 -20.58 -4.23
CA VAL D 41 32.76 -19.22 -4.31
C VAL D 41 31.67 -18.31 -4.86
N VAL D 42 31.90 -17.00 -4.78
CA VAL D 42 30.92 -16.02 -5.25
C VAL D 42 30.97 -15.93 -6.76
N ARG D 43 29.81 -16.09 -7.40
CA ARG D 43 29.70 -15.98 -8.85
C ARG D 43 28.64 -14.94 -9.20
N ASP D 44 28.69 -14.49 -10.44
CA ASP D 44 27.69 -13.57 -10.94
C ASP D 44 26.38 -14.31 -11.18
N PRO D 45 25.23 -13.74 -10.79
CA PRO D 45 23.97 -14.51 -10.86
C PRO D 45 23.42 -14.67 -12.27
N LEU D 46 23.97 -14.00 -13.27
CA LEU D 46 23.48 -14.11 -14.64
C LEU D 46 24.50 -14.73 -15.58
N SER D 47 25.74 -14.24 -15.56
CA SER D 47 26.77 -14.69 -16.48
C SER D 47 27.69 -15.76 -15.90
N ARG D 48 27.48 -16.13 -14.62
CA ARG D 48 28.24 -17.17 -13.92
CA ARG D 48 28.24 -17.17 -13.93
C ARG D 48 29.74 -16.88 -13.90
N LEU D 49 30.13 -15.63 -13.90
CA LEU D 49 31.54 -15.32 -13.78
C LEU D 49 31.91 -15.11 -12.32
N PRO D 50 33.12 -15.52 -11.91
CA PRO D 50 33.58 -15.22 -10.56
C PRO D 50 33.75 -13.72 -10.34
N MET D 51 33.54 -13.30 -9.10
CA MET D 51 33.34 -11.89 -8.77
C MET D 51 34.08 -11.56 -7.48
N ILE D 52 34.29 -10.26 -7.26
CA ILE D 52 34.78 -9.73 -6.00
C ILE D 52 33.74 -8.73 -5.50
N PRO D 53 33.10 -8.99 -4.35
CA PRO D 53 31.87 -8.27 -4.01
C PRO D 53 32.03 -6.81 -3.60
N GLY D 54 33.23 -6.33 -3.30
CA GLY D 54 33.39 -4.94 -2.97
C GLY D 54 33.13 -4.57 -1.53
N THR D 55 32.30 -5.37 -0.84
CA THR D 55 32.18 -5.25 0.61
C THR D 55 33.33 -5.93 1.31
N SER D 56 33.84 -7.02 0.72
CA SER D 56 35.02 -7.68 1.26
C SER D 56 36.28 -6.89 0.97
N LEU D 57 36.30 -6.15 -0.13
CA LEU D 57 37.46 -5.32 -0.45
C LEU D 57 37.52 -4.08 0.42
N LYS D 58 36.37 -3.51 0.77
CA LYS D 58 36.35 -2.33 1.64
C LYS D 58 36.65 -2.70 3.08
N GLY D 59 36.08 -3.80 3.57
CA GLY D 59 36.25 -4.16 4.97
C GLY D 59 37.63 -4.69 5.29
N LYS D 60 38.32 -5.26 4.30
CA LYS D 60 39.67 -5.75 4.55
C LYS D 60 40.67 -4.60 4.66
N VAL D 61 40.52 -3.58 3.81
CA VAL D 61 41.44 -2.45 3.84
C VAL D 61 41.21 -1.59 5.09
N ARG D 62 39.97 -1.48 5.55
CA ARG D 62 39.70 -0.76 6.80
C ARG D 62 40.23 -1.53 8.01
N THR D 63 40.24 -2.86 7.95
CA THR D 63 40.79 -3.65 9.05
C THR D 63 42.31 -3.56 9.10
N LEU D 64 42.96 -3.54 7.94
CA LEU D 64 44.42 -3.44 7.92
C LEU D 64 44.89 -2.04 8.27
N LEU D 65 44.10 -1.02 7.96
CA LEU D 65 44.49 0.35 8.30
C LEU D 65 44.23 0.69 9.76
N SER D 66 43.27 0.02 10.38
CA SER D 66 43.00 0.23 11.80
C SER D 66 44.04 -0.43 12.69
N ARG D 67 44.84 -1.35 12.17
CA ARG D 67 45.94 -1.93 12.90
C ARG D 67 47.25 -1.22 12.64
N GLN D 68 47.39 -0.54 11.51
CA GLN D 68 48.58 0.26 11.26
C GLN D 68 48.54 1.56 12.07
N TYR D 69 47.37 2.22 12.10
CA TYR D 69 47.22 3.40 12.95
C TYR D 69 47.11 3.04 14.42
N GLY D 70 46.70 1.81 14.75
CA GLY D 70 46.61 1.40 16.12
C GLY D 70 47.91 0.92 16.73
N ALA D 71 48.95 0.77 15.92
CA ALA D 71 50.27 0.43 16.43
C ALA D 71 51.22 1.61 16.51
N ASP D 72 50.90 2.71 15.80
CA ASP D 72 51.70 3.93 15.88
C ASP D 72 51.24 4.85 17.00
N THR D 73 49.99 4.71 17.44
CA THR D 73 49.47 5.52 18.54
C THR D 73 49.26 4.70 19.80
N GLU D 74 49.49 3.38 19.74
CA GLU D 74 49.45 2.46 20.89
C GLU D 74 48.08 2.43 21.57
N THR D 75 47.04 2.32 20.76
CA THR D 75 45.69 2.11 21.25
C THR D 75 44.99 1.10 20.36
N PHE D 76 44.03 0.39 20.95
CA PHE D 76 43.30 -0.66 20.26
C PHE D 76 41.90 -0.14 19.91
N TYR D 77 41.66 0.08 18.62
CA TYR D 77 40.35 0.55 18.16
C TYR D 77 39.37 -0.61 18.23
N ARG D 78 38.41 -0.51 19.15
CA ARG D 78 37.55 -1.64 19.49
C ARG D 78 36.48 -1.91 18.44
N LYS D 79 35.98 -0.88 17.78
CA LYS D 79 34.92 -1.01 16.79
C LYS D 79 34.94 0.22 15.90
N PRO D 80 34.30 0.17 14.73
CA PRO D 80 34.09 1.40 13.96
C PRO D 80 33.22 2.39 14.72
N ASN D 81 33.40 3.67 14.38
CA ASN D 81 33.10 4.92 15.07
C ASN D 81 34.09 5.20 16.20
N GLU D 82 35.02 4.29 16.50
CA GLU D 82 36.12 4.55 17.41
C GLU D 82 37.45 4.57 16.70
N ASP D 83 37.44 4.63 15.36
CA ASP D 83 38.66 4.59 14.57
C ASP D 83 39.35 5.95 14.57
N HIS D 84 40.43 6.03 13.80
CA HIS D 84 41.16 7.28 13.65
C HIS D 84 40.35 8.26 12.81
N ALA D 85 40.69 9.55 12.93
CA ALA D 85 40.02 10.58 12.15
C ALA D 85 40.47 10.60 10.70
N HIS D 86 41.47 9.81 10.32
CA HIS D 86 41.86 9.66 8.92
C HIS D 86 41.25 8.41 8.29
N ILE D 87 40.83 7.44 9.10
CA ILE D 87 40.13 6.28 8.57
C ILE D 87 38.63 6.56 8.52
N ARG D 88 38.10 7.27 9.52
CA ARG D 88 36.71 7.68 9.52
C ARG D 88 36.42 8.87 8.61
N ARG D 89 37.43 9.39 7.92
CA ARG D 89 37.19 10.47 6.96
C ARG D 89 36.87 9.91 5.58
N LEU D 90 37.65 8.93 5.12
CA LEU D 90 37.44 8.34 3.79
C LEU D 90 36.60 7.08 3.81
N PHE D 91 36.63 6.31 4.88
CA PHE D 91 35.56 5.36 5.15
C PHE D 91 34.54 6.06 6.05
N GLY D 92 33.30 5.60 6.01
CA GLY D 92 32.24 6.30 6.72
C GLY D 92 32.20 5.97 8.20
N ASP D 93 31.33 6.69 8.90
CA ASP D 93 30.90 6.32 10.25
C ASP D 93 29.49 6.86 10.44
N THR D 94 29.01 6.82 11.69
CA THR D 94 27.66 7.29 12.00
C THR D 94 27.67 8.37 13.10
N GLU D 95 28.79 9.06 13.28
CA GLU D 95 28.88 10.07 14.33
C GLU D 95 29.05 11.48 13.77
N GLU D 96 30.08 11.75 12.99
CA GLU D 96 30.26 13.10 12.45
C GLU D 96 30.58 13.12 10.96
N TYR D 97 31.22 12.08 10.44
CA TYR D 97 31.38 11.91 8.99
C TYR D 97 30.41 10.82 8.60
N MET D 98 29.23 11.22 8.13
CA MET D 98 28.18 10.25 7.94
C MET D 98 28.31 9.47 6.64
N THR D 99 29.01 9.98 5.64
CA THR D 99 29.14 9.28 4.37
C THR D 99 30.61 9.12 4.02
N GLY D 100 30.87 8.20 3.09
CA GLY D 100 32.20 7.72 2.77
C GLY D 100 33.28 8.71 2.37
N ARG D 101 33.13 9.31 1.18
CA ARG D 101 34.11 9.91 0.24
C ARG D 101 34.79 8.86 -0.62
N LEU D 102 34.48 7.57 -0.46
CA LEU D 102 35.08 6.53 -1.28
C LEU D 102 33.99 5.53 -1.67
N VAL D 103 33.83 5.31 -2.97
CA VAL D 103 32.80 4.42 -3.49
C VAL D 103 33.51 3.23 -4.13
N PHE D 104 33.42 2.07 -3.47
CA PHE D 104 33.96 0.85 -4.03
C PHE D 104 32.96 0.23 -5.00
N ARG D 105 33.43 -0.73 -5.79
CA ARG D 105 32.60 -1.34 -6.83
C ARG D 105 32.75 -2.86 -6.80
N ASP D 106 31.73 -3.55 -7.29
CA ASP D 106 31.85 -4.98 -7.55
C ASP D 106 32.61 -5.20 -8.86
N THR D 107 33.32 -6.33 -8.94
CA THR D 107 34.27 -6.54 -10.02
C THR D 107 34.12 -7.93 -10.60
N LYS D 108 33.75 -8.01 -11.88
CA LYS D 108 33.69 -9.27 -12.60
C LYS D 108 35.06 -9.62 -13.18
N LEU D 109 35.21 -10.90 -13.54
CA LEU D 109 36.41 -11.34 -14.24
C LEU D 109 36.40 -10.83 -15.67
N THR D 110 37.57 -10.44 -16.17
CA THR D 110 37.67 -9.82 -17.49
C THR D 110 38.37 -10.67 -18.54
N ASN D 111 39.44 -11.38 -18.18
CA ASN D 111 40.23 -12.10 -19.16
C ASN D 111 39.81 -13.57 -19.26
N LYS D 112 38.53 -13.79 -19.57
CA LYS D 112 38.05 -15.16 -19.76
C LYS D 112 38.58 -15.76 -21.06
N ASP D 113 38.60 -14.97 -22.14
CA ASP D 113 39.08 -15.46 -23.42
C ASP D 113 40.59 -15.65 -23.44
N ASP D 114 41.32 -14.88 -22.63
CA ASP D 114 42.76 -15.06 -22.54
C ASP D 114 43.13 -16.32 -21.78
N LEU D 115 42.22 -16.83 -20.94
CA LEU D 115 42.52 -18.05 -20.20
C LEU D 115 42.22 -19.29 -21.02
N GLU D 116 41.19 -19.25 -21.86
CA GLU D 116 40.95 -20.36 -22.78
C GLU D 116 41.86 -20.31 -24.00
N ALA D 117 42.53 -19.18 -24.24
CA ALA D 117 43.57 -19.16 -25.26
C ALA D 117 44.75 -20.01 -24.85
N ARG D 118 45.09 -20.00 -23.55
CA ARG D 118 46.04 -20.95 -23.00
C ARG D 118 45.30 -22.26 -22.69
N GLY D 119 45.98 -23.16 -21.99
CA GLY D 119 45.37 -24.44 -21.68
C GLY D 119 44.65 -24.48 -20.35
N ALA D 120 43.60 -23.66 -20.19
CA ALA D 120 42.76 -23.67 -19.00
C ALA D 120 41.34 -24.04 -19.40
N LYS D 121 40.75 -25.00 -18.68
CA LYS D 121 39.44 -25.53 -19.02
C LYS D 121 38.33 -24.98 -18.13
N THR D 122 38.51 -25.06 -16.82
CA THR D 122 37.54 -24.52 -15.86
C THR D 122 38.08 -23.23 -15.27
N LEU D 123 37.18 -22.30 -14.96
CA LEU D 123 37.59 -21.03 -14.36
C LEU D 123 37.95 -21.18 -12.89
N THR D 124 37.52 -22.26 -12.25
CA THR D 124 37.81 -22.51 -10.84
C THR D 124 38.36 -23.92 -10.70
N GLU D 125 39.46 -24.06 -9.99
CA GLU D 125 40.03 -25.37 -9.70
C GLU D 125 39.39 -25.96 -8.45
N VAL D 126 39.62 -27.26 -8.24
CA VAL D 126 39.17 -27.97 -7.05
C VAL D 126 40.40 -28.58 -6.39
N LYS D 127 40.63 -28.22 -5.13
CA LYS D 127 41.82 -28.62 -4.41
C LYS D 127 41.43 -29.49 -3.22
N PHE D 128 42.07 -30.65 -3.10
CA PHE D 128 41.83 -31.57 -2.00
C PHE D 128 42.84 -31.32 -0.90
N GLU D 129 42.37 -31.23 0.34
CA GLU D 129 43.23 -30.98 1.49
C GLU D 129 43.06 -32.09 2.52
N ASN D 130 43.96 -32.09 3.50
CA ASN D 130 44.03 -33.18 4.47
C ASN D 130 44.22 -32.61 5.86
N ALA D 131 43.85 -33.41 6.86
CA ALA D 131 44.04 -33.07 8.27
C ALA D 131 44.60 -34.29 8.96
N ILE D 132 45.91 -34.28 9.21
CA ILE D 132 46.60 -35.45 9.75
C ILE D 132 46.60 -35.37 11.28
N ASN D 133 46.76 -36.52 11.92
CA ASN D 133 46.79 -36.62 13.37
C ASN D 133 48.22 -36.81 13.85
N ARG D 134 48.58 -36.12 14.93
CA ARG D 134 49.95 -36.13 15.43
C ARG D 134 50.31 -37.37 16.23
N VAL D 135 49.41 -38.36 16.31
CA VAL D 135 49.71 -39.68 16.84
C VAL D 135 48.76 -40.66 16.15
N THR D 136 49.32 -41.81 15.73
CA THR D 136 48.71 -42.86 14.89
C THR D 136 47.91 -42.24 13.73
N ALA D 137 48.69 -41.65 12.81
CA ALA D 137 48.22 -40.65 11.86
C ALA D 137 47.18 -41.15 10.88
N LYS D 138 45.94 -40.71 11.08
CA LYS D 138 44.83 -40.94 10.16
C LYS D 138 44.32 -39.59 9.70
N ALA D 139 43.76 -39.57 8.49
CA ALA D 139 43.44 -38.31 7.82
C ALA D 139 42.02 -38.30 7.31
N ASN D 140 41.38 -37.12 7.40
CA ASN D 140 40.05 -36.89 6.86
C ASN D 140 40.13 -35.81 5.79
N LEU D 141 39.29 -35.94 4.77
CA LEU D 141 39.40 -35.15 3.55
C LEU D 141 38.40 -34.00 3.54
N ARG D 142 38.79 -32.92 2.86
CA ARG D 142 37.89 -31.83 2.53
C ARG D 142 38.27 -31.31 1.14
N GLN D 143 37.29 -30.73 0.45
CA GLN D 143 37.47 -30.25 -0.91
C GLN D 143 37.24 -28.75 -0.95
N MET D 144 38.18 -28.03 -1.55
CA MET D 144 38.11 -26.57 -1.64
C MET D 144 38.08 -26.14 -3.10
N GLU D 145 37.31 -25.11 -3.40
CA GLU D 145 37.22 -24.52 -4.72
C GLU D 145 37.78 -23.11 -4.68
N ARG D 146 38.58 -22.75 -5.68
CA ARG D 146 39.17 -21.43 -5.70
C ARG D 146 39.44 -21.00 -7.13
N VAL D 147 39.47 -19.68 -7.34
CA VAL D 147 39.72 -19.11 -8.66
C VAL D 147 41.19 -19.34 -9.03
N ILE D 148 41.43 -19.62 -10.31
CA ILE D 148 42.75 -20.02 -10.82
C ILE D 148 43.70 -18.84 -10.78
N PRO D 149 45.03 -19.05 -10.69
CA PRO D 149 45.95 -17.93 -10.49
C PRO D 149 46.32 -17.13 -11.74
N GLY D 150 45.52 -17.21 -12.81
CA GLY D 150 45.73 -16.35 -13.95
C GLY D 150 44.71 -15.24 -14.14
N SER D 151 43.80 -15.04 -13.19
CA SER D 151 42.65 -14.19 -13.40
C SER D 151 42.99 -12.72 -13.20
N GLU D 152 42.24 -11.86 -13.88
CA GLU D 152 42.43 -10.41 -13.83
C GLU D 152 41.09 -9.72 -13.67
N PHE D 153 41.05 -8.71 -12.81
CA PHE D 153 39.84 -8.01 -12.46
C PHE D 153 40.03 -6.51 -12.68
N ALA D 154 38.95 -5.82 -13.07
CA ALA D 154 39.01 -4.40 -13.44
C ALA D 154 38.73 -3.55 -12.21
N PHE D 155 39.79 -3.24 -11.47
CA PHE D 155 39.66 -2.48 -10.23
C PHE D 155 39.34 -1.02 -10.50
N SER D 156 38.47 -0.44 -9.67
CA SER D 156 38.07 0.96 -9.79
C SER D 156 37.43 1.43 -8.49
N LEU D 157 37.62 2.71 -8.18
CA LEU D 157 36.90 3.37 -7.10
C LEU D 157 36.86 4.88 -7.36
N VAL D 158 35.85 5.53 -6.79
CA VAL D 158 35.61 6.95 -7.00
C VAL D 158 35.88 7.69 -5.69
N TYR D 159 36.30 8.95 -5.81
CA TYR D 159 36.58 9.82 -4.67
C TYR D 159 35.88 11.16 -4.89
N GLU D 160 35.15 11.62 -3.89
CA GLU D 160 34.29 12.79 -4.01
C GLU D 160 34.82 13.93 -3.16
N VAL D 161 34.84 15.14 -3.73
CA VAL D 161 35.34 16.34 -3.06
C VAL D 161 34.19 17.33 -2.97
N SER D 162 33.60 17.46 -1.78
CA SER D 162 32.48 18.38 -1.59
C SER D 162 32.47 18.84 -0.13
N PHE D 163 31.36 19.48 0.27
CA PHE D 163 31.21 19.95 1.64
C PHE D 163 31.03 18.78 2.60
N GLY D 164 30.27 17.76 2.19
CA GLY D 164 29.99 16.65 3.08
C GLY D 164 28.89 16.97 4.08
N THR D 165 28.94 16.31 5.22
CA THR D 165 27.98 16.54 6.30
C THR D 165 28.64 17.44 7.33
N PRO D 166 28.28 18.72 7.41
CA PRO D 166 29.02 19.65 8.28
C PRO D 166 28.67 19.51 9.75
N GLY D 167 27.51 18.99 10.11
CA GLY D 167 27.08 18.96 11.48
C GLY D 167 26.25 20.17 11.85
N GLU D 168 25.49 20.04 12.94
CA GLU D 168 24.55 21.08 13.34
C GLU D 168 25.23 22.32 13.90
N GLU D 169 26.43 22.18 14.49
CA GLU D 169 27.15 23.31 15.06
C GLU D 169 28.56 23.33 14.47
N GLN D 170 28.68 23.94 13.29
CA GLN D 170 29.92 24.09 12.53
C GLN D 170 29.65 25.01 11.35
N LYS D 171 30.72 25.50 10.74
CA LYS D 171 30.65 26.30 9.52
C LYS D 171 31.29 25.48 8.40
N ALA D 172 30.52 25.17 7.37
CA ALA D 172 30.94 24.21 6.36
C ALA D 172 32.02 24.78 5.46
N SER D 173 32.90 23.91 4.99
CA SER D 173 34.00 24.30 4.12
C SER D 173 34.45 23.10 3.31
N LEU D 174 35.16 23.37 2.25
CA LEU D 174 35.75 22.40 1.35
C LEU D 174 37.13 21.96 1.84
N PRO D 175 37.51 20.70 1.63
CA PRO D 175 38.85 20.27 2.04
C PRO D 175 39.92 20.90 1.16
N SER D 176 40.97 21.41 1.80
CA SER D 176 42.05 22.08 1.08
C SER D 176 42.86 21.07 0.27
N SER D 177 43.69 21.59 -0.64
CA SER D 177 44.48 20.73 -1.50
C SER D 177 45.58 20.00 -0.76
N ASP D 178 45.94 20.45 0.45
CA ASP D 178 46.89 19.71 1.26
C ASP D 178 46.23 18.50 1.92
N GLU D 179 44.91 18.55 2.11
CA GLU D 179 44.20 17.43 2.73
C GLU D 179 43.87 16.32 1.73
N ILE D 180 43.77 16.64 0.44
CA ILE D 180 43.55 15.60 -0.56
C ILE D 180 44.82 14.76 -0.78
N ILE D 181 46.00 15.31 -0.48
CA ILE D 181 47.22 14.52 -0.54
C ILE D 181 47.25 13.50 0.58
N GLU D 182 46.84 13.90 1.79
CA GLU D 182 46.83 13.00 2.93
C GLU D 182 45.74 11.95 2.84
N ASP D 183 44.71 12.18 2.03
CA ASP D 183 43.72 11.14 1.79
C ASP D 183 44.23 10.12 0.78
N PHE D 184 44.91 10.58 -0.27
CA PHE D 184 45.48 9.67 -1.27
C PHE D 184 46.71 8.95 -0.76
N ASN D 185 47.42 9.52 0.22
CA ASN D 185 48.56 8.83 0.81
C ASN D 185 48.12 7.64 1.65
N ALA D 186 46.95 7.74 2.30
CA ALA D 186 46.44 6.64 3.09
C ALA D 186 45.77 5.57 2.25
N ILE D 187 45.36 5.90 1.02
CA ILE D 187 44.82 4.89 0.11
C ILE D 187 45.93 3.97 -0.36
N ALA D 188 47.02 4.54 -0.88
CA ALA D 188 48.13 3.74 -1.38
C ALA D 188 48.92 3.08 -0.27
N ARG D 189 48.82 3.57 0.97
CA ARG D 189 49.39 2.87 2.10
C ARG D 189 48.52 1.66 2.47
N GLY D 190 47.21 1.80 2.33
CA GLY D 190 46.30 0.69 2.56
C GLY D 190 46.22 -0.31 1.43
N LEU D 191 46.69 0.05 0.24
CA LEU D 191 46.78 -0.90 -0.86
C LEU D 191 48.11 -1.64 -0.90
N LYS D 192 49.15 -1.10 -0.24
CA LYS D 192 50.39 -1.83 -0.07
C LYS D 192 50.30 -2.84 1.06
N LEU D 193 49.40 -2.61 2.03
CA LEU D 193 49.19 -3.58 3.09
C LEU D 193 48.41 -4.79 2.58
N LEU D 194 47.60 -4.61 1.53
CA LEU D 194 46.84 -5.71 0.97
C LEU D 194 47.71 -6.64 0.13
N GLU D 195 48.81 -6.15 -0.42
CA GLU D 195 49.72 -7.01 -1.17
C GLU D 195 50.53 -7.93 -0.27
N LEU D 196 50.60 -7.66 1.02
CA LEU D 196 51.16 -8.59 1.99
C LEU D 196 50.10 -9.54 2.56
N ASP D 197 48.85 -9.11 2.60
CA ASP D 197 47.72 -9.88 3.09
C ASP D 197 47.06 -10.61 1.93
N TYR D 198 45.85 -11.14 2.15
CA TYR D 198 45.35 -12.21 1.32
C TYR D 198 43.93 -12.08 0.80
N LEU D 199 43.19 -11.01 1.13
CA LEU D 199 41.87 -10.68 0.58
C LEU D 199 40.86 -11.83 0.66
N GLY D 200 40.55 -12.24 1.88
CA GLY D 200 39.48 -13.20 2.09
C GLY D 200 39.86 -14.65 1.82
N GLY D 201 39.33 -15.55 2.64
CA GLY D 201 39.60 -16.96 2.49
C GLY D 201 40.54 -17.49 3.55
N SER D 202 41.23 -18.59 3.19
CA SER D 202 42.12 -19.25 4.13
C SER D 202 43.34 -18.39 4.42
N GLY D 203 44.07 -17.99 3.37
CA GLY D 203 45.09 -16.97 3.52
C GLY D 203 46.38 -17.37 4.19
N THR D 204 46.29 -17.86 5.43
CA THR D 204 47.45 -18.35 6.15
C THR D 204 47.93 -19.70 5.62
N ARG D 205 47.15 -20.36 4.77
CA ARG D 205 47.55 -21.61 4.14
C ARG D 205 47.87 -21.43 2.65
N GLY D 206 48.02 -20.20 2.20
CA GLY D 206 48.49 -19.93 0.86
C GLY D 206 47.50 -19.40 -0.14
N TYR D 207 46.39 -18.81 0.31
CA TYR D 207 45.31 -18.41 -0.59
C TYR D 207 45.35 -16.91 -0.80
N GLY D 208 44.94 -16.48 -1.98
CA GLY D 208 44.55 -15.11 -2.21
C GLY D 208 45.64 -14.05 -2.28
N GLN D 209 46.87 -14.42 -2.64
CA GLN D 209 47.89 -13.40 -2.85
C GLN D 209 47.56 -12.60 -4.10
N VAL D 210 47.61 -11.27 -3.98
CA VAL D 210 47.02 -10.38 -4.97
C VAL D 210 48.01 -9.28 -5.32
N LYS D 211 47.83 -8.67 -6.49
CA LYS D 211 48.77 -7.69 -7.00
C LYS D 211 48.01 -6.59 -7.75
N PHE D 212 48.46 -5.35 -7.59
CA PHE D 212 47.89 -4.19 -8.27
C PHE D 212 48.82 -3.70 -9.37
N SER D 213 48.22 -3.18 -10.44
CA SER D 213 49.00 -2.70 -11.57
C SER D 213 48.23 -1.59 -12.28
N ASN D 214 48.98 -0.59 -12.79
CA ASN D 214 48.49 0.51 -13.61
C ASN D 214 47.44 1.36 -12.88
N LEU D 215 47.81 1.82 -11.69
CA LEU D 215 46.95 2.70 -10.92
C LEU D 215 47.16 4.14 -11.36
N LYS D 216 46.08 4.78 -11.82
CA LYS D 216 46.15 6.17 -12.24
C LYS D 216 44.84 6.87 -11.92
N ALA D 217 44.92 8.17 -11.70
CA ALA D 217 43.77 8.99 -11.33
C ALA D 217 43.34 9.87 -12.50
N ARG D 218 42.06 10.22 -12.52
CA ARG D 218 41.51 11.12 -13.52
C ARG D 218 40.77 12.27 -12.87
N ALA D 219 40.04 13.06 -13.66
CA ALA D 219 39.13 14.08 -13.16
C ALA D 219 37.85 13.93 -13.96
N ALA D 220 36.92 13.14 -13.43
CA ALA D 220 35.73 12.75 -14.20
C ALA D 220 34.72 13.88 -14.28
N VAL D 221 34.58 14.68 -13.23
CA VAL D 221 33.64 15.79 -13.18
C VAL D 221 34.37 16.99 -12.59
N GLY D 222 34.35 18.11 -13.31
CA GLY D 222 34.92 19.34 -12.79
C GLY D 222 36.42 19.43 -12.89
N ALA D 223 36.95 20.64 -12.94
CA ALA D 223 38.38 20.82 -13.03
C ALA D 223 39.01 20.79 -11.64
N LEU D 224 40.31 20.53 -11.62
CA LEU D 224 41.07 20.51 -10.38
C LEU D 224 41.82 21.84 -10.22
N ASP D 225 42.71 21.91 -9.24
CA ASP D 225 43.37 23.17 -8.90
C ASP D 225 44.47 23.52 -9.88
N GLY D 226 45.16 22.52 -10.43
CA GLY D 226 46.31 22.79 -11.27
C GLY D 226 47.59 22.35 -10.60
N SER D 227 48.36 21.49 -11.29
CA SER D 227 49.54 20.81 -10.74
C SER D 227 49.21 20.03 -9.47
N LEU D 228 48.00 19.47 -9.43
CA LEU D 228 47.52 18.68 -8.30
C LEU D 228 47.21 17.25 -8.70
N LEU D 229 46.72 17.02 -9.92
CA LEU D 229 46.47 15.67 -10.39
C LEU D 229 47.76 14.89 -10.60
N GLU D 230 48.84 15.56 -11.00
CA GLU D 230 50.09 14.88 -11.22
C GLU D 230 50.80 14.48 -9.94
N LYS D 231 50.54 15.17 -8.83
CA LYS D 231 51.09 14.76 -7.55
C LYS D 231 50.15 13.86 -6.76
N LEU D 232 48.92 13.64 -7.26
CA LEU D 232 48.12 12.53 -6.77
C LEU D 232 48.47 11.25 -7.50
N ASN D 233 48.97 11.35 -8.73
CA ASN D 233 49.48 10.21 -9.47
C ASN D 233 50.85 9.76 -8.96
N HIS D 234 51.51 10.57 -8.14
CA HIS D 234 52.79 10.17 -7.57
C HIS D 234 52.63 9.45 -6.24
N GLU D 235 51.53 9.72 -5.52
CA GLU D 235 51.23 8.94 -4.33
C GLU D 235 50.80 7.53 -4.70
N LEU D 236 50.12 7.37 -5.85
CA LEU D 236 49.71 6.08 -6.34
C LEU D 236 50.80 5.37 -7.13
N ALA D 237 51.93 6.04 -7.38
CA ALA D 237 53.00 5.42 -8.15
C ALA D 237 53.70 4.32 -7.37
N ALA D 238 53.79 4.46 -6.05
CA ALA D 238 54.29 3.39 -5.20
C ALA D 238 53.15 2.51 -4.67
N VAL D 239 52.31 2.05 -5.60
CA VAL D 239 51.10 1.26 -5.36
C VAL D 239 50.17 1.87 -4.30
N THR F 5 -29.57 23.34 -35.49
CA THR F 5 -29.56 21.88 -35.35
C THR F 5 -31.00 21.36 -35.36
N THR F 6 -31.94 22.24 -34.97
CA THR F 6 -33.38 21.99 -34.94
C THR F 6 -33.75 20.78 -34.07
N SER F 7 -32.98 20.52 -33.02
CA SER F 7 -33.27 19.41 -32.12
C SER F 7 -32.65 19.69 -30.76
N TYR F 8 -33.18 19.02 -29.76
CA TYR F 8 -32.61 18.97 -28.42
C TYR F 8 -32.00 17.59 -28.23
N ALA F 9 -30.75 17.53 -27.81
CA ALA F 9 -30.06 16.25 -27.68
C ALA F 9 -29.24 16.23 -26.40
N LYS F 10 -28.98 15.00 -25.93
CA LYS F 10 -28.11 14.78 -24.78
C LYS F 10 -27.18 13.62 -25.12
N ILE F 11 -25.98 13.95 -25.56
CA ILE F 11 -24.95 12.97 -25.93
C ILE F 11 -24.16 12.61 -24.69
N GLU F 12 -23.91 11.32 -24.49
CA GLU F 12 -23.10 10.86 -23.38
C GLU F 12 -21.87 10.13 -23.87
N ILE F 13 -20.76 10.33 -23.17
CA ILE F 13 -19.45 9.79 -23.56
C ILE F 13 -19.03 8.80 -22.49
N THR F 14 -18.81 7.55 -22.89
CA THR F 14 -18.40 6.50 -21.97
C THR F 14 -17.00 6.02 -22.33
N GLY F 15 -16.42 5.25 -21.43
CA GLY F 15 -15.06 4.77 -21.63
C GLY F 15 -14.53 4.12 -20.36
N THR F 16 -13.21 4.08 -20.25
CA THR F 16 -12.54 3.51 -19.08
C THR F 16 -11.34 4.39 -18.76
N LEU F 17 -10.94 4.38 -17.48
CA LEU F 17 -9.78 5.12 -17.01
C LEU F 17 -8.95 4.17 -16.16
N THR F 18 -7.84 3.69 -16.71
CA THR F 18 -6.97 2.75 -16.00
C THR F 18 -5.76 3.48 -15.45
N VAL F 19 -5.34 3.06 -14.26
CA VAL F 19 -4.28 3.73 -13.51
C VAL F 19 -2.96 3.02 -13.81
N LEU F 20 -1.95 3.78 -14.18
CA LEU F 20 -0.65 3.24 -14.55
C LEU F 20 0.36 3.29 -13.41
N THR F 21 0.33 4.35 -12.61
CA THR F 21 1.12 4.45 -11.40
C THR F 21 0.20 4.59 -10.19
N GLY F 22 0.78 4.85 -9.02
CA GLY F 22 -0.02 4.99 -7.83
C GLY F 22 -0.77 6.31 -7.82
N LEU F 23 -2.07 6.24 -7.54
CA LEU F 23 -2.93 7.42 -7.54
C LEU F 23 -3.28 7.81 -6.12
N GLN F 24 -3.14 9.10 -5.81
CA GLN F 24 -3.45 9.60 -4.47
C GLN F 24 -4.23 10.91 -4.58
N ILE F 25 -5.53 10.85 -4.32
CA ILE F 25 -6.36 12.03 -4.14
C ILE F 25 -6.67 12.10 -2.65
N GLY F 26 -6.16 13.13 -1.98
CA GLY F 26 -6.20 13.15 -0.54
C GLY F 26 -7.59 13.44 0.01
N ALA F 27 -7.84 12.94 1.22
CA ALA F 27 -9.13 13.08 1.86
C ALA F 27 -9.12 14.04 3.04
N GLY F 28 -7.95 14.36 3.59
CA GLY F 28 -7.88 15.27 4.72
C GLY F 28 -8.34 14.63 6.02
N ASP F 29 -9.46 15.12 6.55
CA ASP F 29 -9.95 14.73 7.86
C ASP F 29 -11.23 13.90 7.76
N GLY F 30 -11.30 13.00 6.78
CA GLY F 30 -12.49 12.19 6.59
C GLY F 30 -12.72 11.14 7.65
N PHE F 31 -11.89 10.10 7.69
CA PHE F 31 -12.08 8.99 8.61
C PHE F 31 -10.77 8.24 8.76
N SER F 32 -10.65 7.54 9.90
CA SER F 32 -9.36 7.10 10.43
C SER F 32 -9.61 6.03 11.49
N ALA F 33 -8.61 5.84 12.36
CA ALA F 33 -8.53 5.10 13.61
C ALA F 33 -8.28 3.60 13.45
N ILE F 34 -8.24 3.07 12.22
CA ILE F 34 -7.66 1.76 11.96
C ILE F 34 -7.18 1.74 10.52
N GLY F 35 -5.94 1.33 10.30
CA GLY F 35 -5.34 1.43 8.98
C GLY F 35 -5.09 2.84 8.51
N ALA F 36 -5.07 3.81 9.43
CA ALA F 36 -4.96 5.22 9.08
C ALA F 36 -3.49 5.62 9.01
N VAL F 37 -3.17 6.43 8.01
CA VAL F 37 -1.80 6.84 7.74
C VAL F 37 -1.73 8.36 7.78
N ASP F 38 -0.55 8.91 7.49
CA ASP F 38 -0.36 10.36 7.52
C ASP F 38 -1.18 11.06 6.45
N LYS F 39 -1.40 10.42 5.30
CA LYS F 39 -2.18 11.00 4.21
C LYS F 39 -3.07 9.91 3.60
N PRO F 40 -4.36 9.89 3.93
CA PRO F 40 -5.25 8.88 3.35
C PRO F 40 -5.82 9.29 2.00
N VAL F 41 -6.63 8.41 1.40
CA VAL F 41 -7.28 8.68 0.12
C VAL F 41 -8.79 8.67 0.30
N VAL F 42 -9.48 9.25 -0.69
CA VAL F 42 -10.93 9.35 -0.61
C VAL F 42 -11.56 7.99 -0.89
N ARG F 43 -12.71 7.74 -0.26
CA ARG F 43 -13.39 6.46 -0.38
C ARG F 43 -14.89 6.69 -0.39
N ASP F 44 -15.61 5.67 -0.86
CA ASP F 44 -17.05 5.70 -0.82
C ASP F 44 -17.53 5.46 0.61
N PRO F 45 -18.53 6.22 1.09
CA PRO F 45 -18.91 6.11 2.51
C PRO F 45 -19.60 4.82 2.89
N LEU F 46 -20.23 4.13 1.95
CA LEU F 46 -20.96 2.90 2.25
C LEU F 46 -20.24 1.64 1.79
N SER F 47 -19.81 1.59 0.53
CA SER F 47 -19.14 0.41 -0.01
C SER F 47 -17.66 0.33 0.34
N ARG F 48 -17.08 1.45 0.82
CA ARG F 48 -15.68 1.56 1.22
CA ARG F 48 -15.68 1.55 1.23
C ARG F 48 -14.73 1.18 0.10
N LEU F 49 -15.05 1.58 -1.12
CA LEU F 49 -14.23 1.43 -2.29
C LEU F 49 -13.51 2.75 -2.61
N PRO F 50 -12.32 2.70 -3.17
CA PRO F 50 -11.67 3.93 -3.61
C PRO F 50 -12.42 4.56 -4.78
N MET F 51 -12.43 5.89 -4.82
CA MET F 51 -13.19 6.59 -5.83
C MET F 51 -12.38 7.76 -6.37
N ILE F 52 -12.82 8.28 -7.52
CA ILE F 52 -12.29 9.48 -8.13
C ILE F 52 -13.42 10.49 -8.20
N PRO F 53 -13.33 11.63 -7.51
CA PRO F 53 -14.40 12.63 -7.59
C PRO F 53 -14.41 13.34 -8.93
N GLY F 54 -15.56 13.92 -9.25
CA GLY F 54 -15.67 14.71 -10.47
C GLY F 54 -15.23 16.14 -10.32
N THR F 55 -14.90 16.56 -9.10
CA THR F 55 -14.39 17.91 -8.88
C THR F 55 -12.91 18.00 -9.21
N SER F 56 -12.16 16.93 -8.93
CA SER F 56 -10.74 16.87 -9.24
C SER F 56 -10.45 16.49 -10.68
N LEU F 57 -11.45 15.99 -11.40
CA LEU F 57 -11.32 15.73 -12.83
C LEU F 57 -11.72 16.91 -13.68
N LYS F 58 -12.75 17.66 -13.28
CA LYS F 58 -13.12 18.87 -14.02
C LYS F 58 -12.09 19.97 -13.78
N GLY F 59 -11.54 20.06 -12.57
CA GLY F 59 -10.60 21.12 -12.24
C GLY F 59 -9.21 20.91 -12.80
N LYS F 60 -8.86 19.68 -13.15
CA LYS F 60 -7.55 19.41 -13.75
C LYS F 60 -7.58 19.58 -15.27
N VAL F 61 -8.68 19.20 -15.91
CA VAL F 61 -8.81 19.37 -17.36
C VAL F 61 -9.00 20.84 -17.71
N ARG F 62 -9.72 21.60 -16.87
CA ARG F 62 -9.92 23.02 -17.13
C ARG F 62 -8.63 23.81 -16.96
N THR F 63 -7.74 23.35 -16.07
CA THR F 63 -6.46 24.02 -15.87
C THR F 63 -5.46 23.71 -16.98
N LEU F 64 -5.49 22.48 -17.50
CA LEU F 64 -4.58 22.12 -18.59
C LEU F 64 -5.00 22.75 -19.91
N LEU F 65 -6.29 23.02 -20.09
CA LEU F 65 -6.75 23.68 -21.30
C LEU F 65 -6.59 25.19 -21.22
N SER F 66 -6.51 25.75 -20.01
CA SER F 66 -6.30 27.18 -19.86
C SER F 66 -4.84 27.58 -19.98
N ARG F 67 -3.92 26.64 -19.78
CA ARG F 67 -2.51 26.90 -20.04
C ARG F 67 -2.21 26.82 -21.53
N GLN F 68 -2.92 25.96 -22.27
CA GLN F 68 -2.68 25.81 -23.69
C GLN F 68 -3.24 26.99 -24.47
N TYR F 69 -4.51 27.35 -24.20
CA TYR F 69 -5.10 28.51 -24.85
C TYR F 69 -4.45 29.81 -24.41
N GLY F 70 -3.95 29.85 -23.18
CA GLY F 70 -3.36 31.08 -22.68
C GLY F 70 -1.99 31.37 -23.28
N ALA F 71 -1.17 30.33 -23.44
CA ALA F 71 0.18 30.54 -23.98
C ALA F 71 0.16 30.79 -25.48
N ASP F 72 -0.85 30.27 -26.18
CA ASP F 72 -0.95 30.44 -27.62
C ASP F 72 -1.59 31.76 -28.02
N THR F 73 -2.00 32.59 -27.06
CA THR F 73 -2.52 33.92 -27.34
C THR F 73 -1.78 35.01 -26.57
N GLU F 74 -0.68 34.65 -25.89
CA GLU F 74 0.17 35.55 -25.11
C GLU F 74 -0.61 36.30 -24.03
N THR F 75 -1.55 35.59 -23.40
CA THR F 75 -2.39 36.17 -22.37
C THR F 75 -2.48 35.20 -21.20
N PHE F 76 -2.20 35.68 -19.99
CA PHE F 76 -2.31 34.84 -18.81
C PHE F 76 -3.70 35.02 -18.20
N TYR F 77 -4.42 33.92 -18.05
CA TYR F 77 -5.76 33.92 -17.50
C TYR F 77 -5.66 33.75 -15.98
N ARG F 78 -6.07 34.77 -15.23
CA ARG F 78 -5.83 34.82 -13.80
C ARG F 78 -6.95 34.22 -12.96
N LYS F 79 -8.12 33.99 -13.53
CA LYS F 79 -9.25 33.44 -12.80
C LYS F 79 -10.16 32.73 -13.80
N PRO F 80 -11.03 31.81 -13.33
CA PRO F 80 -11.92 31.10 -14.26
C PRO F 80 -12.95 31.97 -14.98
N ASN F 81 -13.17 33.21 -14.55
CA ASN F 81 -14.03 34.11 -15.33
C ASN F 81 -13.28 34.85 -16.42
N GLU F 82 -11.96 34.74 -16.46
CA GLU F 82 -11.14 35.40 -17.46
C GLU F 82 -10.66 34.45 -18.55
N ASP F 83 -11.22 33.25 -18.63
CA ASP F 83 -10.74 32.25 -19.57
C ASP F 83 -11.21 32.56 -20.99
N HIS F 84 -10.82 31.70 -21.91
CA HIS F 84 -11.23 31.82 -23.30
C HIS F 84 -12.72 31.50 -23.43
N ALA F 85 -13.33 32.01 -24.51
CA ALA F 85 -14.75 31.80 -24.74
C ALA F 85 -15.06 30.34 -25.07
N HIS F 86 -14.10 29.61 -25.63
CA HIS F 86 -14.26 28.18 -25.82
C HIS F 86 -14.16 27.40 -24.52
N ILE F 87 -13.46 27.94 -23.53
CA ILE F 87 -13.38 27.30 -22.22
C ILE F 87 -14.68 27.52 -21.44
N ARG F 88 -15.16 28.76 -21.44
CA ARG F 88 -16.28 29.16 -20.60
C ARG F 88 -17.63 28.68 -21.09
N ARG F 89 -17.73 28.13 -22.31
CA ARG F 89 -19.00 27.58 -22.76
C ARG F 89 -19.12 26.09 -22.54
N LEU F 90 -18.00 25.40 -22.31
CA LEU F 90 -18.01 23.99 -21.95
C LEU F 90 -18.05 23.78 -20.44
N PHE F 91 -17.33 24.61 -19.69
CA PHE F 91 -17.24 24.45 -18.24
C PHE F 91 -18.10 25.44 -17.48
N GLY F 92 -18.50 26.54 -18.10
CA GLY F 92 -19.37 27.51 -17.47
C GLY F 92 -18.61 28.60 -16.74
N ASP F 93 -19.30 29.71 -16.51
CA ASP F 93 -18.78 30.79 -15.69
C ASP F 93 -19.97 31.45 -15.00
N THR F 94 -19.77 32.64 -14.44
CA THR F 94 -20.82 33.33 -13.71
C THR F 94 -21.22 34.65 -14.34
N GLU F 95 -20.82 34.93 -15.57
CA GLU F 95 -21.19 36.21 -16.16
C GLU F 95 -21.87 36.09 -17.51
N GLU F 96 -21.42 35.19 -18.38
CA GLU F 96 -21.96 35.08 -19.72
C GLU F 96 -22.61 33.74 -20.01
N TYR F 97 -21.89 32.64 -19.79
CA TYR F 97 -22.41 31.29 -20.00
C TYR F 97 -22.58 30.68 -18.61
N MET F 98 -23.78 30.82 -18.05
CA MET F 98 -23.99 30.57 -16.63
C MET F 98 -23.83 29.10 -16.24
N THR F 99 -24.08 28.17 -17.15
CA THR F 99 -23.95 26.75 -16.84
C THR F 99 -23.23 26.05 -17.98
N GLY F 100 -22.35 25.12 -17.62
CA GLY F 100 -21.59 24.40 -18.62
C GLY F 100 -22.42 23.33 -19.31
N ARG F 101 -21.98 22.97 -20.52
CA ARG F 101 -22.63 21.91 -21.28
C ARG F 101 -22.16 20.53 -20.86
N LEU F 102 -21.05 20.44 -20.14
CA LEU F 102 -20.48 19.17 -19.72
C LEU F 102 -20.89 18.86 -18.29
N VAL F 103 -21.33 17.64 -18.06
CA VAL F 103 -21.70 17.16 -16.73
C VAL F 103 -20.76 16.02 -16.37
N PHE F 104 -19.85 16.26 -15.44
CA PHE F 104 -18.93 15.24 -14.96
C PHE F 104 -19.60 14.45 -13.83
N ARG F 105 -19.17 13.21 -13.67
CA ARG F 105 -19.71 12.33 -12.65
C ARG F 105 -18.59 11.83 -11.73
N ASP F 106 -18.97 11.36 -10.56
CA ASP F 106 -18.03 10.68 -9.67
C ASP F 106 -17.94 9.21 -10.03
N THR F 107 -16.74 8.66 -9.96
CA THR F 107 -16.47 7.30 -10.40
C THR F 107 -15.80 6.52 -9.28
N LYS F 108 -16.17 5.26 -9.12
CA LYS F 108 -15.51 4.38 -8.16
C LYS F 108 -15.05 3.10 -8.86
N LEU F 109 -14.33 2.28 -8.10
CA LEU F 109 -13.63 1.13 -8.64
C LEU F 109 -14.60 0.06 -9.12
N THR F 110 -14.34 -0.48 -10.31
CA THR F 110 -15.22 -1.47 -10.93
C THR F 110 -14.66 -2.88 -10.94
N ASN F 111 -13.38 -3.06 -11.24
CA ASN F 111 -12.81 -4.41 -11.34
C ASN F 111 -12.27 -4.90 -10.00
N LYS F 112 -13.11 -4.85 -8.97
CA LYS F 112 -12.66 -5.25 -7.65
C LYS F 112 -12.56 -6.76 -7.53
N ASP F 113 -13.31 -7.50 -8.34
CA ASP F 113 -13.22 -8.96 -8.35
C ASP F 113 -12.11 -9.48 -9.25
N ASP F 114 -11.70 -8.69 -10.24
CA ASP F 114 -10.59 -9.08 -11.09
C ASP F 114 -9.25 -8.90 -10.38
N LEU F 115 -9.14 -7.92 -9.48
CA LEU F 115 -7.88 -7.69 -8.78
C LEU F 115 -7.65 -8.74 -7.71
N GLU F 116 -8.70 -9.14 -7.00
CA GLU F 116 -8.54 -10.13 -5.93
C GLU F 116 -8.32 -11.54 -6.46
N ALA F 117 -8.70 -11.80 -7.71
CA ALA F 117 -8.43 -13.10 -8.30
C ALA F 117 -6.97 -13.27 -8.67
N ARG F 118 -6.28 -12.18 -8.99
CA ARG F 118 -4.88 -12.20 -9.36
C ARG F 118 -3.96 -11.92 -8.18
N GLY F 119 -4.43 -12.13 -6.96
CA GLY F 119 -3.57 -12.08 -5.80
C GLY F 119 -3.30 -10.71 -5.22
N ALA F 120 -4.27 -9.81 -5.21
CA ALA F 120 -4.14 -8.53 -4.55
C ALA F 120 -4.91 -8.57 -3.24
N LYS F 121 -4.19 -8.42 -2.12
CA LYS F 121 -4.83 -8.50 -0.81
C LYS F 121 -5.64 -7.25 -0.52
N THR F 122 -5.00 -6.09 -0.53
CA THR F 122 -5.66 -4.83 -0.27
C THR F 122 -5.74 -4.00 -1.55
N LEU F 123 -6.76 -3.17 -1.64
CA LEU F 123 -6.94 -2.32 -2.80
C LEU F 123 -6.02 -1.09 -2.80
N THR F 124 -5.36 -0.82 -1.68
CA THR F 124 -4.44 0.30 -1.58
C THR F 124 -3.10 -0.20 -1.04
N GLU F 125 -2.04 0.50 -1.41
CA GLU F 125 -0.70 0.21 -0.93
C GLU F 125 -0.20 1.34 -0.05
N VAL F 126 0.63 1.00 0.93
CA VAL F 126 1.25 1.98 1.81
C VAL F 126 2.70 2.14 1.39
N LYS F 127 3.06 3.36 0.99
CA LYS F 127 4.39 3.66 0.48
C LYS F 127 5.19 4.37 1.56
N PHE F 128 6.41 3.92 1.78
CA PHE F 128 7.31 4.50 2.78
C PHE F 128 8.28 5.44 2.07
N GLU F 129 8.30 6.69 2.49
CA GLU F 129 9.15 7.69 1.88
C GLU F 129 10.09 8.27 2.94
N ASN F 130 10.87 9.27 2.54
CA ASN F 130 11.96 9.74 3.38
C ASN F 130 12.28 11.18 3.01
N ALA F 131 12.89 11.89 3.95
CA ALA F 131 13.29 13.27 3.72
C ALA F 131 14.58 13.50 4.51
N ILE F 132 15.71 13.42 3.83
CA ILE F 132 17.01 13.45 4.48
C ILE F 132 17.40 14.90 4.75
N ASN F 133 17.68 15.21 6.03
CA ASN F 133 18.14 16.53 6.40
C ASN F 133 19.57 16.74 5.94
N ARG F 134 19.81 17.84 5.24
CA ARG F 134 21.10 18.07 4.60
C ARG F 134 22.21 18.48 5.56
N VAL F 135 21.88 18.80 6.81
CA VAL F 135 22.86 19.24 7.79
C VAL F 135 23.37 18.08 8.64
N THR F 136 22.48 17.19 9.05
CA THR F 136 22.83 16.11 9.97
C THR F 136 22.73 14.72 9.35
N ALA F 137 22.29 14.62 8.09
CA ALA F 137 22.16 13.36 7.33
C ALA F 137 21.24 12.36 8.04
N LYS F 138 20.14 12.85 8.59
CA LYS F 138 19.19 12.03 9.31
C LYS F 138 17.90 11.89 8.52
N ALA F 139 17.21 10.77 8.74
CA ALA F 139 16.01 10.42 7.99
C ALA F 139 14.76 10.88 8.72
N ASN F 140 13.72 11.20 7.93
CA ASN F 140 12.42 11.61 8.44
C ASN F 140 11.36 10.78 7.72
N LEU F 141 10.93 9.70 8.35
CA LEU F 141 10.04 8.74 7.71
C LEU F 141 8.61 9.26 7.65
N ARG F 142 7.97 9.07 6.50
CA ARG F 142 6.55 9.35 6.33
C ARG F 142 5.93 8.20 5.55
N GLN F 143 4.61 8.05 5.71
CA GLN F 143 3.86 6.95 5.09
C GLN F 143 2.71 7.50 4.28
N MET F 144 2.62 7.09 3.03
CA MET F 144 1.60 7.56 2.11
C MET F 144 0.79 6.38 1.59
N GLU F 145 -0.50 6.59 1.42
CA GLU F 145 -1.40 5.58 0.87
C GLU F 145 -1.83 5.99 -0.52
N ARG F 146 -1.90 5.01 -1.43
CA ARG F 146 -2.27 5.29 -2.81
C ARG F 146 -2.92 4.08 -3.45
N VAL F 147 -3.73 4.33 -4.46
CA VAL F 147 -4.41 3.26 -5.19
C VAL F 147 -3.40 2.55 -6.09
N ILE F 148 -3.44 1.22 -6.08
CA ILE F 148 -2.46 0.40 -6.78
C ILE F 148 -2.62 0.53 -8.29
N PRO F 149 -1.56 0.33 -9.08
CA PRO F 149 -1.71 0.34 -10.53
C PRO F 149 -2.43 -0.91 -11.02
N GLY F 150 -3.18 -0.74 -12.11
CA GLY F 150 -4.00 -1.80 -12.65
C GLY F 150 -5.48 -1.63 -12.37
N SER F 151 -5.85 -0.67 -11.54
CA SER F 151 -7.25 -0.40 -11.23
C SER F 151 -7.95 0.22 -12.44
N GLU F 152 -9.27 0.14 -12.43
CA GLU F 152 -10.07 0.67 -13.53
C GLU F 152 -11.29 1.40 -12.99
N PHE F 153 -11.65 2.49 -13.66
CA PHE F 153 -12.79 3.32 -13.28
C PHE F 153 -13.65 3.54 -14.51
N ALA F 154 -14.95 3.36 -14.37
CA ALA F 154 -15.88 3.43 -15.50
C ALA F 154 -16.21 4.90 -15.78
N PHE F 155 -15.42 5.52 -16.67
CA PHE F 155 -15.53 6.93 -17.00
C PHE F 155 -16.86 7.24 -17.69
N SER F 156 -17.41 8.42 -17.41
CA SER F 156 -18.67 8.84 -17.99
C SER F 156 -18.73 10.35 -18.02
N LEU F 157 -19.45 10.88 -19.02
CA LEU F 157 -19.49 12.31 -19.30
C LEU F 157 -20.67 12.63 -20.23
N VAL F 158 -21.48 13.63 -19.88
CA VAL F 158 -22.71 13.93 -20.60
C VAL F 158 -22.62 15.32 -21.20
N TYR F 159 -22.95 15.44 -22.48
CA TYR F 159 -22.99 16.70 -23.20
C TYR F 159 -24.42 17.03 -23.57
N GLU F 160 -24.74 18.33 -23.61
CA GLU F 160 -26.11 18.79 -23.83
C GLU F 160 -26.14 19.82 -24.95
N VAL F 161 -27.09 19.66 -25.87
CA VAL F 161 -27.32 20.58 -26.98
C VAL F 161 -28.65 21.28 -26.73
N SER F 162 -28.61 22.56 -26.39
CA SER F 162 -29.82 23.30 -26.06
C SER F 162 -29.57 24.79 -26.27
N PHE F 163 -30.59 25.60 -25.95
CA PHE F 163 -30.46 27.05 -26.07
C PHE F 163 -29.48 27.61 -25.05
N GLY F 164 -29.43 27.04 -23.86
CA GLY F 164 -28.53 27.51 -22.83
C GLY F 164 -29.07 28.70 -22.08
N THR F 165 -28.35 29.81 -22.13
CA THR F 165 -28.68 31.00 -21.35
C THR F 165 -28.33 32.23 -22.19
N PRO F 166 -29.32 32.86 -22.81
CA PRO F 166 -29.05 34.11 -23.54
C PRO F 166 -28.94 35.31 -22.60
N GLY F 167 -28.85 36.51 -23.16
CA GLY F 167 -28.82 37.72 -22.37
C GLY F 167 -30.13 38.49 -22.48
N GLU F 168 -30.13 39.67 -21.87
CA GLU F 168 -31.22 40.61 -21.99
C GLU F 168 -31.15 41.44 -23.27
N GLU F 169 -30.05 41.34 -24.02
CA GLU F 169 -29.83 42.16 -25.19
C GLU F 169 -29.81 41.37 -26.50
N GLN F 170 -29.44 40.09 -26.45
CA GLN F 170 -29.31 39.27 -27.64
C GLN F 170 -30.51 38.34 -27.76
N LYS F 171 -30.45 37.47 -28.78
CA LYS F 171 -31.45 36.45 -29.00
C LYS F 171 -30.79 35.08 -28.92
N ALA F 172 -31.61 34.06 -28.68
CA ALA F 172 -31.12 32.71 -28.40
C ALA F 172 -31.36 31.80 -29.60
N SER F 173 -30.36 30.99 -29.92
CA SER F 173 -30.48 29.98 -30.97
C SER F 173 -29.62 28.78 -30.58
N LEU F 174 -29.89 27.66 -31.25
CA LEU F 174 -29.16 26.43 -30.98
C LEU F 174 -27.74 26.54 -31.52
N PRO F 175 -26.80 25.81 -30.92
CA PRO F 175 -25.46 25.71 -31.53
C PRO F 175 -25.53 24.91 -32.82
N SER F 176 -24.79 25.38 -33.83
CA SER F 176 -24.82 24.75 -35.13
C SER F 176 -24.06 23.43 -35.12
N SER F 177 -24.07 22.75 -36.26
CA SER F 177 -23.40 21.45 -36.37
C SER F 177 -21.89 21.57 -36.47
N ASP F 178 -21.34 22.77 -36.52
CA ASP F 178 -19.91 23.00 -36.53
C ASP F 178 -19.37 23.47 -35.19
N GLU F 179 -20.24 23.85 -34.25
CA GLU F 179 -19.82 24.13 -32.89
C GLU F 179 -19.83 22.89 -32.01
N ILE F 180 -20.62 21.87 -32.38
CA ILE F 180 -20.58 20.61 -31.66
C ILE F 180 -19.33 19.82 -32.07
N ILE F 181 -18.86 20.02 -33.30
CA ILE F 181 -17.64 19.36 -33.76
C ILE F 181 -16.42 19.96 -33.06
N GLU F 182 -16.37 21.28 -32.95
CA GLU F 182 -15.23 21.92 -32.30
C GLU F 182 -15.35 21.95 -30.79
N ASP F 183 -16.48 21.52 -30.22
CA ASP F 183 -16.55 21.29 -28.78
C ASP F 183 -16.02 19.91 -28.42
N PHE F 184 -16.26 18.92 -29.28
CA PHE F 184 -15.67 17.60 -29.10
C PHE F 184 -14.21 17.56 -29.52
N ASN F 185 -13.70 18.61 -30.17
CA ASN F 185 -12.29 18.73 -30.45
C ASN F 185 -11.52 19.35 -29.30
N ALA F 186 -12.21 19.97 -28.34
CA ALA F 186 -11.59 20.46 -27.13
C ALA F 186 -11.70 19.49 -25.96
N ILE F 187 -12.70 18.60 -25.99
CA ILE F 187 -12.75 17.51 -25.04
C ILE F 187 -11.67 16.48 -25.36
N ALA F 188 -11.48 16.18 -26.64
CA ALA F 188 -10.60 15.09 -27.04
C ALA F 188 -9.13 15.46 -26.87
N ARG F 189 -8.79 16.74 -26.90
CA ARG F 189 -7.42 17.16 -26.63
C ARG F 189 -7.24 17.68 -25.21
N GLY F 190 -8.29 17.66 -24.40
CA GLY F 190 -8.16 17.94 -22.98
C GLY F 190 -7.90 16.65 -22.23
N LEU F 191 -8.34 15.53 -22.81
CA LEU F 191 -8.03 14.22 -22.30
C LEU F 191 -6.71 13.69 -22.83
N LYS F 192 -6.13 14.34 -23.83
CA LYS F 192 -4.79 14.00 -24.28
C LYS F 192 -3.72 14.72 -23.46
N LEU F 193 -4.03 15.93 -22.98
CA LEU F 193 -3.12 16.61 -22.07
C LEU F 193 -3.10 15.95 -20.69
N LEU F 194 -4.18 15.28 -20.30
CA LEU F 194 -4.21 14.60 -19.01
C LEU F 194 -3.37 13.33 -19.05
N GLU F 195 -3.29 12.66 -20.20
CA GLU F 195 -2.45 11.47 -20.31
C GLU F 195 -0.97 11.81 -20.32
N LEU F 196 -0.60 13.04 -20.68
CA LEU F 196 0.76 13.52 -20.59
C LEU F 196 1.01 14.30 -19.30
N ASP F 197 0.15 14.12 -18.31
CA ASP F 197 0.27 14.79 -17.03
C ASP F 197 -0.28 13.83 -15.97
N TYR F 198 -0.57 14.35 -14.79
CA TYR F 198 -0.99 13.51 -13.68
C TYR F 198 -2.35 13.94 -13.17
N LEU F 199 -2.89 13.12 -12.27
CA LEU F 199 -4.14 13.39 -11.57
C LEU F 199 -3.89 13.17 -10.09
N GLY F 200 -4.42 14.06 -9.26
CA GLY F 200 -4.17 13.96 -7.84
C GLY F 200 -2.91 14.68 -7.41
N GLY F 201 -2.26 14.19 -6.36
CA GLY F 201 -1.12 14.89 -5.81
C GLY F 201 0.20 14.15 -5.93
N SER F 202 1.30 14.88 -5.65
CA SER F 202 2.68 14.39 -5.72
C SER F 202 3.03 13.83 -7.10
N GLY F 203 2.55 14.48 -8.15
CA GLY F 203 2.68 13.94 -9.47
C GLY F 203 4.02 14.17 -10.12
N THR F 204 4.81 15.10 -9.59
CA THR F 204 6.17 15.27 -10.08
C THR F 204 7.13 14.25 -9.50
N ARG F 205 6.67 13.42 -8.56
CA ARG F 205 7.46 12.34 -7.99
C ARG F 205 6.91 10.96 -8.34
N GLY F 206 6.24 10.83 -9.49
CA GLY F 206 5.84 9.54 -10.00
C GLY F 206 4.39 9.17 -9.85
N TYR F 207 3.61 9.94 -9.10
CA TYR F 207 2.24 9.55 -8.75
C TYR F 207 1.26 9.91 -9.87
N GLY F 208 0.26 9.05 -10.04
CA GLY F 208 -0.97 9.45 -10.70
C GLY F 208 -0.97 9.50 -12.20
N GLN F 209 -0.32 8.57 -12.88
CA GLN F 209 -0.38 8.47 -14.32
C GLN F 209 -1.58 7.62 -14.72
N VAL F 210 -2.36 8.11 -15.69
CA VAL F 210 -3.60 7.46 -16.10
C VAL F 210 -3.61 7.31 -17.62
N LYS F 211 -4.57 6.54 -18.12
CA LYS F 211 -4.76 6.37 -19.55
C LYS F 211 -6.23 6.05 -19.82
N PHE F 212 -6.74 6.53 -20.95
CA PHE F 212 -8.14 6.35 -21.32
C PHE F 212 -8.28 5.24 -22.35
N SER F 213 -9.44 4.58 -22.33
CA SER F 213 -9.70 3.47 -23.23
C SER F 213 -11.17 3.51 -23.66
N ASN F 214 -11.43 3.16 -24.92
CA ASN F 214 -12.76 2.84 -25.45
C ASN F 214 -13.73 4.03 -25.36
N LEU F 215 -13.25 5.20 -25.76
CA LEU F 215 -14.12 6.37 -25.78
C LEU F 215 -15.09 6.29 -26.94
N LYS F 216 -16.36 6.56 -26.66
CA LYS F 216 -17.43 6.33 -27.63
C LYS F 216 -18.62 7.19 -27.26
N ALA F 217 -19.03 8.06 -28.17
CA ALA F 217 -20.20 8.90 -27.95
C ALA F 217 -21.46 8.19 -28.41
N ARG F 218 -22.59 8.57 -27.83
CA ARG F 218 -23.86 7.92 -28.11
C ARG F 218 -24.99 8.86 -27.72
N ALA F 219 -25.93 9.06 -28.64
CA ALA F 219 -27.09 9.89 -28.34
C ALA F 219 -28.04 9.12 -27.42
N ALA F 220 -28.41 9.75 -26.31
CA ALA F 220 -29.27 9.14 -25.30
C ALA F 220 -30.71 9.63 -25.41
N VAL F 221 -30.91 10.94 -25.35
CA VAL F 221 -32.22 11.57 -25.55
C VAL F 221 -32.09 12.50 -26.75
N GLY F 222 -33.03 12.40 -27.68
CA GLY F 222 -33.05 13.31 -28.79
C GLY F 222 -32.55 12.67 -30.08
N ALA F 223 -32.96 13.24 -31.19
CA ALA F 223 -32.60 12.72 -32.51
C ALA F 223 -31.41 13.49 -33.06
N LEU F 224 -30.34 12.77 -33.36
CA LEU F 224 -29.14 13.35 -33.94
C LEU F 224 -29.09 13.12 -35.44
N ASP F 225 -28.28 13.94 -36.11
CA ASP F 225 -27.99 13.74 -37.51
C ASP F 225 -27.12 12.49 -37.67
N GLY F 226 -27.31 11.80 -38.79
CA GLY F 226 -26.51 10.61 -39.05
C GLY F 226 -25.08 10.92 -39.46
N SER F 227 -24.87 12.09 -40.05
CA SER F 227 -23.54 12.53 -40.46
C SER F 227 -22.77 13.23 -39.36
N LEU F 228 -23.37 13.37 -38.17
CA LEU F 228 -22.71 14.04 -37.05
C LEU F 228 -22.14 13.07 -36.05
N LEU F 229 -22.85 11.98 -35.75
CA LEU F 229 -22.39 11.04 -34.73
C LEU F 229 -21.17 10.24 -35.20
N GLU F 230 -21.05 10.01 -36.51
CA GLU F 230 -19.84 9.35 -37.00
C GLU F 230 -18.65 10.28 -37.02
N LYS F 231 -18.86 11.59 -36.97
CA LYS F 231 -17.76 12.54 -36.90
C LYS F 231 -17.37 12.89 -35.48
N LEU F 232 -18.30 12.78 -34.52
CA LEU F 232 -17.94 12.97 -33.12
C LEU F 232 -17.12 11.80 -32.59
N ASN F 233 -17.38 10.59 -33.09
CA ASN F 233 -16.56 9.44 -32.76
C ASN F 233 -15.23 9.42 -33.50
N HIS F 234 -15.04 10.31 -34.47
CA HIS F 234 -13.74 10.45 -35.13
C HIS F 234 -12.82 11.39 -34.38
N GLU F 235 -13.37 12.35 -33.63
CA GLU F 235 -12.54 13.19 -32.79
C GLU F 235 -12.08 12.45 -31.55
N LEU F 236 -12.92 11.58 -31.00
CA LEU F 236 -12.60 10.79 -29.82
C LEU F 236 -11.81 9.52 -30.14
N ALA F 237 -11.25 9.40 -31.35
CA ALA F 237 -10.40 8.26 -31.65
C ALA F 237 -9.01 8.45 -31.06
N ALA F 238 -8.44 9.64 -31.21
CA ALA F 238 -7.22 10.00 -30.50
C ALA F 238 -7.61 10.37 -29.06
N VAL F 239 -7.72 9.33 -28.23
CA VAL F 239 -8.26 9.45 -26.88
C VAL F 239 -7.34 10.25 -25.96
N THR G 5 -64.18 11.19 -20.11
CA THR G 5 -63.79 9.96 -19.44
C THR G 5 -64.93 9.46 -18.56
N THR G 6 -66.02 10.24 -18.56
CA THR G 6 -67.33 9.99 -17.97
C THR G 6 -67.32 9.95 -16.43
N SER G 7 -66.17 10.12 -15.76
CA SER G 7 -66.14 10.03 -14.32
C SER G 7 -64.97 10.83 -13.77
N TYR G 8 -65.04 11.08 -12.46
CA TYR G 8 -63.99 11.74 -11.70
C TYR G 8 -63.05 10.68 -11.14
N ALA G 9 -61.75 10.94 -11.21
CA ALA G 9 -60.77 9.95 -10.77
C ALA G 9 -59.51 10.64 -10.30
N LYS G 10 -58.78 9.97 -9.40
CA LYS G 10 -57.49 10.44 -8.93
C LYS G 10 -56.51 9.28 -9.01
N ILE G 11 -55.59 9.35 -9.98
CA ILE G 11 -54.59 8.32 -10.21
C ILE G 11 -53.32 8.72 -9.48
N GLU G 12 -52.64 7.75 -8.87
CA GLU G 12 -51.43 8.05 -8.12
C GLU G 12 -50.28 7.14 -8.57
N ILE G 13 -49.13 7.74 -8.78
CA ILE G 13 -47.91 7.04 -9.19
C ILE G 13 -47.02 6.89 -7.97
N THR G 14 -46.48 5.68 -7.78
CA THR G 14 -45.59 5.41 -6.66
C THR G 14 -44.32 4.73 -7.17
N GLY G 15 -43.19 5.10 -6.59
CA GLY G 15 -41.92 4.53 -6.98
C GLY G 15 -40.88 4.69 -5.90
N THR G 16 -39.62 4.58 -6.31
CA THR G 16 -38.49 4.71 -5.39
C THR G 16 -37.41 5.54 -6.05
N LEU G 17 -36.93 6.57 -5.37
CA LEU G 17 -35.86 7.43 -5.86
C LEU G 17 -34.57 7.02 -5.17
N THR G 18 -33.68 6.35 -5.90
CA THR G 18 -32.42 5.85 -5.36
C THR G 18 -31.30 6.81 -5.69
N VAL G 19 -30.48 7.11 -4.69
CA VAL G 19 -29.38 8.06 -4.83
C VAL G 19 -28.14 7.32 -5.29
N LEU G 20 -27.52 7.79 -6.38
CA LEU G 20 -26.30 7.18 -6.91
C LEU G 20 -25.04 7.99 -6.63
N THR G 21 -25.15 9.31 -6.54
CA THR G 21 -24.03 10.17 -6.19
C THR G 21 -24.53 11.20 -5.19
N GLY G 22 -23.59 11.76 -4.42
CA GLY G 22 -23.89 12.61 -3.27
C GLY G 22 -24.77 13.82 -3.53
N LEU G 23 -25.97 13.77 -2.97
CA LEU G 23 -27.00 14.77 -3.23
C LEU G 23 -26.87 15.93 -2.27
N GLN G 24 -27.00 17.14 -2.80
CA GLN G 24 -26.93 18.35 -1.97
C GLN G 24 -28.04 19.29 -2.38
N ILE G 25 -29.08 19.38 -1.55
CA ILE G 25 -30.13 20.38 -1.68
C ILE G 25 -29.94 21.35 -0.52
N GLY G 26 -29.51 22.56 -0.83
CA GLY G 26 -29.11 23.49 0.21
C GLY G 26 -30.29 24.06 0.98
N ALA G 27 -30.04 24.40 2.24
CA ALA G 27 -31.06 24.91 3.14
C ALA G 27 -30.80 26.33 3.60
N GLY G 28 -29.70 26.94 3.19
CA GLY G 28 -29.40 28.30 3.56
C GLY G 28 -29.02 28.47 5.02
N ASP G 29 -29.91 29.09 5.79
CA ASP G 29 -29.68 29.37 7.20
C ASP G 29 -30.70 28.64 8.05
N GLY G 30 -30.27 28.17 9.22
CA GLY G 30 -31.17 27.47 10.12
C GLY G 30 -30.50 27.00 11.40
N PHE G 31 -30.97 25.87 11.93
CA PHE G 31 -30.42 25.28 13.15
C PHE G 31 -29.05 24.70 12.84
N SER G 32 -28.01 25.39 13.32
CA SER G 32 -26.62 25.05 13.02
C SER G 32 -25.78 25.10 14.30
N ALA G 33 -26.24 24.42 15.35
CA ALA G 33 -25.54 24.45 16.64
C ALA G 33 -24.19 23.77 16.55
N ILE G 34 -24.18 22.48 16.19
CA ILE G 34 -22.95 21.75 15.95
C ILE G 34 -22.97 21.26 14.51
N GLY G 35 -21.79 21.17 13.90
CA GLY G 35 -21.71 20.91 12.48
C GLY G 35 -21.79 22.20 11.70
N ALA G 36 -20.84 23.11 11.95
CA ALA G 36 -20.86 24.46 11.39
C ALA G 36 -20.26 24.50 9.99
N VAL G 37 -20.88 23.74 9.09
CA VAL G 37 -20.49 23.78 7.68
C VAL G 37 -21.15 24.97 6.99
N ASP G 38 -20.54 25.42 5.90
CA ASP G 38 -21.09 26.52 5.13
C ASP G 38 -22.18 26.08 4.17
N LYS G 39 -22.34 24.78 3.94
CA LYS G 39 -23.38 24.24 3.06
C LYS G 39 -24.08 23.09 3.75
N PRO G 40 -25.15 23.36 4.50
CA PRO G 40 -25.98 22.30 5.06
C PRO G 40 -27.06 21.87 4.07
N VAL G 41 -27.68 20.74 4.39
CA VAL G 41 -28.72 20.17 3.55
C VAL G 41 -30.07 20.31 4.22
N VAL G 42 -31.13 20.10 3.46
CA VAL G 42 -32.49 20.21 3.96
C VAL G 42 -32.81 18.98 4.79
N ARG G 43 -33.25 19.18 6.02
CA ARG G 43 -33.59 18.09 6.93
C ARG G 43 -35.02 18.25 7.42
N ASP G 44 -35.53 17.18 8.04
CA ASP G 44 -36.83 17.19 8.67
C ASP G 44 -36.72 17.81 10.07
N PRO G 45 -37.66 18.69 10.45
CA PRO G 45 -37.49 19.42 11.71
C PRO G 45 -37.68 18.57 12.96
N LEU G 46 -38.44 17.48 12.90
CA LEU G 46 -38.73 16.67 14.09
C LEU G 46 -37.92 15.39 14.15
N SER G 47 -37.75 14.69 13.03
CA SER G 47 -37.06 13.40 13.02
C SER G 47 -35.60 13.51 12.60
N ARG G 48 -35.16 14.71 12.20
CA ARG G 48 -33.77 15.01 11.80
CA ARG G 48 -33.78 15.01 11.79
C ARG G 48 -33.30 14.15 10.64
N LEU G 49 -34.21 13.75 9.77
CA LEU G 49 -33.82 12.97 8.60
C LEU G 49 -33.69 13.89 7.39
N PRO G 50 -32.81 13.57 6.45
CA PRO G 50 -32.76 14.34 5.20
C PRO G 50 -34.01 14.10 4.36
N MET G 51 -34.35 15.08 3.53
CA MET G 51 -35.54 14.98 2.71
C MET G 51 -35.33 15.72 1.40
N ILE G 52 -36.22 15.46 0.46
CA ILE G 52 -36.26 16.12 -0.83
C ILE G 52 -37.58 16.88 -0.92
N PRO G 53 -37.56 18.20 -1.05
CA PRO G 53 -38.83 18.95 -1.11
C PRO G 53 -39.53 18.75 -2.43
N GLY G 54 -40.81 19.15 -2.47
CA GLY G 54 -41.56 19.08 -3.70
C GLY G 54 -41.29 20.22 -4.65
N THR G 55 -40.69 21.31 -4.16
CA THR G 55 -40.35 22.42 -5.03
C THR G 55 -39.10 22.13 -5.85
N SER G 56 -38.16 21.35 -5.32
CA SER G 56 -36.93 21.04 -6.03
C SER G 56 -37.11 19.91 -7.03
N LEU G 57 -38.17 19.13 -6.92
CA LEU G 57 -38.48 18.13 -7.93
C LEU G 57 -39.43 18.65 -9.00
N LYS G 58 -40.32 19.57 -8.66
CA LYS G 58 -41.24 20.12 -9.66
C LYS G 58 -40.53 21.11 -10.56
N GLY G 59 -39.70 21.98 -9.99
CA GLY G 59 -39.03 22.99 -10.78
C GLY G 59 -37.95 22.46 -11.70
N LYS G 60 -37.40 21.28 -11.39
CA LYS G 60 -36.37 20.70 -12.23
C LYS G 60 -36.95 19.94 -13.41
N VAL G 61 -38.08 19.25 -13.22
CA VAL G 61 -38.71 18.53 -14.31
C VAL G 61 -39.37 19.49 -15.29
N ARG G 62 -39.93 20.60 -14.80
CA ARG G 62 -40.52 21.60 -15.69
C ARG G 62 -39.45 22.33 -16.49
N THR G 63 -38.25 22.50 -15.92
CA THR G 63 -37.17 23.16 -16.64
C THR G 63 -36.61 22.26 -17.74
N LEU G 64 -36.55 20.95 -17.49
CA LEU G 64 -36.04 20.03 -18.51
C LEU G 64 -37.02 19.83 -19.63
N LEU G 65 -38.33 19.97 -19.37
CA LEU G 65 -39.32 19.83 -20.43
C LEU G 65 -39.51 21.12 -21.21
N SER G 66 -39.19 22.28 -20.62
CA SER G 66 -39.24 23.53 -21.36
C SER G 66 -38.09 23.64 -22.35
N ARG G 67 -36.97 22.97 -22.07
CA ARG G 67 -35.85 22.94 -23.00
C ARG G 67 -36.06 21.95 -24.12
N GLN G 68 -36.73 20.83 -23.84
CA GLN G 68 -36.98 19.84 -24.88
C GLN G 68 -38.07 20.29 -25.83
N TYR G 69 -39.15 20.86 -25.31
CA TYR G 69 -40.20 21.38 -26.18
C TYR G 69 -39.81 22.68 -26.85
N GLY G 70 -38.95 23.46 -26.20
CA GLY G 70 -38.56 24.75 -26.77
C GLY G 70 -37.60 24.64 -27.93
N ALA G 71 -36.82 23.56 -27.99
CA ALA G 71 -35.86 23.38 -29.06
C ALA G 71 -36.41 22.55 -30.22
N ASP G 72 -37.42 21.71 -29.97
CA ASP G 72 -38.02 20.95 -31.06
C ASP G 72 -38.92 21.82 -31.93
N THR G 73 -39.36 22.97 -31.43
CA THR G 73 -40.14 23.92 -32.21
C THR G 73 -39.39 25.22 -32.45
N GLU G 74 -38.09 25.26 -32.12
CA GLU G 74 -37.19 26.42 -32.11
C GLU G 74 -37.86 27.71 -31.64
N THR G 75 -38.38 27.65 -30.41
CA THR G 75 -39.01 28.81 -29.77
C THR G 75 -38.57 28.85 -28.31
N PHE G 76 -37.95 29.95 -27.90
CA PHE G 76 -37.45 30.09 -26.54
C PHE G 76 -38.56 30.61 -25.62
N TYR G 77 -38.61 30.05 -24.41
CA TYR G 77 -39.64 30.37 -23.43
C TYR G 77 -39.02 31.23 -22.33
N ARG G 78 -39.36 32.51 -22.31
CA ARG G 78 -38.72 33.47 -21.41
C ARG G 78 -39.16 33.32 -19.96
N LYS G 79 -40.33 32.74 -19.70
CA LYS G 79 -40.91 32.71 -18.37
C LYS G 79 -41.94 31.58 -18.34
N PRO G 80 -42.29 31.08 -17.14
CA PRO G 80 -43.22 29.93 -17.08
C PRO G 80 -44.63 30.19 -17.58
N ASN G 81 -45.05 31.44 -17.76
CA ASN G 81 -46.34 31.72 -18.37
C ASN G 81 -46.32 31.66 -19.89
N GLU G 82 -45.16 31.36 -20.49
CA GLU G 82 -45.01 31.30 -21.93
C GLU G 82 -44.70 29.90 -22.43
N ASP G 83 -44.86 28.88 -21.58
CA ASP G 83 -44.45 27.53 -21.93
C ASP G 83 -45.44 26.90 -22.93
N HIS G 84 -45.16 25.64 -23.25
CA HIS G 84 -46.01 24.89 -24.15
C HIS G 84 -47.35 24.58 -23.49
N ALA G 85 -48.36 24.29 -24.30
CA ALA G 85 -49.69 24.01 -23.78
C ALA G 85 -49.73 22.67 -23.03
N HIS G 86 -48.87 21.73 -23.39
CA HIS G 86 -48.79 20.47 -22.68
C HIS G 86 -48.04 20.59 -21.36
N ILE G 87 -47.21 21.62 -21.21
CA ILE G 87 -46.51 21.84 -19.95
C ILE G 87 -47.40 22.58 -18.96
N ARG G 88 -48.15 23.58 -19.45
CA ARG G 88 -48.95 24.43 -18.57
C ARG G 88 -50.24 23.78 -18.10
N ARG G 89 -50.59 22.59 -18.59
CA ARG G 89 -51.76 21.89 -18.07
C ARG G 89 -51.40 20.79 -17.09
N LEU G 90 -50.13 20.41 -17.00
CA LEU G 90 -49.67 19.50 -15.97
C LEU G 90 -49.11 20.24 -14.76
N PHE G 91 -48.45 21.37 -14.99
CA PHE G 91 -47.82 22.13 -13.93
C PHE G 91 -48.54 23.43 -13.62
N GLY G 92 -49.58 23.78 -14.37
CA GLY G 92 -50.37 24.95 -14.09
C GLY G 92 -49.71 26.24 -14.54
N ASP G 93 -50.52 27.30 -14.55
CA ASP G 93 -50.06 28.64 -14.87
C ASP G 93 -51.01 29.63 -14.21
N THR G 94 -50.93 30.89 -14.61
CA THR G 94 -51.76 31.93 -14.03
C THR G 94 -52.85 32.44 -14.96
N GLU G 95 -52.71 32.25 -16.28
CA GLU G 95 -53.65 32.81 -17.24
C GLU G 95 -54.75 31.83 -17.64
N GLU G 96 -54.37 30.68 -18.20
CA GLU G 96 -55.33 29.79 -18.87
C GLU G 96 -55.71 28.60 -18.01
N TYR G 97 -54.72 27.82 -17.57
CA TYR G 97 -54.94 26.72 -16.64
C TYR G 97 -54.45 27.16 -15.27
N MET G 98 -55.36 27.22 -14.30
CA MET G 98 -55.00 27.81 -13.02
C MET G 98 -54.15 26.87 -12.17
N THR G 99 -54.67 25.70 -11.83
CA THR G 99 -53.92 24.75 -11.06
C THR G 99 -53.45 23.60 -11.93
N GLY G 100 -52.38 22.95 -11.49
CA GLY G 100 -51.88 21.80 -12.20
C GLY G 100 -52.64 20.54 -11.88
N ARG G 101 -52.52 19.56 -12.78
CA ARG G 101 -53.10 18.25 -12.53
C ARG G 101 -52.19 17.37 -11.70
N LEU G 102 -50.91 17.70 -11.61
CA LEU G 102 -49.94 16.93 -10.87
C LEU G 102 -49.70 17.54 -9.51
N VAL G 103 -49.66 16.69 -8.49
CA VAL G 103 -49.41 17.11 -7.11
C VAL G 103 -48.14 16.42 -6.65
N PHE G 104 -47.11 17.20 -6.38
CA PHE G 104 -45.85 16.67 -5.88
C PHE G 104 -45.89 16.60 -4.36
N ARG G 105 -45.05 15.74 -3.79
CA ARG G 105 -44.99 15.55 -2.35
C ARG G 105 -43.58 15.76 -1.83
N ASP G 106 -43.48 16.03 -0.54
CA ASP G 106 -42.21 16.04 0.16
C ASP G 106 -41.93 14.63 0.66
N THR G 107 -40.76 14.09 0.31
CA THR G 107 -40.41 12.72 0.63
C THR G 107 -39.19 12.67 1.54
N LYS G 108 -39.27 11.85 2.57
CA LYS G 108 -38.20 11.67 3.53
C LYS G 108 -37.41 10.40 3.23
N LEU G 109 -36.27 10.27 3.90
CA LEU G 109 -35.41 9.11 3.76
C LEU G 109 -36.07 7.90 4.38
N THR G 110 -36.35 6.88 3.56
CA THR G 110 -37.03 5.70 4.06
C THR G 110 -36.08 4.76 4.81
N ASN G 111 -35.06 4.26 4.12
CA ASN G 111 -34.17 3.29 4.73
C ASN G 111 -33.16 3.98 5.64
N LYS G 112 -33.21 3.65 6.91
CA LYS G 112 -32.16 3.99 7.87
C LYS G 112 -31.71 2.77 8.63
N ASP G 113 -32.61 1.81 8.88
CA ASP G 113 -32.22 0.56 9.52
C ASP G 113 -31.40 -0.33 8.59
N ASP G 114 -31.52 -0.15 7.27
CA ASP G 114 -30.72 -0.91 6.34
C ASP G 114 -29.34 -0.28 6.15
N LEU G 115 -29.25 1.04 6.21
CA LEU G 115 -27.95 1.69 6.07
C LEU G 115 -27.09 1.51 7.32
N GLU G 116 -27.71 1.62 8.50
CA GLU G 116 -26.96 1.47 9.75
C GLU G 116 -26.48 0.05 9.99
N ALA G 117 -27.10 -0.94 9.35
CA ALA G 117 -26.70 -2.34 9.51
C ALA G 117 -25.55 -2.73 8.59
N ARG G 118 -25.00 -1.81 7.80
CA ARG G 118 -23.94 -2.08 6.86
C ARG G 118 -22.83 -1.04 6.98
N GLY G 119 -22.61 -0.56 8.21
CA GLY G 119 -21.68 0.54 8.42
C GLY G 119 -22.43 1.82 8.70
N ALA G 120 -22.06 2.90 8.01
CA ALA G 120 -22.78 4.17 7.97
C ALA G 120 -22.94 4.78 9.36
N LYS G 121 -21.79 5.23 9.89
CA LYS G 121 -21.77 5.92 11.18
C LYS G 121 -22.65 7.17 11.17
N THR G 122 -22.70 7.88 10.05
CA THR G 122 -23.64 8.98 9.85
C THR G 122 -24.45 8.71 8.59
N LEU G 123 -25.53 9.48 8.42
CA LEU G 123 -26.33 9.39 7.20
C LEU G 123 -25.89 10.37 6.15
N THR G 124 -25.11 11.39 6.51
CA THR G 124 -24.49 12.31 5.58
C THR G 124 -22.98 12.20 5.69
N GLU G 125 -22.28 12.98 4.86
CA GLU G 125 -20.83 13.02 4.87
C GLU G 125 -20.39 14.46 4.65
N VAL G 126 -19.13 14.74 4.99
CA VAL G 126 -18.52 16.03 4.74
C VAL G 126 -17.39 15.82 3.75
N LYS G 127 -17.40 16.60 2.67
CA LYS G 127 -16.46 16.47 1.57
C LYS G 127 -15.67 17.75 1.43
N PHE G 128 -14.35 17.64 1.40
CA PHE G 128 -13.46 18.79 1.34
C PHE G 128 -13.11 19.11 -0.10
N GLU G 129 -13.20 20.39 -0.45
CA GLU G 129 -12.89 20.86 -1.80
C GLU G 129 -11.90 22.01 -1.68
N ASN G 130 -11.16 22.25 -2.76
CA ASN G 130 -9.97 23.10 -2.70
C ASN G 130 -9.85 23.91 -3.98
N ALA G 131 -10.34 25.16 -3.95
CA ALA G 131 -10.16 26.07 -5.05
C ALA G 131 -8.73 26.60 -5.04
N ILE G 132 -7.95 26.26 -6.06
CA ILE G 132 -6.55 26.63 -6.12
C ILE G 132 -6.41 27.94 -6.88
N ASN G 133 -5.71 28.90 -6.27
CA ASN G 133 -5.40 30.16 -6.93
C ASN G 133 -4.43 29.92 -8.08
N ARG G 134 -4.45 30.82 -9.05
CA ARG G 134 -3.59 30.70 -10.22
C ARG G 134 -2.41 31.65 -10.22
N VAL G 135 -2.52 32.79 -9.53
CA VAL G 135 -1.41 33.74 -9.50
C VAL G 135 -0.40 33.36 -8.44
N THR G 136 -0.87 32.92 -7.27
CA THR G 136 0.01 32.58 -6.16
C THR G 136 0.05 31.11 -5.83
N ALA G 137 -0.80 30.29 -6.48
CA ALA G 137 -0.90 28.83 -6.30
C ALA G 137 -1.19 28.43 -4.85
N LYS G 138 -1.90 29.28 -4.11
CA LYS G 138 -2.31 28.97 -2.75
C LYS G 138 -3.68 28.29 -2.76
N ALA G 139 -4.05 27.72 -1.63
CA ALA G 139 -5.24 26.88 -1.52
C ALA G 139 -6.32 27.54 -0.69
N ASN G 140 -7.57 27.34 -1.08
CA ASN G 140 -8.73 27.81 -0.34
C ASN G 140 -9.68 26.64 -0.14
N LEU G 141 -9.97 26.31 1.11
CA LEU G 141 -10.72 25.12 1.44
C LEU G 141 -12.18 25.46 1.76
N ARG G 142 -13.06 24.49 1.53
CA ARG G 142 -14.45 24.60 1.94
C ARG G 142 -14.98 23.21 2.25
N GLN G 143 -16.11 23.16 2.93
CA GLN G 143 -16.69 21.90 3.38
C GLN G 143 -18.13 21.82 2.91
N MET G 144 -18.48 20.70 2.27
CA MET G 144 -19.81 20.49 1.71
C MET G 144 -20.42 19.24 2.33
N GLU G 145 -21.71 19.29 2.63
CA GLU G 145 -22.43 18.15 3.19
C GLU G 145 -23.28 17.50 2.10
N ARG G 146 -23.24 16.17 2.04
CA ARG G 146 -23.91 15.41 1.00
C ARG G 146 -24.62 14.21 1.60
N VAL G 147 -25.81 13.90 1.06
CA VAL G 147 -26.46 12.63 1.37
C VAL G 147 -25.70 11.51 0.67
N ILE G 148 -25.35 10.47 1.42
CA ILE G 148 -24.46 9.41 0.95
C ILE G 148 -25.14 8.58 -0.14
N PRO G 149 -24.39 8.02 -1.09
CA PRO G 149 -25.01 7.16 -2.10
C PRO G 149 -25.51 5.86 -1.52
N GLY G 150 -26.60 5.37 -2.09
CA GLY G 150 -27.28 4.20 -1.58
C GLY G 150 -28.55 4.50 -0.82
N SER G 151 -28.84 5.77 -0.55
CA SER G 151 -30.04 6.15 0.16
C SER G 151 -31.25 6.00 -0.75
N GLU G 152 -32.38 5.59 -0.17
CA GLU G 152 -33.62 5.40 -0.90
C GLU G 152 -34.71 6.30 -0.33
N PHE G 153 -35.38 7.02 -1.21
CA PHE G 153 -36.48 7.89 -0.86
C PHE G 153 -37.76 7.34 -1.48
N ALA G 154 -38.88 7.56 -0.81
CA ALA G 154 -40.17 7.22 -1.40
C ALA G 154 -40.53 8.23 -2.49
N PHE G 155 -41.64 7.97 -3.17
CA PHE G 155 -42.03 8.82 -4.29
C PHE G 155 -43.52 8.68 -4.50
N SER G 156 -44.22 9.81 -4.61
CA SER G 156 -45.66 9.78 -4.81
C SER G 156 -46.11 11.04 -5.53
N LEU G 157 -46.87 10.85 -6.61
CA LEU G 157 -47.53 11.94 -7.30
C LEU G 157 -49.01 11.62 -7.38
N VAL G 158 -49.84 12.64 -7.54
CA VAL G 158 -51.28 12.48 -7.73
C VAL G 158 -51.66 13.18 -9.03
N TYR G 159 -52.43 12.49 -9.87
CA TYR G 159 -52.98 13.05 -11.10
C TYR G 159 -54.50 13.04 -11.01
N GLU G 160 -55.13 14.13 -11.45
CA GLU G 160 -56.56 14.32 -11.26
C GLU G 160 -57.27 14.47 -12.60
N VAL G 161 -58.40 13.80 -12.74
CA VAL G 161 -59.26 13.89 -13.92
C VAL G 161 -60.51 14.66 -13.52
N SER G 162 -60.65 15.89 -14.01
CA SER G 162 -61.80 16.72 -13.67
C SER G 162 -61.99 17.76 -14.77
N PHE G 163 -62.97 18.64 -14.55
CA PHE G 163 -63.26 19.68 -15.52
C PHE G 163 -62.19 20.77 -15.55
N GLY G 164 -61.53 21.00 -14.42
CA GLY G 164 -60.62 22.12 -14.33
C GLY G 164 -61.39 23.43 -14.18
N THR G 165 -60.70 24.52 -14.51
CA THR G 165 -61.31 25.86 -14.48
C THR G 165 -61.39 26.40 -15.89
N PRO G 166 -62.55 26.40 -16.53
CA PRO G 166 -62.69 26.93 -17.88
C PRO G 166 -62.84 28.45 -17.86
N GLY G 167 -63.06 29.00 -19.04
CA GLY G 167 -63.26 30.43 -19.20
C GLY G 167 -64.68 30.84 -18.86
N GLU G 168 -64.97 32.12 -19.13
CA GLU G 168 -66.29 32.65 -18.80
C GLU G 168 -67.34 32.21 -19.82
N GLU G 169 -66.98 32.16 -21.10
CA GLU G 169 -67.93 31.81 -22.15
C GLU G 169 -67.77 30.41 -22.69
N GLN G 170 -66.58 29.81 -22.59
CA GLN G 170 -66.38 28.47 -23.12
C GLN G 170 -66.95 27.42 -22.18
N LYS G 171 -67.32 26.27 -22.74
CA LYS G 171 -67.90 25.20 -21.96
C LYS G 171 -66.80 24.34 -21.34
N ALA G 172 -67.19 23.55 -20.34
CA ALA G 172 -66.26 22.71 -19.59
C ALA G 172 -66.47 21.26 -19.98
N SER G 173 -65.36 20.56 -20.24
CA SER G 173 -65.40 19.16 -20.62
C SER G 173 -64.24 18.43 -19.99
N LEU G 174 -64.43 17.14 -19.74
CA LEU G 174 -63.38 16.32 -19.18
C LEU G 174 -62.37 15.94 -20.26
N PRO G 175 -61.13 15.64 -19.88
CA PRO G 175 -60.17 15.11 -20.86
C PRO G 175 -60.58 13.74 -21.37
N SER G 176 -60.14 13.44 -22.59
CA SER G 176 -60.52 12.22 -23.28
C SER G 176 -59.65 11.05 -22.80
N SER G 177 -59.74 9.92 -23.47
CA SER G 177 -58.94 8.76 -23.12
C SER G 177 -57.59 8.73 -23.82
N ASP G 178 -57.31 9.71 -24.66
CA ASP G 178 -55.99 9.89 -25.26
C ASP G 178 -55.27 11.14 -24.80
N GLU G 179 -55.98 12.12 -24.26
CA GLU G 179 -55.32 13.26 -23.63
C GLU G 179 -54.68 12.85 -22.31
N ILE G 180 -55.25 11.84 -21.63
CA ILE G 180 -54.67 11.33 -20.41
C ILE G 180 -53.40 10.54 -20.71
N ILE G 181 -53.40 9.80 -21.81
CA ILE G 181 -52.26 8.96 -22.17
C ILE G 181 -51.07 9.82 -22.58
N GLU G 182 -51.31 10.89 -23.33
CA GLU G 182 -50.22 11.78 -23.70
C GLU G 182 -49.79 12.71 -22.57
N ASP G 183 -50.56 12.78 -21.48
CA ASP G 183 -50.07 13.43 -20.27
C ASP G 183 -49.14 12.51 -19.50
N PHE G 184 -49.53 11.23 -19.35
CA PHE G 184 -48.65 10.23 -18.76
C PHE G 184 -47.44 9.92 -19.63
N ASN G 185 -47.52 10.20 -20.93
CA ASN G 185 -46.35 10.06 -21.79
C ASN G 185 -45.32 11.14 -21.49
N ALA G 186 -45.77 12.34 -21.10
CA ALA G 186 -44.85 13.41 -20.74
C ALA G 186 -44.32 13.28 -19.32
N ILE G 187 -45.04 12.57 -18.45
CA ILE G 187 -44.54 12.33 -17.10
C ILE G 187 -43.35 11.38 -17.14
N ALA G 188 -43.48 10.28 -17.89
CA ALA G 188 -42.40 9.31 -18.02
C ALA G 188 -41.30 9.78 -18.96
N ARG G 189 -41.49 10.88 -19.67
CA ARG G 189 -40.44 11.48 -20.48
C ARG G 189 -39.70 12.57 -19.72
N GLY G 190 -40.34 13.18 -18.72
CA GLY G 190 -39.68 14.19 -17.91
C GLY G 190 -38.88 13.59 -16.79
N LEU G 191 -39.30 12.43 -16.29
CA LEU G 191 -38.52 11.70 -15.30
C LEU G 191 -37.40 10.88 -15.93
N LYS G 192 -37.42 10.71 -17.26
CA LYS G 192 -36.32 10.06 -17.95
C LYS G 192 -35.21 11.07 -18.26
N LEU G 193 -35.57 12.33 -18.49
CA LEU G 193 -34.58 13.38 -18.64
C LEU G 193 -33.86 13.70 -17.33
N LEU G 194 -34.46 13.38 -16.18
CA LEU G 194 -33.83 13.63 -14.90
C LEU G 194 -32.71 12.65 -14.59
N GLU G 195 -32.73 11.47 -15.20
CA GLU G 195 -31.65 10.51 -14.99
C GLU G 195 -30.42 10.82 -15.83
N LEU G 196 -30.58 11.60 -16.89
CA LEU G 196 -29.45 12.11 -17.66
C LEU G 196 -28.98 13.47 -17.17
N ASP G 197 -29.64 14.02 -16.15
CA ASP G 197 -29.27 15.29 -15.57
C ASP G 197 -29.11 15.10 -14.07
N TYR G 198 -28.99 16.18 -13.33
CA TYR G 198 -28.78 16.11 -11.89
C TYR G 198 -29.97 16.68 -11.15
N LEU G 199 -29.95 16.52 -9.83
CA LEU G 199 -30.96 17.08 -8.94
C LEU G 199 -30.24 17.80 -7.82
N GLY G 200 -30.75 18.97 -7.44
CA GLY G 200 -30.08 19.76 -6.43
C GLY G 200 -29.02 20.65 -7.04
N GLY G 201 -27.96 20.94 -6.29
CA GLY G 201 -26.95 21.86 -6.77
C GLY G 201 -25.59 21.25 -6.99
N SER G 202 -24.73 21.99 -7.71
CA SER G 202 -23.34 21.62 -8.01
C SER G 202 -23.26 20.29 -8.75
N GLY G 203 -24.11 20.13 -9.76
CA GLY G 203 -24.22 18.88 -10.47
C GLY G 203 -23.31 18.70 -11.65
N THR G 204 -22.69 19.77 -12.13
CA THR G 204 -21.67 19.67 -13.17
C THR G 204 -20.32 19.26 -12.62
N ARG G 205 -20.21 19.04 -11.30
CA ARG G 205 -19.00 18.54 -10.67
C ARG G 205 -19.24 17.22 -9.96
N GLY G 206 -20.20 16.42 -10.41
CA GLY G 206 -20.38 15.09 -9.87
C GLY G 206 -21.68 14.84 -9.12
N TYR G 207 -22.23 15.86 -8.47
CA TYR G 207 -23.27 15.66 -7.47
C TYR G 207 -24.61 15.34 -8.12
N GLY G 208 -25.46 14.66 -7.35
CA GLY G 208 -26.89 14.67 -7.60
C GLY G 208 -27.43 13.73 -8.65
N GLN G 209 -26.77 12.59 -8.90
CA GLN G 209 -27.30 11.62 -9.85
C GLN G 209 -28.27 10.68 -9.13
N VAL G 210 -29.47 10.54 -9.69
CA VAL G 210 -30.52 9.73 -9.09
C VAL G 210 -30.96 8.65 -10.06
N LYS G 211 -31.89 7.80 -9.62
CA LYS G 211 -32.37 6.69 -10.44
C LYS G 211 -33.75 6.28 -9.93
N PHE G 212 -34.72 6.21 -10.84
CA PHE G 212 -36.09 5.83 -10.51
C PHE G 212 -36.32 4.35 -10.77
N SER G 213 -37.17 3.74 -9.94
CA SER G 213 -37.49 2.33 -10.10
C SER G 213 -38.87 2.06 -9.52
N ASN G 214 -39.48 0.97 -10.00
CA ASN G 214 -40.77 0.44 -9.51
C ASN G 214 -41.91 1.44 -9.67
N LEU G 215 -41.91 2.17 -10.79
CA LEU G 215 -42.97 3.14 -11.04
C LEU G 215 -44.22 2.42 -11.56
N LYS G 216 -45.35 2.66 -10.90
CA LYS G 216 -46.62 2.10 -11.33
C LYS G 216 -47.74 3.01 -10.89
N ALA G 217 -48.81 3.05 -11.68
CA ALA G 217 -49.98 3.86 -11.39
C ALA G 217 -51.13 2.98 -10.90
N ARG G 218 -52.03 3.59 -10.14
CA ARG G 218 -53.23 2.90 -9.67
C ARG G 218 -54.31 3.94 -9.40
N ALA G 219 -55.57 3.51 -9.44
CA ALA G 219 -56.69 4.41 -9.21
C ALA G 219 -57.07 4.36 -7.72
N ALA G 220 -57.02 5.52 -7.06
CA ALA G 220 -57.32 5.60 -5.64
C ALA G 220 -58.81 5.85 -5.40
N VAL G 221 -59.34 6.94 -5.94
CA VAL G 221 -60.75 7.29 -5.83
C VAL G 221 -61.30 7.39 -7.24
N GLY G 222 -62.46 6.81 -7.47
CA GLY G 222 -63.09 6.84 -8.77
C GLY G 222 -62.69 5.67 -9.65
N ALA G 223 -63.50 5.43 -10.67
CA ALA G 223 -63.31 4.29 -11.57
C ALA G 223 -63.22 4.81 -13.00
N LEU G 224 -62.06 4.63 -13.62
CA LEU G 224 -61.87 4.90 -15.02
C LEU G 224 -62.04 3.60 -15.80
N ASP G 225 -61.71 3.62 -17.10
CA ASP G 225 -61.82 2.44 -17.93
C ASP G 225 -60.79 1.40 -17.53
N GLY G 226 -61.22 0.13 -17.49
CA GLY G 226 -60.35 -0.92 -16.99
C GLY G 226 -59.21 -1.28 -17.91
N SER G 227 -59.37 -1.03 -19.21
CA SER G 227 -58.32 -1.25 -20.19
C SER G 227 -57.44 -0.02 -20.37
N LEU G 228 -57.67 1.03 -19.57
CA LEU G 228 -56.85 2.23 -19.60
C LEU G 228 -55.74 2.21 -18.57
N LEU G 229 -55.95 1.57 -17.42
CA LEU G 229 -54.94 1.52 -16.37
C LEU G 229 -53.74 0.68 -16.80
N GLU G 230 -53.97 -0.33 -17.64
CA GLU G 230 -52.86 -1.11 -18.19
C GLU G 230 -52.18 -0.39 -19.34
N LYS G 231 -52.80 0.65 -19.91
CA LYS G 231 -52.12 1.50 -20.89
C LYS G 231 -51.36 2.64 -20.23
N LEU G 232 -51.69 2.99 -18.99
CA LEU G 232 -50.92 3.99 -18.27
C LEU G 232 -49.68 3.38 -17.62
N ASN G 233 -49.77 2.12 -17.18
CA ASN G 233 -48.60 1.44 -16.63
C ASN G 233 -47.60 1.06 -17.70
N HIS G 234 -48.02 1.00 -18.96
CA HIS G 234 -47.07 0.74 -20.03
C HIS G 234 -46.22 1.96 -20.35
N GLU G 235 -46.74 3.16 -20.07
CA GLU G 235 -45.95 4.37 -20.24
C GLU G 235 -44.89 4.49 -19.17
N LEU G 236 -45.22 4.11 -17.93
CA LEU G 236 -44.28 4.18 -16.83
C LEU G 236 -43.27 3.05 -16.82
N ALA G 237 -43.40 2.07 -17.72
CA ALA G 237 -42.44 0.99 -17.81
C ALA G 237 -41.13 1.42 -18.46
N ALA G 238 -41.10 2.58 -19.10
CA ALA G 238 -39.86 3.16 -19.62
C ALA G 238 -39.19 4.09 -18.62
N VAL G 239 -39.50 3.94 -17.33
CA VAL G 239 -39.11 4.77 -16.16
C VAL G 239 -38.83 6.26 -16.41
N THR H 5 -86.51 11.32 13.25
CA THR H 5 -87.93 11.63 13.03
C THR H 5 -88.66 11.79 14.36
N THR H 6 -87.92 12.02 15.44
CA THR H 6 -88.49 12.11 16.77
C THR H 6 -88.52 13.54 17.29
N SER H 7 -87.38 14.21 17.35
CA SER H 7 -87.25 15.54 17.97
C SER H 7 -85.94 16.14 17.51
N TYR H 8 -85.55 17.25 18.17
CA TYR H 8 -84.24 17.86 17.92
C TYR H 8 -83.13 16.91 18.35
N ALA H 9 -82.15 16.72 17.46
CA ALA H 9 -81.01 15.87 17.74
C ALA H 9 -79.72 16.61 17.39
N LYS H 10 -78.62 16.19 18.03
CA LYS H 10 -77.30 16.77 17.80
C LYS H 10 -76.30 15.61 17.71
N ILE H 11 -76.07 15.12 16.50
CA ILE H 11 -75.04 14.11 16.27
C ILE H 11 -73.71 14.83 16.17
N GLU H 12 -72.74 14.41 16.98
CA GLU H 12 -71.44 15.04 17.05
C GLU H 12 -70.37 14.10 16.52
N ILE H 13 -69.53 14.61 15.62
CA ILE H 13 -68.44 13.84 15.04
C ILE H 13 -67.13 14.45 15.53
N THR H 14 -66.25 13.60 16.05
CA THR H 14 -64.98 14.05 16.60
C THR H 14 -63.86 13.10 16.15
N GLY H 15 -62.64 13.60 16.25
CA GLY H 15 -61.49 12.82 15.83
C GLY H 15 -60.23 13.64 15.97
N THR H 16 -59.19 13.21 15.27
CA THR H 16 -57.92 13.93 15.27
C THR H 16 -57.41 14.04 13.85
N LEU H 17 -56.62 15.09 13.61
CA LEU H 17 -56.07 15.40 12.30
C LEU H 17 -54.58 15.61 12.46
N THR H 18 -53.77 14.72 11.88
CA THR H 18 -52.32 14.82 11.96
C THR H 18 -51.76 15.36 10.66
N VAL H 19 -50.59 15.97 10.76
CA VAL H 19 -49.96 16.71 9.68
C VAL H 19 -48.78 15.89 9.17
N LEU H 20 -48.78 15.57 7.88
CA LEU H 20 -47.75 14.73 7.28
C LEU H 20 -46.65 15.52 6.59
N THR H 21 -47.02 16.54 5.81
CA THR H 21 -46.08 17.51 5.28
C THR H 21 -46.53 18.90 5.68
N GLY H 22 -45.60 19.86 5.58
CA GLY H 22 -45.78 21.20 6.12
C GLY H 22 -46.98 21.99 5.67
N LEU H 23 -47.87 22.27 6.63
CA LEU H 23 -49.14 22.93 6.35
C LEU H 23 -48.99 24.45 6.45
N GLN H 24 -49.54 25.15 5.45
CA GLN H 24 -49.46 26.61 5.43
C GLN H 24 -50.82 27.18 5.06
N ILE H 25 -51.54 27.67 6.06
CA ILE H 25 -52.80 28.38 5.87
C ILE H 25 -52.51 29.85 6.16
N GLY H 26 -52.29 30.63 5.11
CA GLY H 26 -51.89 32.01 5.27
C GLY H 26 -53.01 32.89 5.78
N ALA H 27 -52.61 34.04 6.31
CA ALA H 27 -53.55 35.00 6.86
C ALA H 27 -53.60 36.30 6.06
N GLY H 28 -53.18 36.25 4.80
CA GLY H 28 -53.13 37.44 3.97
C GLY H 28 -52.02 38.37 4.41
N ASP H 29 -52.40 39.50 5.00
CA ASP H 29 -51.46 40.37 5.70
C ASP H 29 -52.02 40.64 7.08
N GLY H 30 -51.35 40.10 8.09
CA GLY H 30 -51.76 40.30 9.47
C GLY H 30 -50.58 40.60 10.37
N PHE H 31 -50.64 41.71 11.10
CA PHE H 31 -49.55 42.12 11.97
C PHE H 31 -49.57 41.25 13.21
N SER H 32 -48.89 40.11 13.14
CA SER H 32 -48.82 39.21 14.29
C SER H 32 -47.86 39.75 15.34
N ALA H 33 -46.59 39.86 14.99
CA ALA H 33 -45.54 40.42 15.84
C ALA H 33 -44.36 40.80 14.95
N ILE H 34 -43.25 41.18 15.56
CA ILE H 34 -42.03 41.39 14.81
C ILE H 34 -41.37 40.05 14.52
N GLY H 35 -40.52 40.02 13.49
CA GLY H 35 -39.86 38.79 13.10
C GLY H 35 -40.76 37.94 12.22
N ALA H 36 -41.29 38.53 11.17
CA ALA H 36 -42.23 37.87 10.28
C ALA H 36 -41.66 37.79 8.87
N VAL H 37 -42.43 37.17 7.98
CA VAL H 37 -42.01 36.96 6.59
C VAL H 37 -43.11 37.50 5.69
N ASP H 38 -42.95 37.31 4.38
CA ASP H 38 -43.92 37.84 3.42
C ASP H 38 -45.26 37.11 3.46
N LYS H 39 -45.32 35.92 4.05
CA LYS H 39 -46.58 35.20 4.22
C LYS H 39 -46.49 34.34 5.48
N PRO H 40 -47.07 34.79 6.58
CA PRO H 40 -47.11 33.97 7.79
C PRO H 40 -48.39 33.12 7.87
N VAL H 41 -48.35 32.15 8.77
CA VAL H 41 -49.51 31.28 9.01
C VAL H 41 -50.49 31.98 9.93
N VAL H 42 -51.70 31.46 10.03
CA VAL H 42 -52.70 32.00 10.94
C VAL H 42 -52.44 31.46 12.33
N ARG H 43 -52.87 32.20 13.36
CA ARG H 43 -52.55 31.86 14.73
C ARG H 43 -53.71 32.23 15.64
N ASP H 44 -53.71 31.62 16.82
CA ASP H 44 -54.66 32.00 17.87
C ASP H 44 -54.24 33.35 18.45
N PRO H 45 -55.17 34.29 18.65
CA PRO H 45 -54.77 35.64 19.06
C PRO H 45 -54.45 35.78 20.54
N LEU H 46 -54.54 34.73 21.33
CA LEU H 46 -54.24 34.83 22.76
C LEU H 46 -53.07 33.97 23.19
N SER H 47 -53.02 32.71 22.78
CA SER H 47 -51.95 31.81 23.16
C SER H 47 -50.84 31.73 22.11
N ARG H 48 -51.04 32.40 20.97
CA ARG H 48 -50.10 32.42 19.85
CA ARG H 48 -50.10 32.42 19.84
C ARG H 48 -49.76 31.00 19.37
N LEU H 49 -50.78 30.18 19.22
CA LEU H 49 -50.66 28.82 18.74
C LEU H 49 -51.18 28.72 17.32
N PRO H 50 -50.57 27.88 16.48
CA PRO H 50 -51.09 27.69 15.12
C PRO H 50 -52.44 26.99 15.13
N MET H 51 -53.35 27.48 14.29
CA MET H 51 -54.72 26.97 14.27
C MET H 51 -55.16 26.75 12.83
N ILE H 52 -56.30 26.09 12.68
CA ILE H 52 -56.94 25.85 11.40
C ILE H 52 -58.33 26.47 11.46
N PRO H 53 -58.65 27.45 10.63
CA PRO H 53 -59.99 28.04 10.66
C PRO H 53 -61.03 27.09 10.09
N GLY H 54 -62.29 27.33 10.48
CA GLY H 54 -63.38 26.52 9.97
C GLY H 54 -63.82 26.88 8.58
N THR H 55 -63.47 28.08 8.10
CA THR H 55 -63.83 28.48 6.75
C THR H 55 -62.99 27.76 5.71
N SER H 56 -61.71 27.53 6.02
CA SER H 56 -60.84 26.85 5.06
C SER H 56 -61.11 25.35 5.01
N LEU H 57 -61.65 24.79 6.09
CA LEU H 57 -62.03 23.38 6.07
C LEU H 57 -63.37 23.18 5.37
N LYS H 58 -64.28 24.14 5.49
CA LYS H 58 -65.58 24.00 4.86
C LYS H 58 -65.49 24.24 3.35
N GLY H 59 -64.72 25.25 2.93
CA GLY H 59 -64.61 25.57 1.53
C GLY H 59 -63.81 24.58 0.71
N LYS H 60 -62.97 23.78 1.37
CA LYS H 60 -62.17 22.78 0.67
C LYS H 60 -62.93 21.49 0.46
N VAL H 61 -63.70 21.06 1.45
CA VAL H 61 -64.48 19.83 1.33
C VAL H 61 -65.68 20.02 0.40
N ARG H 62 -66.26 21.22 0.38
CA ARG H 62 -67.35 21.50 -0.54
C ARG H 62 -66.86 21.55 -1.99
N THR H 63 -65.68 22.12 -2.21
CA THR H 63 -65.12 22.20 -3.55
C THR H 63 -64.74 20.81 -4.08
N LEU H 64 -64.21 19.95 -3.23
CA LEU H 64 -63.84 18.61 -3.66
C LEU H 64 -65.05 17.71 -3.85
N LEU H 65 -66.19 18.02 -3.21
CA LEU H 65 -67.39 17.22 -3.42
C LEU H 65 -68.14 17.68 -4.67
N SER H 66 -68.14 18.99 -4.94
CA SER H 66 -68.79 19.50 -6.14
C SER H 66 -68.01 19.14 -7.40
N ARG H 67 -66.72 18.85 -7.29
CA ARG H 67 -65.98 18.30 -8.43
C ARG H 67 -66.40 16.86 -8.72
N GLN H 68 -66.74 16.10 -7.69
CA GLN H 68 -67.07 14.69 -7.90
C GLN H 68 -68.51 14.52 -8.39
N TYR H 69 -69.48 15.16 -7.74
CA TYR H 69 -70.86 15.08 -8.18
C TYR H 69 -71.10 15.79 -9.50
N GLY H 70 -70.26 16.77 -9.84
CA GLY H 70 -70.38 17.44 -11.11
C GLY H 70 -69.86 16.60 -12.26
N ALA H 71 -68.73 15.92 -12.04
CA ALA H 71 -68.11 15.13 -13.10
C ALA H 71 -68.82 13.81 -13.34
N ASP H 72 -69.62 13.33 -12.38
CA ASP H 72 -70.35 12.09 -12.59
C ASP H 72 -71.65 12.31 -13.34
N THR H 73 -72.25 13.50 -13.21
CA THR H 73 -73.48 13.83 -13.93
C THR H 73 -73.23 14.80 -15.08
N GLU H 74 -71.96 14.97 -15.48
CA GLU H 74 -71.54 15.74 -16.66
C GLU H 74 -71.97 17.21 -16.60
N THR H 75 -72.01 17.77 -15.40
CA THR H 75 -72.42 19.16 -15.21
C THR H 75 -71.30 19.93 -14.55
N PHE H 76 -71.14 21.20 -14.93
CA PHE H 76 -70.16 22.07 -14.29
C PHE H 76 -70.90 23.08 -13.42
N TYR H 77 -70.51 23.17 -12.16
CA TYR H 77 -71.17 24.04 -11.19
C TYR H 77 -70.36 25.34 -11.08
N ARG H 78 -70.90 26.43 -11.62
CA ARG H 78 -70.18 27.69 -11.69
C ARG H 78 -70.28 28.52 -10.42
N LYS H 79 -71.13 28.15 -9.47
CA LYS H 79 -71.34 28.95 -8.27
C LYS H 79 -71.84 28.02 -7.17
N PRO H 80 -71.78 28.45 -5.90
CA PRO H 80 -72.35 27.62 -4.82
C PRO H 80 -73.84 27.35 -4.93
N ASN H 81 -74.61 28.29 -5.48
CA ASN H 81 -76.05 28.08 -5.60
C ASN H 81 -76.41 27.10 -6.71
N GLU H 82 -75.51 26.83 -7.64
CA GLU H 82 -75.74 25.87 -8.71
C GLU H 82 -75.30 24.46 -8.34
N ASP H 83 -74.95 24.22 -7.09
CA ASP H 83 -74.42 22.93 -6.68
C ASP H 83 -75.52 21.88 -6.61
N HIS H 84 -75.12 20.66 -6.25
CA HIS H 84 -76.02 19.52 -6.19
C HIS H 84 -76.97 19.67 -4.99
N ALA H 85 -78.03 18.85 -5.00
CA ALA H 85 -79.01 18.87 -3.92
C ALA H 85 -78.40 18.36 -2.62
N HIS H 86 -77.51 17.38 -2.70
CA HIS H 86 -76.85 16.88 -1.50
C HIS H 86 -75.77 17.82 -1.01
N ILE H 87 -75.21 18.67 -1.89
CA ILE H 87 -74.21 19.63 -1.47
C ILE H 87 -74.87 20.86 -0.85
N ARG H 88 -76.01 21.27 -1.39
CA ARG H 88 -76.69 22.46 -0.90
C ARG H 88 -77.57 22.19 0.30
N ARG H 89 -77.75 20.93 0.71
CA ARG H 89 -78.48 20.64 1.94
C ARG H 89 -77.57 20.31 3.11
N LEU H 90 -76.30 19.98 2.84
CA LEU H 90 -75.32 19.82 3.91
C LEU H 90 -74.56 21.11 4.20
N PHE H 91 -74.41 21.98 3.21
CA PHE H 91 -73.65 23.21 3.36
C PHE H 91 -74.51 24.47 3.26
N GLY H 92 -75.60 24.43 2.51
CA GLY H 92 -76.54 25.54 2.51
C GLY H 92 -76.33 26.49 1.35
N ASP H 93 -77.42 27.14 0.93
CA ASP H 93 -77.37 28.17 -0.09
C ASP H 93 -78.29 29.31 0.35
N THR H 94 -78.56 30.23 -0.57
CA THR H 94 -79.38 31.40 -0.26
C THR H 94 -80.75 31.38 -0.95
N GLU H 95 -81.16 30.24 -1.50
CA GLU H 95 -82.43 30.23 -2.21
C GLU H 95 -83.36 29.09 -1.81
N GLU H 96 -82.83 27.94 -1.44
CA GLU H 96 -83.67 26.78 -1.15
C GLU H 96 -83.50 26.27 0.28
N TYR H 97 -82.28 26.06 0.73
CA TYR H 97 -81.98 25.64 2.10
C TYR H 97 -81.16 26.77 2.72
N MET H 98 -81.81 27.60 3.52
CA MET H 98 -81.20 28.84 3.97
C MET H 98 -80.06 28.63 4.97
N THR H 99 -80.00 27.48 5.63
CA THR H 99 -78.92 27.19 6.57
C THR H 99 -78.53 25.74 6.44
N GLY H 100 -77.22 25.47 6.35
CA GLY H 100 -76.75 24.11 6.27
C GLY H 100 -76.89 23.39 7.59
N ARG H 101 -76.76 22.06 7.53
CA ARG H 101 -76.89 21.21 8.71
C ARG H 101 -75.54 20.68 9.19
N LEU H 102 -74.45 21.31 8.77
CA LEU H 102 -73.12 21.05 9.29
C LEU H 102 -72.59 22.32 9.93
N VAL H 103 -71.92 22.17 11.07
CA VAL H 103 -71.29 23.28 11.76
C VAL H 103 -69.83 22.93 12.00
N PHE H 104 -68.93 23.70 11.41
CA PHE H 104 -67.50 23.52 11.62
C PHE H 104 -67.02 24.43 12.73
N ARG H 105 -65.87 24.08 13.30
CA ARG H 105 -65.27 24.84 14.39
C ARG H 105 -63.84 25.21 14.03
N ASP H 106 -63.31 26.21 14.73
CA ASP H 106 -61.89 26.48 14.65
C ASP H 106 -61.13 25.43 15.44
N THR H 107 -60.03 24.95 14.87
CA THR H 107 -59.28 23.83 15.43
C THR H 107 -57.91 24.30 15.88
N LYS H 108 -57.49 23.88 17.06
CA LYS H 108 -56.28 24.39 17.69
C LYS H 108 -55.29 23.27 17.93
N LEU H 109 -54.00 23.63 17.94
CA LEU H 109 -52.93 22.67 18.13
C LEU H 109 -52.89 22.18 19.57
N THR H 110 -52.87 20.85 19.75
CA THR H 110 -53.03 20.26 21.07
C THR H 110 -51.73 19.70 21.65
N ASN H 111 -50.91 19.01 20.86
CA ASN H 111 -49.75 18.32 21.41
C ASN H 111 -48.49 19.19 21.39
N LYS H 112 -48.58 20.39 21.96
CA LYS H 112 -47.40 21.24 22.08
C LYS H 112 -46.43 20.70 23.13
N ASP H 113 -46.96 20.11 24.20
CA ASP H 113 -46.11 19.58 25.26
C ASP H 113 -45.39 18.30 24.85
N ASP H 114 -45.84 17.63 23.81
CA ASP H 114 -45.15 16.45 23.31
C ASP H 114 -44.13 16.78 22.23
N LEU H 115 -44.35 17.87 21.48
CA LEU H 115 -43.37 18.31 20.49
C LEU H 115 -42.12 18.87 21.16
N GLU H 116 -42.30 19.74 22.16
CA GLU H 116 -41.16 20.36 22.82
C GLU H 116 -40.40 19.40 23.72
N ALA H 117 -40.97 18.25 24.05
CA ALA H 117 -40.27 17.21 24.80
C ALA H 117 -39.51 16.25 23.89
N ARG H 118 -39.36 16.58 22.61
CA ARG H 118 -38.66 15.73 21.66
C ARG H 118 -37.71 16.55 20.78
N GLY H 119 -37.25 17.68 21.29
CA GLY H 119 -36.26 18.48 20.59
C GLY H 119 -36.81 19.57 19.70
N ALA H 120 -38.12 19.60 19.45
CA ALA H 120 -38.71 20.64 18.63
C ALA H 120 -38.79 21.92 19.44
N LYS H 121 -37.82 22.81 19.24
CA LYS H 121 -37.72 24.05 19.99
C LYS H 121 -38.55 25.18 19.37
N THR H 122 -39.43 24.86 18.44
CA THR H 122 -40.33 25.83 17.82
C THR H 122 -41.55 25.09 17.31
N LEU H 123 -42.47 25.83 16.71
CA LEU H 123 -43.68 25.24 16.15
C LEU H 123 -43.87 25.52 14.67
N THR H 124 -43.15 26.49 14.10
CA THR H 124 -43.25 26.83 12.69
C THR H 124 -41.85 26.97 12.14
N GLU H 125 -41.50 26.15 11.14
CA GLU H 125 -40.23 26.26 10.46
C GLU H 125 -40.29 27.37 9.42
N VAL H 126 -39.12 27.84 9.01
CA VAL H 126 -38.99 28.80 7.92
C VAL H 126 -38.25 28.12 6.78
N LYS H 127 -38.94 27.94 5.66
CA LYS H 127 -38.41 27.24 4.51
C LYS H 127 -38.00 28.24 3.44
N PHE H 128 -36.79 28.07 2.91
CA PHE H 128 -36.24 28.97 1.91
C PHE H 128 -36.41 28.35 0.53
N GLU H 129 -36.89 29.16 -0.42
CA GLU H 129 -37.17 28.69 -1.77
C GLU H 129 -36.53 29.65 -2.77
N ASN H 130 -36.76 29.38 -4.05
CA ASN H 130 -36.01 30.02 -5.11
C ASN H 130 -36.87 30.12 -6.36
N ALA H 131 -36.56 31.09 -7.20
CA ALA H 131 -37.22 31.25 -8.49
C ALA H 131 -36.19 31.74 -9.49
N ILE H 132 -35.81 30.86 -10.41
CA ILE H 132 -34.71 31.11 -11.33
C ILE H 132 -35.26 31.75 -12.60
N ASN H 133 -34.78 32.95 -12.92
CA ASN H 133 -35.14 33.61 -14.16
C ASN H 133 -34.53 32.87 -15.34
N ARG H 134 -35.36 32.51 -16.32
CA ARG H 134 -34.89 31.66 -17.40
C ARG H 134 -34.01 32.40 -18.41
N VAL H 135 -33.94 33.72 -18.35
CA VAL H 135 -33.13 34.47 -19.30
C VAL H 135 -31.75 34.71 -18.72
N THR H 136 -31.67 35.25 -17.51
CA THR H 136 -30.38 35.65 -16.93
C THR H 136 -29.80 34.63 -15.95
N ALA H 137 -30.54 33.56 -15.63
CA ALA H 137 -30.14 32.50 -14.70
C ALA H 137 -29.79 33.03 -13.31
N LYS H 138 -30.44 34.10 -12.87
CA LYS H 138 -30.27 34.63 -11.53
C LYS H 138 -31.32 34.05 -10.60
N ALA H 139 -31.16 34.33 -9.30
CA ALA H 139 -31.98 33.70 -8.27
C ALA H 139 -32.76 34.76 -7.50
N ASN H 140 -34.08 34.56 -7.43
CA ASN H 140 -34.94 35.34 -6.56
C ASN H 140 -35.29 34.52 -5.33
N LEU H 141 -35.15 35.15 -4.15
CA LEU H 141 -35.33 34.45 -2.89
C LEU H 141 -36.67 34.80 -2.27
N ARG H 142 -37.23 33.83 -1.56
CA ARG H 142 -38.45 34.02 -0.80
C ARG H 142 -38.41 33.11 0.42
N GLN H 143 -39.02 33.58 1.51
CA GLN H 143 -39.05 32.84 2.76
C GLN H 143 -40.49 32.54 3.11
N MET H 144 -40.80 31.26 3.29
CA MET H 144 -42.13 30.82 3.68
C MET H 144 -42.12 30.40 5.14
N GLU H 145 -43.31 30.06 5.64
CA GLU H 145 -43.46 29.60 7.02
C GLU H 145 -44.60 28.59 7.07
N ARG H 146 -44.33 27.42 7.63
CA ARG H 146 -45.32 26.36 7.66
C ARG H 146 -45.26 25.60 8.97
N VAL H 147 -46.39 24.99 9.34
CA VAL H 147 -46.46 24.18 10.54
C VAL H 147 -45.72 22.87 10.29
N ILE H 148 -44.85 22.50 11.23
CA ILE H 148 -43.94 21.37 11.10
C ILE H 148 -44.73 20.06 11.05
N PRO H 149 -44.24 19.03 10.37
CA PRO H 149 -44.96 17.75 10.35
C PRO H 149 -44.92 17.06 11.70
N GLY H 150 -46.01 16.36 12.01
CA GLY H 150 -46.19 15.71 13.29
C GLY H 150 -47.15 16.42 14.21
N SER H 151 -47.59 17.62 13.86
CA SER H 151 -48.52 18.38 14.69
C SER H 151 -49.92 17.79 14.58
N GLU H 152 -50.64 17.74 15.70
CA GLU H 152 -51.94 17.13 15.77
C GLU H 152 -53.00 18.15 16.19
N PHE H 153 -54.19 18.00 15.64
CA PHE H 153 -55.28 18.94 15.84
C PHE H 153 -56.53 18.17 16.23
N ALA H 154 -57.30 18.73 17.18
CA ALA H 154 -58.49 18.06 17.70
C ALA H 154 -59.70 18.51 16.88
N PHE H 155 -59.99 17.76 15.84
CA PHE H 155 -61.01 18.14 14.86
C PHE H 155 -62.38 17.68 15.31
N SER H 156 -63.39 18.52 15.09
CA SER H 156 -64.75 18.21 15.54
C SER H 156 -65.76 19.01 14.72
N LEU H 157 -66.88 18.38 14.41
CA LEU H 157 -68.02 19.05 13.79
C LEU H 157 -69.30 18.36 14.21
N VAL H 158 -70.40 19.11 14.25
CA VAL H 158 -71.68 18.58 14.68
C VAL H 158 -72.61 18.48 13.48
N TYR H 159 -73.69 17.73 13.66
CA TYR H 159 -74.68 17.49 12.62
C TYR H 159 -76.07 17.73 13.17
N GLU H 160 -76.92 18.35 12.35
CA GLU H 160 -78.23 18.82 12.79
C GLU H 160 -79.33 17.95 12.20
N VAL H 161 -79.94 17.11 13.02
CA VAL H 161 -81.14 16.36 12.63
C VAL H 161 -82.32 17.16 13.17
N SER H 162 -82.82 18.08 12.36
CA SER H 162 -83.89 18.98 12.76
C SER H 162 -85.10 18.79 11.85
N PHE H 163 -86.10 19.64 12.03
CA PHE H 163 -87.28 19.64 11.17
C PHE H 163 -87.03 20.25 9.81
N GLY H 164 -85.92 20.95 9.62
CA GLY H 164 -85.71 21.63 8.35
C GLY H 164 -86.55 22.89 8.26
N THR H 165 -86.74 23.35 7.03
CA THR H 165 -87.54 24.54 6.82
C THR H 165 -88.82 24.22 6.05
N PRO H 166 -89.99 24.62 6.57
CA PRO H 166 -91.21 24.56 5.78
C PRO H 166 -91.31 25.67 4.75
N GLY H 167 -90.52 26.74 4.89
CA GLY H 167 -90.61 27.88 4.01
C GLY H 167 -91.90 28.66 4.24
N GLU H 168 -92.68 28.84 3.17
CA GLU H 168 -93.99 29.48 3.27
C GLU H 168 -95.05 28.77 2.46
N GLU H 169 -94.74 27.58 1.91
CA GLU H 169 -95.69 26.86 1.08
C GLU H 169 -95.88 25.41 1.53
N GLN H 170 -94.84 24.83 2.11
CA GLN H 170 -94.90 23.45 2.58
C GLN H 170 -95.02 23.42 4.11
N LYS H 171 -94.96 22.22 4.67
CA LYS H 171 -95.16 21.99 6.08
C LYS H 171 -93.87 21.49 6.73
N ALA H 172 -93.93 21.26 8.04
CA ALA H 172 -92.77 20.86 8.83
C ALA H 172 -92.60 19.35 8.69
N SER H 173 -91.75 18.94 7.76
CA SER H 173 -91.40 17.54 7.59
C SER H 173 -90.19 17.20 8.46
N LEU H 174 -89.59 16.04 8.23
CA LEU H 174 -88.38 15.64 8.95
C LEU H 174 -87.61 14.69 8.05
N PRO H 175 -86.29 14.78 7.99
CA PRO H 175 -85.50 13.79 7.26
C PRO H 175 -85.63 12.40 7.88
N SER H 176 -86.03 11.44 7.05
CA SER H 176 -86.23 10.07 7.50
C SER H 176 -84.89 9.40 7.79
N SER H 177 -84.96 8.24 8.43
CA SER H 177 -83.77 7.53 8.91
C SER H 177 -83.02 6.80 7.81
N ASP H 178 -83.37 6.99 6.54
CA ASP H 178 -82.63 6.40 5.43
C ASP H 178 -81.89 7.42 4.59
N GLU H 179 -82.25 8.71 4.67
CA GLU H 179 -81.49 9.74 3.99
C GLU H 179 -80.50 10.45 4.91
N ILE H 180 -80.54 10.17 6.21
CA ILE H 180 -79.46 10.60 7.09
C ILE H 180 -78.23 9.72 6.88
N ILE H 181 -78.43 8.47 6.45
CA ILE H 181 -77.30 7.59 6.15
C ILE H 181 -76.61 8.03 4.88
N GLU H 182 -77.35 8.60 3.92
CA GLU H 182 -76.73 9.12 2.71
C GLU H 182 -76.29 10.57 2.87
N ASP H 183 -76.63 11.23 3.98
CA ASP H 183 -75.99 12.49 4.33
C ASP H 183 -74.64 12.25 5.01
N PHE H 184 -74.53 11.18 5.78
CA PHE H 184 -73.26 10.76 6.36
C PHE H 184 -72.38 10.01 5.37
N ASN H 185 -72.87 9.75 4.16
CA ASN H 185 -72.05 9.16 3.12
C ASN H 185 -71.27 10.21 2.34
N ALA H 186 -71.79 11.42 2.22
CA ALA H 186 -71.06 12.49 1.57
C ALA H 186 -70.04 13.15 2.51
N ILE H 187 -70.21 12.99 3.82
CA ILE H 187 -69.19 13.46 4.75
C ILE H 187 -68.03 12.47 4.79
N ALA H 188 -68.31 11.18 4.73
CA ALA H 188 -67.26 10.17 4.76
C ALA H 188 -66.44 10.13 3.48
N ARG H 189 -67.00 10.62 2.37
CA ARG H 189 -66.23 10.75 1.14
C ARG H 189 -65.66 12.15 0.95
N GLY H 190 -66.13 13.13 1.72
CA GLY H 190 -65.51 14.44 1.68
C GLY H 190 -64.20 14.49 2.43
N LEU H 191 -64.06 13.65 3.47
CA LEU H 191 -62.82 13.54 4.20
C LEU H 191 -61.89 12.48 3.61
N LYS H 192 -62.40 11.62 2.74
CA LYS H 192 -61.53 10.68 2.02
C LYS H 192 -60.84 11.36 0.85
N LEU H 193 -61.49 12.32 0.20
CA LEU H 193 -60.86 13.07 -0.87
C LEU H 193 -59.82 14.04 -0.34
N LEU H 194 -59.99 14.53 0.89
CA LEU H 194 -59.02 15.44 1.48
C LEU H 194 -57.70 14.75 1.81
N GLU H 195 -57.71 13.44 2.00
CA GLU H 195 -56.46 12.71 2.23
C GLU H 195 -55.66 12.56 0.95
N LEU H 196 -56.33 12.48 -0.20
CA LEU H 196 -55.67 12.43 -1.49
C LEU H 196 -55.38 13.80 -2.06
N ASP H 197 -55.87 14.84 -1.42
CA ASP H 197 -55.66 16.23 -1.83
C ASP H 197 -54.90 16.93 -0.71
N TYR H 198 -54.78 18.25 -0.84
CA TYR H 198 -54.05 19.04 0.13
C TYR H 198 -54.99 19.98 0.87
N LEU H 199 -54.48 20.57 1.93
CA LEU H 199 -55.20 21.56 2.72
C LEU H 199 -54.34 22.80 2.82
N GLY H 200 -54.97 23.97 2.73
CA GLY H 200 -54.22 25.20 2.72
C GLY H 200 -53.69 25.53 1.33
N GLY H 201 -52.64 26.37 1.32
CA GLY H 201 -52.08 26.86 0.08
C GLY H 201 -50.81 26.15 -0.34
N SER H 202 -50.50 26.31 -1.63
CA SER H 202 -49.24 25.86 -2.26
C SER H 202 -49.06 24.34 -2.16
N GLY H 203 -50.13 23.61 -2.42
CA GLY H 203 -50.12 22.18 -2.16
C GLY H 203 -49.72 21.32 -3.34
N THR H 204 -49.60 21.91 -4.52
CA THR H 204 -49.07 21.18 -5.66
C THR H 204 -47.55 21.04 -5.61
N ARG H 205 -46.89 21.70 -4.65
CA ARG H 205 -45.45 21.61 -4.47
C ARG H 205 -45.06 20.99 -3.14
N GLY H 206 -45.94 20.18 -2.55
CA GLY H 206 -45.60 19.37 -1.38
C GLY H 206 -46.32 19.75 -0.10
N TYR H 207 -46.88 20.95 -0.01
CA TYR H 207 -47.39 21.46 1.26
C TYR H 207 -48.76 20.85 1.57
N GLY H 208 -49.04 20.74 2.87
CA GLY H 208 -50.40 20.57 3.35
C GLY H 208 -51.02 19.20 3.21
N GLN H 209 -50.26 18.13 3.41
CA GLN H 209 -50.83 16.78 3.44
C GLN H 209 -51.25 16.44 4.85
N VAL H 210 -52.48 15.93 5.00
CA VAL H 210 -53.07 15.66 6.29
C VAL H 210 -53.63 14.24 6.31
N LYS H 211 -54.05 13.80 7.49
CA LYS H 211 -54.60 12.46 7.66
C LYS H 211 -55.54 12.46 8.86
N PHE H 212 -56.65 11.74 8.74
CA PHE H 212 -57.65 11.62 9.79
C PHE H 212 -57.50 10.29 10.52
N SER H 213 -57.90 10.27 11.79
CA SER H 213 -57.79 9.07 12.61
C SER H 213 -58.84 9.09 13.71
N ASN H 214 -59.31 7.89 14.07
CA ASN H 214 -60.32 7.58 15.10
C ASN H 214 -61.53 8.53 15.08
N LEU H 215 -62.20 8.55 13.94
CA LEU H 215 -63.44 9.30 13.81
C LEU H 215 -64.59 8.50 14.43
N LYS H 216 -65.35 9.15 15.30
CA LYS H 216 -66.47 8.50 15.96
C LYS H 216 -67.64 9.47 16.04
N ALA H 217 -68.86 8.92 16.00
CA ALA H 217 -70.09 9.70 16.05
C ALA H 217 -70.77 9.50 17.39
N ARG H 218 -71.43 10.55 17.87
CA ARG H 218 -72.09 10.52 19.18
C ARG H 218 -73.24 11.50 19.18
N ALA H 219 -74.44 11.00 19.49
CA ALA H 219 -75.62 11.86 19.64
C ALA H 219 -75.53 12.55 21.01
N ALA H 220 -75.08 13.80 21.01
CA ALA H 220 -74.79 14.48 22.27
C ALA H 220 -76.07 14.96 22.96
N VAL H 221 -76.80 15.86 22.31
CA VAL H 221 -78.01 16.46 22.90
C VAL H 221 -79.15 16.15 21.93
N GLY H 222 -79.89 15.09 22.22
CA GLY H 222 -81.02 14.73 21.38
C GLY H 222 -81.46 13.31 21.64
N ALA H 223 -82.65 13.01 21.12
CA ALA H 223 -83.23 11.68 21.26
C ALA H 223 -82.46 10.71 20.37
N LEU H 224 -81.78 9.76 21.01
CA LEU H 224 -80.94 8.81 20.28
C LEU H 224 -81.80 7.78 19.56
N ASP H 225 -81.63 7.67 18.26
CA ASP H 225 -82.28 6.59 17.52
C ASP H 225 -81.57 5.28 17.81
N GLY H 226 -82.34 4.19 17.83
CA GLY H 226 -81.84 2.90 18.28
C GLY H 226 -80.79 2.25 17.41
N SER H 227 -81.17 1.89 16.18
CA SER H 227 -80.28 1.17 15.27
C SER H 227 -79.65 2.09 14.23
N LEU H 228 -79.32 3.32 14.60
CA LEU H 228 -78.74 4.28 13.67
C LEU H 228 -77.26 4.52 13.88
N LEU H 229 -76.81 4.63 15.14
CA LEU H 229 -75.39 4.86 15.41
C LEU H 229 -74.53 3.63 15.11
N GLU H 230 -75.13 2.45 15.00
CA GLU H 230 -74.39 1.26 14.61
C GLU H 230 -73.99 1.29 13.14
N LYS H 231 -74.71 2.04 12.30
CA LYS H 231 -74.42 2.14 10.89
C LYS H 231 -73.98 3.52 10.45
N LEU H 232 -74.12 4.54 11.31
CA LEU H 232 -73.50 5.82 11.02
C LEU H 232 -72.01 5.80 11.31
N ASN H 233 -71.60 5.06 12.35
CA ASN H 233 -70.19 4.86 12.63
C ASN H 233 -69.54 3.87 11.66
N HIS H 234 -70.33 3.14 10.88
CA HIS H 234 -69.77 2.27 9.84
C HIS H 234 -69.61 2.99 8.51
N GLU H 235 -70.34 4.08 8.30
CA GLU H 235 -70.13 4.90 7.10
C GLU H 235 -68.77 5.59 7.13
N LEU H 236 -68.37 6.10 8.30
CA LEU H 236 -67.07 6.72 8.47
C LEU H 236 -66.02 5.72 8.96
N ALA H 237 -66.20 4.43 8.68
CA ALA H 237 -65.14 3.46 8.94
C ALA H 237 -64.00 3.61 7.94
N ALA H 238 -64.33 4.03 6.71
CA ALA H 238 -63.32 4.42 5.72
C ALA H 238 -63.14 5.93 5.86
N VAL H 239 -62.23 6.32 6.75
CA VAL H 239 -62.03 7.72 7.12
C VAL H 239 -61.42 8.51 5.97
N SER I 5 17.06 -42.08 -28.44
CA SER I 5 17.07 -41.34 -27.19
C SER I 5 16.66 -42.22 -26.01
N VAL I 6 17.36 -42.05 -24.89
CA VAL I 6 17.10 -42.85 -23.71
C VAL I 6 16.44 -42.05 -22.59
N ILE I 7 16.65 -40.73 -22.54
CA ILE I 7 16.09 -39.92 -21.47
C ILE I 7 14.59 -39.72 -21.71
N GLN I 8 13.78 -40.04 -20.70
CA GLN I 8 12.34 -39.94 -20.81
C GLN I 8 11.88 -38.50 -20.65
N ASP I 9 10.56 -38.29 -20.69
CA ASP I 9 10.02 -36.97 -20.38
C ASP I 9 10.09 -36.68 -18.89
N ASP I 10 9.61 -37.61 -18.06
CA ASP I 10 9.77 -37.50 -16.61
C ASP I 10 11.09 -38.18 -16.23
N TYR I 11 12.17 -37.41 -16.35
CA TYR I 11 13.51 -37.95 -16.13
C TYR I 11 13.80 -38.19 -14.66
N VAL I 12 13.07 -37.54 -13.74
CA VAL I 12 13.35 -37.66 -12.32
C VAL I 12 12.95 -39.03 -11.81
N LYS I 13 11.96 -39.66 -12.43
CA LYS I 13 11.52 -40.99 -12.02
C LYS I 13 12.48 -42.09 -12.47
N GLN I 14 13.10 -41.94 -13.65
CA GLN I 14 14.02 -42.97 -14.11
C GLN I 14 15.44 -42.74 -13.60
N ALA I 15 15.77 -41.53 -13.17
CA ALA I 15 17.07 -41.28 -12.56
C ALA I 15 17.14 -41.77 -11.12
N GLU I 16 15.99 -42.07 -10.52
CA GLU I 16 15.97 -42.60 -9.16
C GLU I 16 16.11 -44.11 -9.16
N GLN I 17 15.59 -44.78 -10.19
CA GLN I 17 15.71 -46.23 -10.29
C GLN I 17 17.12 -46.67 -10.70
N VAL I 18 17.91 -45.77 -11.28
CA VAL I 18 19.31 -46.10 -11.57
C VAL I 18 20.11 -46.18 -10.29
N ILE I 19 19.86 -45.27 -9.35
CA ILE I 19 20.63 -45.22 -8.11
C ILE I 19 20.24 -46.37 -7.18
N ARG I 20 18.98 -46.81 -7.23
CA ARG I 20 18.56 -47.95 -6.43
C ARG I 20 19.15 -49.27 -6.91
N GLY I 21 19.61 -49.33 -8.16
CA GLY I 21 20.20 -50.54 -8.70
C GLY I 21 21.71 -50.55 -8.79
N LEU I 22 22.39 -49.57 -8.19
CA LEU I 22 23.85 -49.58 -8.20
C LEU I 22 24.37 -50.69 -7.29
N PRO I 23 25.52 -51.28 -7.63
CA PRO I 23 26.05 -52.38 -6.82
C PRO I 23 26.56 -51.91 -5.46
N LYS I 24 26.59 -52.84 -4.52
CA LYS I 24 26.96 -52.55 -3.14
C LYS I 24 27.82 -53.66 -2.58
N LYS I 25 28.68 -53.28 -1.64
CA LYS I 25 29.55 -54.19 -0.90
C LYS I 25 28.80 -54.69 0.34
N ASN I 26 29.54 -55.21 1.33
CA ASN I 26 28.94 -55.52 2.64
C ASN I 26 28.33 -54.27 3.28
N GLY I 27 28.90 -53.09 3.01
CA GLY I 27 28.22 -51.84 3.25
C GLY I 27 27.26 -51.52 2.13
N ASP I 28 27.31 -50.28 1.65
CA ASP I 28 26.53 -49.90 0.49
C ASP I 28 27.21 -48.79 -0.29
N PHE I 29 27.00 -48.80 -1.61
CA PHE I 29 27.35 -47.72 -2.55
C PHE I 29 28.85 -47.44 -2.53
N GLU I 30 29.59 -48.41 -3.07
CA GLU I 30 31.03 -48.28 -3.30
C GLU I 30 31.39 -47.04 -4.13
N LEU I 31 30.55 -46.70 -5.10
CA LEU I 31 30.68 -45.42 -5.78
C LEU I 31 30.28 -44.29 -4.85
N THR I 32 31.15 -43.31 -4.69
CA THR I 32 30.89 -42.14 -3.86
C THR I 32 30.64 -40.92 -4.75
N THR I 33 30.44 -39.78 -4.10
CA THR I 33 30.26 -38.52 -4.81
C THR I 33 31.54 -37.70 -4.90
N THR I 34 32.64 -38.21 -4.33
CA THR I 34 33.94 -37.58 -4.48
C THR I 34 34.76 -38.18 -5.59
N GLN I 35 34.40 -39.36 -6.09
CA GLN I 35 35.11 -39.99 -7.19
C GLN I 35 34.78 -39.36 -8.54
N LEU I 36 33.75 -38.51 -8.61
CA LEU I 36 33.37 -37.89 -9.87
C LEU I 36 33.13 -36.41 -9.68
N ARG I 37 33.95 -35.74 -8.88
CA ARG I 37 33.87 -34.28 -8.79
C ARG I 37 34.69 -33.61 -9.88
N VAL I 38 35.53 -34.35 -10.60
CA VAL I 38 36.18 -33.80 -11.79
C VAL I 38 35.29 -33.97 -13.01
N LEU I 39 34.33 -34.90 -12.97
CA LEU I 39 33.33 -35.02 -14.02
C LEU I 39 32.15 -34.09 -13.79
N LEU I 40 31.93 -33.65 -12.54
CA LEU I 40 30.83 -32.75 -12.24
C LEU I 40 31.18 -31.29 -12.45
N SER I 41 32.46 -30.93 -12.37
CA SER I 41 32.87 -29.55 -12.61
C SER I 41 33.04 -29.24 -14.09
N LEU I 42 33.17 -30.25 -14.95
CA LEU I 42 33.18 -30.04 -16.38
C LEU I 42 31.77 -30.01 -16.96
N THR I 43 30.85 -30.77 -16.36
CA THR I 43 29.45 -30.73 -16.78
C THR I 43 28.79 -29.42 -16.37
N ALA I 44 29.13 -28.90 -15.20
CA ALA I 44 28.50 -27.69 -14.69
C ALA I 44 28.99 -26.42 -15.38
N GLN I 45 29.99 -26.51 -16.27
CA GLN I 45 30.38 -25.39 -17.10
C GLN I 45 29.88 -25.50 -18.52
N LEU I 46 29.60 -26.70 -19.00
CA LEU I 46 28.91 -26.87 -20.27
C LEU I 46 27.47 -26.41 -20.17
N PHE I 47 26.86 -26.60 -19.00
CA PHE I 47 25.49 -26.15 -18.76
C PHE I 47 25.39 -24.62 -18.77
N ASP I 48 26.47 -23.93 -18.40
CA ASP I 48 26.41 -22.48 -18.30
C ASP I 48 26.47 -21.82 -19.68
N GLU I 49 27.42 -22.24 -20.52
CA GLU I 49 27.57 -21.63 -21.83
C GLU I 49 26.47 -22.04 -22.79
N ALA I 50 25.89 -23.22 -22.60
CA ALA I 50 24.74 -23.62 -23.40
C ALA I 50 23.50 -22.81 -23.04
N GLN I 51 23.38 -22.44 -21.76
CA GLN I 51 22.23 -21.66 -21.32
C GLN I 51 22.33 -20.22 -21.78
N LEU I 52 23.52 -19.62 -21.69
CA LEU I 52 23.73 -18.24 -22.10
C LEU I 52 23.67 -18.07 -23.62
N SER I 53 23.85 -19.14 -24.39
CA SER I 53 23.80 -19.04 -25.83
C SER I 53 22.37 -18.81 -26.31
N SER I 54 22.26 -18.12 -27.45
CA SER I 54 20.97 -17.76 -28.02
C SER I 54 20.60 -18.57 -29.25
N ASP I 55 21.56 -18.92 -30.08
CA ASP I 55 21.28 -19.67 -31.29
C ASP I 55 20.92 -21.12 -30.97
N GLN I 56 20.20 -21.76 -31.89
CA GLN I 56 19.75 -23.13 -31.65
C GLN I 56 20.87 -24.14 -31.90
N ASN I 57 21.56 -24.03 -33.02
CA ASN I 57 22.67 -24.92 -33.30
C ASN I 57 23.89 -24.53 -32.47
N LEU I 58 24.68 -25.54 -32.11
CA LEU I 58 25.83 -25.31 -31.25
C LEU I 58 26.97 -24.67 -32.02
N SER I 59 27.86 -24.01 -31.28
CA SER I 59 29.04 -23.38 -31.85
C SER I 59 30.06 -24.46 -32.21
N PRO I 60 31.09 -24.13 -33.01
CA PRO I 60 32.22 -25.05 -33.12
C PRO I 60 32.98 -25.20 -31.82
N ALA I 61 33.09 -24.14 -31.02
CA ALA I 61 33.69 -24.25 -29.69
C ALA I 61 32.78 -25.00 -28.72
N LEU I 62 31.47 -24.97 -28.96
CA LEU I 62 30.51 -25.73 -28.16
C LEU I 62 30.32 -27.15 -28.67
N ARG I 63 31.20 -27.63 -29.54
CA ARG I 63 31.30 -29.05 -29.83
C ARG I 63 32.64 -29.64 -29.44
N ASP I 64 33.71 -28.84 -29.39
CA ASP I 64 34.98 -29.32 -28.88
C ASP I 64 34.94 -29.49 -27.37
N LYS I 65 34.05 -28.77 -26.69
CA LYS I 65 33.87 -28.93 -25.25
C LYS I 65 33.00 -30.12 -24.90
N VAL I 66 32.05 -30.48 -25.76
CA VAL I 66 31.27 -31.69 -25.56
C VAL I 66 32.11 -32.92 -25.87
N GLN I 67 32.98 -32.82 -26.89
CA GLN I 67 33.82 -33.94 -27.25
C GLN I 67 34.92 -34.20 -26.23
N TYR I 68 35.34 -33.17 -25.50
CA TYR I 68 36.30 -33.38 -24.43
C TYR I 68 35.65 -34.01 -23.21
N LEU I 69 34.35 -33.76 -23.00
CA LEU I 69 33.64 -34.37 -21.88
C LEU I 69 33.49 -35.87 -22.07
N ARG I 70 33.39 -36.33 -23.33
CA ARG I 70 33.23 -37.76 -23.59
C ARG I 70 34.53 -38.53 -23.43
N VAL I 71 35.68 -37.88 -23.57
CA VAL I 71 36.94 -38.59 -23.32
C VAL I 71 37.29 -38.64 -21.84
N ARG I 72 36.62 -37.85 -21.01
CA ARG I 72 36.83 -37.92 -19.57
C ARG I 72 35.95 -38.97 -18.91
N PHE I 73 34.80 -39.28 -19.50
CA PHE I 73 33.95 -40.34 -18.98
C PHE I 73 34.51 -41.73 -19.25
N VAL I 74 35.51 -41.86 -20.12
CA VAL I 74 36.11 -43.16 -20.38
C VAL I 74 37.48 -43.23 -19.69
N TYR I 75 38.13 -42.09 -19.52
CA TYR I 75 39.40 -42.06 -18.81
C TYR I 75 39.23 -42.11 -17.30
N GLN I 76 38.03 -41.86 -16.79
CA GLN I 76 37.74 -41.99 -15.37
C GLN I 76 37.05 -43.30 -15.04
N ALA I 77 36.21 -43.81 -15.94
CA ALA I 77 35.61 -45.12 -15.76
C ALA I 77 36.59 -46.26 -16.03
N GLY I 78 37.65 -46.00 -16.78
CA GLY I 78 38.65 -47.02 -17.01
C GLY I 78 39.45 -47.32 -15.76
N ARG I 79 39.91 -46.28 -15.07
CA ARG I 79 40.74 -46.43 -13.88
C ARG I 79 39.94 -46.54 -12.60
N GLU I 80 38.65 -46.90 -12.68
CA GLU I 80 37.83 -47.02 -11.49
C GLU I 80 36.74 -48.05 -11.77
N LYS I 81 36.68 -49.09 -10.93
CA LYS I 81 35.71 -50.15 -11.15
C LYS I 81 34.30 -49.69 -10.79
N ALA I 82 34.17 -48.81 -9.80
CA ALA I 82 32.85 -48.36 -9.36
C ALA I 82 32.19 -47.40 -10.34
N VAL I 83 32.99 -46.61 -11.07
CA VAL I 83 32.42 -45.61 -11.96
C VAL I 83 31.88 -46.25 -13.24
N ARG I 84 32.57 -47.28 -13.77
CA ARG I 84 32.19 -47.82 -15.06
C ARG I 84 30.90 -48.63 -15.01
N VAL I 85 30.47 -49.07 -13.83
CA VAL I 85 29.14 -49.66 -13.71
C VAL I 85 28.08 -48.57 -13.68
N PHE I 86 28.45 -47.38 -13.20
CA PHE I 86 27.49 -46.28 -13.13
C PHE I 86 27.25 -45.66 -14.50
N VAL I 87 28.30 -45.53 -15.32
CA VAL I 87 28.15 -44.92 -16.64
C VAL I 87 27.40 -45.86 -17.57
N GLU I 88 27.62 -47.17 -17.45
CA GLU I 88 26.93 -48.12 -18.31
C GLU I 88 25.50 -48.37 -17.90
N ARG I 89 25.14 -48.13 -16.64
CA ARG I 89 23.76 -48.34 -16.21
C ARG I 89 22.91 -47.09 -16.43
N ALA I 90 23.49 -45.91 -16.19
CA ALA I 90 22.78 -44.67 -16.48
C ALA I 90 22.76 -44.33 -17.96
N GLY I 91 23.63 -44.96 -18.76
CA GLY I 91 23.68 -44.72 -20.18
C GLY I 91 24.21 -43.36 -20.57
N LEU I 92 25.28 -42.90 -19.93
CA LEU I 92 25.82 -41.58 -20.21
C LEU I 92 26.65 -41.54 -21.48
N LEU I 93 27.21 -42.68 -21.90
CA LEU I 93 27.97 -42.73 -23.14
C LEU I 93 27.09 -42.89 -24.37
N ASP I 94 25.84 -43.30 -24.18
CA ASP I 94 24.89 -43.38 -25.29
C ASP I 94 24.22 -42.03 -25.56
N GLU I 95 24.01 -41.24 -24.52
CA GLU I 95 23.32 -39.97 -24.69
C GLU I 95 24.24 -38.90 -25.28
N LEU I 96 25.54 -38.95 -24.96
CA LEU I 96 26.46 -37.94 -25.47
C LEU I 96 26.73 -38.07 -26.96
N ALA I 97 26.43 -39.24 -27.55
CA ALA I 97 26.53 -39.38 -28.99
C ALA I 97 25.29 -38.86 -29.71
N GLN I 98 24.16 -38.74 -29.02
CA GLN I 98 22.95 -38.19 -29.62
C GLN I 98 23.03 -36.68 -29.77
N ILE I 99 23.81 -35.99 -28.94
CA ILE I 99 23.91 -34.54 -29.00
C ILE I 99 24.88 -34.16 -30.11
N GLY I 100 24.36 -33.99 -31.32
CA GLY I 100 25.21 -33.56 -32.41
C GLY I 100 25.46 -32.07 -32.38
N ASP I 101 24.40 -31.28 -32.61
CA ASP I 101 24.51 -29.84 -32.54
C ASP I 101 23.29 -29.17 -31.94
N SER I 102 22.35 -29.91 -31.38
CA SER I 102 21.12 -29.34 -30.85
C SER I 102 21.32 -28.90 -29.41
N ARG I 103 20.83 -27.70 -29.09
CA ARG I 103 21.01 -27.15 -27.76
C ARG I 103 20.11 -27.81 -26.74
N ASP I 104 18.87 -28.15 -27.12
CA ASP I 104 17.94 -28.76 -26.17
C ASP I 104 18.29 -30.20 -25.84
N ARG I 105 19.12 -30.86 -26.64
CA ARG I 105 19.65 -32.15 -26.23
C ARG I 105 20.67 -32.01 -25.12
N LEU I 106 21.39 -30.88 -25.09
CA LEU I 106 22.37 -30.66 -24.04
C LEU I 106 21.70 -30.33 -22.71
N LEU I 107 20.71 -29.43 -22.74
CA LEU I 107 20.06 -29.01 -21.51
C LEU I 107 19.19 -30.12 -20.92
N LYS I 108 18.68 -31.01 -21.75
CA LYS I 108 17.98 -32.19 -21.24
C LYS I 108 18.96 -33.20 -20.66
N PHE I 109 20.20 -33.19 -21.14
CA PHE I 109 21.22 -34.07 -20.58
C PHE I 109 21.77 -33.52 -19.26
N CYS I 110 21.94 -32.21 -19.16
CA CYS I 110 22.46 -31.61 -17.94
C CYS I 110 21.42 -31.55 -16.83
N HIS I 111 20.13 -31.52 -17.18
CA HIS I 111 19.09 -31.63 -16.16
C HIS I 111 19.00 -33.04 -15.61
N TYR I 112 19.20 -34.04 -16.48
CA TYR I 112 19.17 -35.42 -16.05
C TYR I 112 20.43 -35.79 -15.27
N MET I 113 21.55 -35.16 -15.59
CA MET I 113 22.80 -35.45 -14.90
C MET I 113 22.78 -34.95 -13.46
N GLU I 114 22.16 -33.80 -13.21
CA GLU I 114 22.08 -33.24 -11.88
C GLU I 114 20.91 -33.80 -11.08
N ALA I 115 20.06 -34.61 -11.69
CA ALA I 115 19.06 -35.38 -10.96
C ALA I 115 19.59 -36.74 -10.52
N LEU I 116 20.80 -37.09 -10.96
CA LEU I 116 21.47 -38.31 -10.51
C LEU I 116 22.31 -38.08 -9.27
N VAL I 117 22.94 -36.90 -9.16
CA VAL I 117 23.68 -36.57 -7.95
C VAL I 117 22.79 -36.03 -6.84
N ALA I 118 21.51 -35.83 -7.12
CA ALA I 118 20.55 -35.51 -6.07
C ALA I 118 20.15 -36.76 -5.31
N TYR I 119 19.74 -37.81 -6.03
CA TYR I 119 19.40 -39.09 -5.43
C TYR I 119 20.63 -39.90 -5.04
N LYS I 120 21.84 -39.45 -5.37
CA LYS I 120 23.04 -40.11 -4.89
C LYS I 120 23.34 -39.74 -3.44
N LYS I 121 23.01 -38.51 -3.03
CA LYS I 121 23.21 -38.12 -1.65
C LYS I 121 22.04 -38.51 -0.76
N PHE I 122 20.83 -38.57 -1.32
CA PHE I 122 19.64 -38.79 -0.52
C PHE I 122 19.44 -40.27 -0.16
N LEU I 123 19.82 -41.19 -1.04
CA LEU I 123 19.51 -42.59 -0.89
C LEU I 123 20.53 -43.36 -0.07
N ASP I 124 21.35 -42.68 0.74
CA ASP I 124 22.36 -43.37 1.52
C ASP I 124 22.74 -42.50 2.72
N PRO I 125 23.30 -43.11 3.77
CA PRO I 125 24.10 -42.34 4.74
C PRO I 125 25.48 -42.01 4.21
N LYS I 126 26.36 -41.54 5.10
CA LYS I 126 27.81 -41.31 4.96
C LYS I 126 28.13 -40.03 4.17
N GLU I 127 27.13 -39.29 3.69
CA GLU I 127 27.39 -38.04 2.98
C GLU I 127 26.72 -36.91 3.76
N THR I 128 27.45 -36.39 4.75
CA THR I 128 27.05 -35.31 5.66
C THR I 128 25.67 -35.47 6.29
N MET J 4 -3.36 -39.24 -1.80
CA MET J 4 -3.72 -37.87 -2.18
C MET J 4 -4.00 -37.02 -0.95
N SER J 5 -3.75 -35.72 -1.08
CA SER J 5 -4.06 -34.68 -0.09
C SER J 5 -3.37 -34.97 1.25
N VAL J 6 -2.03 -34.91 1.23
CA VAL J 6 -1.28 -35.04 2.47
C VAL J 6 -1.38 -33.77 3.31
N ILE J 7 -1.80 -32.66 2.72
CA ILE J 7 -2.11 -31.45 3.48
C ILE J 7 -3.60 -31.47 3.83
N GLN J 8 -3.90 -31.43 5.11
CA GLN J 8 -5.28 -31.41 5.58
C GLN J 8 -5.82 -29.98 5.58
N ASP J 9 -7.13 -29.87 5.53
CA ASP J 9 -7.76 -28.59 5.80
C ASP J 9 -7.57 -28.23 7.27
N ASP J 10 -7.66 -26.93 7.55
CA ASP J 10 -7.07 -26.31 8.74
C ASP J 10 -5.61 -26.72 8.88
N TYR J 11 -4.82 -26.33 7.87
CA TYR J 11 -3.41 -26.66 7.82
C TYR J 11 -2.58 -25.91 8.85
N VAL J 12 -3.12 -24.81 9.39
CA VAL J 12 -2.39 -24.04 10.40
C VAL J 12 -2.26 -24.82 11.70
N LYS J 13 -3.23 -25.69 11.99
CA LYS J 13 -3.12 -26.57 13.14
C LYS J 13 -2.16 -27.73 12.87
N GLN J 14 -2.10 -28.19 11.61
CA GLN J 14 -1.18 -29.25 11.24
C GLN J 14 0.27 -28.77 11.27
N ALA J 15 0.52 -27.53 10.88
CA ALA J 15 1.87 -26.99 10.88
C ALA J 15 2.38 -26.67 12.27
N GLU J 16 1.48 -26.45 13.23
CA GLU J 16 1.90 -26.21 14.62
C GLU J 16 2.46 -27.48 15.24
N GLN J 17 1.87 -28.63 14.91
CA GLN J 17 2.31 -29.89 15.47
C GLN J 17 3.58 -30.42 14.80
N VAL J 18 3.87 -29.99 13.58
CA VAL J 18 5.08 -30.43 12.89
C VAL J 18 6.31 -29.78 13.53
N ILE J 19 6.24 -28.47 13.78
CA ILE J 19 7.39 -27.74 14.31
C ILE J 19 7.65 -28.12 15.77
N ARG J 20 6.60 -28.48 16.52
CA ARG J 20 6.79 -28.94 17.89
C ARG J 20 7.37 -30.35 17.95
N GLY J 21 7.25 -31.14 16.89
CA GLY J 21 7.78 -32.48 16.88
C GLY J 21 9.18 -32.59 16.29
N LEU J 22 9.98 -31.55 16.44
CA LEU J 22 11.32 -31.58 15.92
C LEU J 22 12.31 -31.92 17.04
N PRO J 23 13.47 -32.50 16.69
CA PRO J 23 14.49 -32.79 17.71
C PRO J 23 15.05 -31.53 18.36
N LYS J 24 15.48 -31.68 19.62
CA LYS J 24 15.79 -30.53 20.46
C LYS J 24 17.24 -30.09 20.30
N LYS J 25 18.20 -30.96 20.63
CA LYS J 25 19.64 -30.67 20.67
C LYS J 25 19.93 -29.46 21.59
N ASN J 26 19.68 -29.70 22.88
CA ASN J 26 19.86 -28.73 23.97
C ASN J 26 18.97 -27.50 23.77
N GLY J 27 17.69 -27.72 23.58
CA GLY J 27 16.72 -26.63 23.45
C GLY J 27 16.66 -25.93 22.12
N ASP J 28 17.75 -25.31 21.69
CA ASP J 28 17.79 -24.57 20.43
C ASP J 28 17.83 -25.55 19.27
N PHE J 29 16.93 -25.32 18.29
CA PHE J 29 16.62 -26.29 17.25
C PHE J 29 17.81 -26.60 16.35
N GLU J 30 17.79 -27.80 15.75
CA GLU J 30 18.80 -28.17 14.78
C GLU J 30 18.56 -27.47 13.44
N LEU J 31 17.32 -27.20 13.10
CA LEU J 31 16.98 -26.59 11.82
C LEU J 31 16.90 -25.08 11.96
N THR J 32 17.61 -24.37 11.10
CA THR J 32 17.53 -22.92 11.00
C THR J 32 16.77 -22.55 9.73
N THR J 33 16.38 -21.29 9.62
CA THR J 33 15.80 -20.81 8.37
C THR J 33 16.87 -20.46 7.34
N THR J 34 18.14 -20.42 7.73
CA THR J 34 19.21 -20.19 6.78
C THR J 34 19.48 -21.43 5.93
N GLN J 35 19.16 -22.61 6.46
CA GLN J 35 19.32 -23.85 5.70
C GLN J 35 18.21 -24.05 4.67
N LEU J 36 17.15 -23.24 4.72
CA LEU J 36 16.07 -23.31 3.76
C LEU J 36 16.04 -22.10 2.83
N ARG J 37 17.12 -21.31 2.79
CA ARG J 37 17.10 -20.04 2.07
C ARG J 37 17.06 -20.24 0.56
N VAL J 38 17.79 -21.22 0.04
CA VAL J 38 17.75 -21.48 -1.39
C VAL J 38 16.45 -22.15 -1.80
N LEU J 39 15.72 -22.74 -0.86
CA LEU J 39 14.42 -23.34 -1.16
C LEU J 39 13.27 -22.36 -1.00
N LEU J 40 13.37 -21.42 -0.06
CA LEU J 40 12.29 -20.45 0.12
C LEU J 40 12.28 -19.42 -0.99
N SER J 41 13.44 -19.13 -1.60
CA SER J 41 13.50 -18.17 -2.69
C SER J 41 13.02 -18.75 -4.01
N LEU J 42 12.87 -20.07 -4.12
CA LEU J 42 12.31 -20.68 -5.31
C LEU J 42 10.82 -20.90 -5.21
N THR J 43 10.31 -21.16 -4.00
CA THR J 43 8.87 -21.31 -3.81
C THR J 43 8.16 -19.97 -3.95
N ALA J 44 8.83 -18.87 -3.60
CA ALA J 44 8.24 -17.56 -3.76
C ALA J 44 8.18 -17.15 -5.23
N GLN J 45 9.14 -17.60 -6.04
CA GLN J 45 9.08 -17.34 -7.47
C GLN J 45 7.99 -18.17 -8.14
N LEU J 46 7.74 -19.38 -7.64
CA LEU J 46 6.68 -20.21 -8.18
C LEU J 46 5.30 -19.70 -7.78
N PHE J 47 5.18 -19.16 -6.57
CA PHE J 47 3.91 -18.65 -6.10
C PHE J 47 3.53 -17.35 -6.82
N ASP J 48 4.51 -16.54 -7.19
CA ASP J 48 4.22 -15.30 -7.91
C ASP J 48 3.84 -15.52 -9.36
N GLU J 49 4.08 -16.71 -9.91
CA GLU J 49 3.72 -17.01 -11.28
C GLU J 49 2.45 -17.84 -11.41
N ALA J 50 2.14 -18.69 -10.43
CA ALA J 50 0.90 -19.43 -10.46
C ALA J 50 -0.29 -18.57 -10.06
N GLN J 51 -0.05 -17.51 -9.28
CA GLN J 51 -1.14 -16.66 -8.81
C GLN J 51 -1.66 -15.78 -9.94
N LEU J 52 -0.77 -15.29 -10.80
CA LEU J 52 -1.18 -14.40 -11.87
C LEU J 52 -1.84 -15.12 -13.03
N SER J 53 -1.74 -16.45 -13.08
CA SER J 53 -2.33 -17.22 -14.17
C SER J 53 -3.83 -17.36 -13.97
N SER J 54 -4.49 -17.90 -14.98
CA SER J 54 -5.95 -18.00 -14.94
C SER J 54 -6.46 -19.42 -15.18
N ASP J 55 -5.80 -20.19 -16.05
CA ASP J 55 -6.28 -21.52 -16.38
C ASP J 55 -6.00 -22.50 -15.26
N GLN J 56 -6.87 -23.50 -15.13
CA GLN J 56 -6.76 -24.49 -14.07
C GLN J 56 -5.71 -25.55 -14.33
N ASN J 57 -5.03 -25.52 -15.48
CA ASN J 57 -3.96 -26.45 -15.80
C ASN J 57 -2.67 -25.68 -15.99
N LEU J 58 -1.59 -26.19 -15.40
CA LEU J 58 -0.31 -25.50 -15.44
C LEU J 58 0.31 -25.57 -16.83
N SER J 59 0.90 -24.45 -17.25
CA SER J 59 1.56 -24.37 -18.54
C SER J 59 2.83 -25.23 -18.53
N PRO J 60 3.29 -25.70 -19.70
CA PRO J 60 4.54 -26.48 -19.72
C PRO J 60 5.79 -25.67 -19.41
N ALA J 61 5.71 -24.34 -19.43
CA ALA J 61 6.77 -23.50 -18.90
C ALA J 61 6.69 -23.34 -17.39
N LEU J 62 5.62 -23.83 -16.76
CA LEU J 62 5.48 -23.80 -15.32
C LEU J 62 5.55 -25.18 -14.68
N ARG J 63 5.35 -26.25 -15.45
CA ARG J 63 5.41 -27.60 -14.92
C ARG J 63 6.83 -28.16 -14.91
N ASP J 64 7.78 -27.47 -15.51
CA ASP J 64 9.19 -27.84 -15.42
C ASP J 64 9.95 -27.02 -14.39
N LYS J 65 9.27 -26.10 -13.69
CA LYS J 65 9.82 -25.46 -12.51
C LYS J 65 9.40 -26.17 -11.23
N VAL J 66 8.35 -26.99 -11.30
CA VAL J 66 7.99 -27.84 -10.17
C VAL J 66 8.91 -29.05 -10.12
N GLN J 67 9.34 -29.55 -11.28
CA GLN J 67 10.24 -30.69 -11.30
C GLN J 67 11.66 -30.28 -10.90
N TYR J 68 12.06 -29.04 -11.16
CA TYR J 68 13.33 -28.55 -10.65
C TYR J 68 13.27 -28.28 -9.16
N LEU J 69 12.09 -27.88 -8.66
CA LEU J 69 11.95 -27.61 -7.24
C LEU J 69 11.97 -28.89 -6.41
N ARG J 70 11.44 -29.99 -6.96
CA ARG J 70 11.45 -31.26 -6.26
C ARG J 70 12.73 -32.06 -6.52
N VAL J 71 13.67 -31.51 -7.27
CA VAL J 71 15.02 -32.08 -7.34
C VAL J 71 16.02 -31.28 -6.53
N ARG J 72 15.71 -30.03 -6.19
CA ARG J 72 16.50 -29.25 -5.24
C ARG J 72 16.11 -29.53 -3.81
N PHE J 73 14.89 -30.04 -3.56
CA PHE J 73 14.52 -30.49 -2.24
C PHE J 73 15.22 -31.79 -1.86
N VAL J 74 15.38 -32.69 -2.84
CA VAL J 74 16.01 -33.98 -2.59
C VAL J 74 17.50 -33.80 -2.36
N TYR J 75 18.14 -32.89 -3.10
CA TYR J 75 19.56 -32.64 -2.92
C TYR J 75 19.84 -31.94 -1.60
N GLN J 76 18.94 -31.06 -1.17
CA GLN J 76 19.15 -30.33 0.07
C GLN J 76 18.90 -31.20 1.29
N ALA J 77 17.97 -32.15 1.20
CA ALA J 77 17.74 -33.09 2.27
C ALA J 77 18.80 -34.17 2.36
N GLY J 78 19.62 -34.34 1.32
CA GLY J 78 20.61 -35.40 1.34
C GLY J 78 21.89 -35.04 2.07
N ARG J 79 22.27 -33.76 2.07
CA ARG J 79 23.52 -33.34 2.65
C ARG J 79 23.35 -32.56 3.95
N GLU J 80 22.13 -32.51 4.50
CA GLU J 80 21.89 -31.92 5.80
C GLU J 80 20.94 -32.83 6.56
N LYS J 81 21.27 -33.13 7.82
CA LYS J 81 20.42 -34.02 8.60
C LYS J 81 19.30 -33.29 9.31
N ALA J 82 19.46 -31.99 9.57
CA ALA J 82 18.37 -31.22 10.14
C ALA J 82 17.24 -31.02 9.13
N VAL J 83 17.60 -30.76 7.86
CA VAL J 83 16.61 -30.60 6.81
C VAL J 83 16.04 -31.96 6.38
N ARG J 84 16.74 -33.05 6.69
CA ARG J 84 16.28 -34.37 6.27
C ARG J 84 15.06 -34.82 7.06
N VAL J 85 15.05 -34.56 8.37
CA VAL J 85 13.94 -34.99 9.20
C VAL J 85 12.74 -34.06 8.99
N PHE J 86 12.99 -32.77 8.78
CA PHE J 86 11.93 -31.79 8.58
C PHE J 86 11.15 -32.06 7.29
N VAL J 87 11.85 -32.47 6.23
CA VAL J 87 11.17 -32.83 4.98
C VAL J 87 10.35 -34.10 5.16
N GLU J 88 10.87 -35.05 5.95
CA GLU J 88 10.13 -36.28 6.19
C GLU J 88 8.99 -36.07 7.17
N ARG J 89 9.14 -35.19 8.16
CA ARG J 89 8.09 -34.97 9.15
C ARG J 89 6.92 -34.19 8.58
N ALA J 90 7.17 -33.34 7.58
CA ALA J 90 6.12 -32.53 6.99
C ALA J 90 5.53 -33.12 5.72
N GLY J 91 6.23 -34.06 5.08
CA GLY J 91 5.74 -34.69 3.87
C GLY J 91 5.75 -33.76 2.67
N LEU J 92 6.89 -33.14 2.42
CA LEU J 92 7.00 -32.17 1.33
C LEU J 92 7.34 -32.81 -0.01
N LEU J 93 8.02 -33.96 0.00
CA LEU J 93 8.35 -34.63 -1.25
C LEU J 93 7.16 -35.41 -1.80
N ASP J 94 6.30 -35.92 -0.92
CA ASP J 94 5.12 -36.66 -1.38
C ASP J 94 4.08 -35.73 -1.97
N GLU J 95 3.96 -34.50 -1.45
CA GLU J 95 3.02 -33.53 -2.01
C GLU J 95 3.52 -32.98 -3.34
N LEU J 96 4.84 -32.75 -3.45
CA LEU J 96 5.40 -32.21 -4.67
C LEU J 96 5.32 -33.19 -5.84
N ALA J 97 5.32 -34.49 -5.55
CA ALA J 97 5.14 -35.47 -6.61
C ALA J 97 3.69 -35.59 -7.03
N GLN J 98 2.76 -35.23 -6.16
CA GLN J 98 1.33 -35.36 -6.42
C GLN J 98 0.69 -34.04 -6.81
N ILE J 99 1.47 -33.01 -7.13
CA ILE J 99 0.90 -31.78 -7.67
C ILE J 99 0.38 -32.02 -9.09
N GLY J 100 1.24 -32.57 -9.95
CA GLY J 100 0.82 -32.89 -11.30
C GLY J 100 0.70 -31.66 -12.19
N ASP J 101 -0.52 -31.29 -12.53
CA ASP J 101 -0.74 -30.18 -13.45
C ASP J 101 -1.83 -29.22 -13.00
N SER J 102 -2.44 -29.41 -11.84
CA SER J 102 -3.53 -28.55 -11.41
C SER J 102 -2.99 -27.31 -10.71
N ARG J 103 -3.72 -26.20 -10.87
CA ARG J 103 -3.28 -24.93 -10.31
C ARG J 103 -3.51 -24.86 -8.80
N ASP J 104 -4.54 -25.53 -8.30
CA ASP J 104 -4.94 -25.38 -6.90
C ASP J 104 -4.43 -26.49 -5.99
N ARG J 105 -3.61 -27.40 -6.51
CA ARG J 105 -2.77 -28.23 -5.65
C ARG J 105 -1.35 -27.71 -5.59
N LEU J 106 -1.03 -26.68 -6.37
CA LEU J 106 0.22 -25.94 -6.24
C LEU J 106 0.06 -24.75 -5.30
N LEU J 107 -1.08 -24.07 -5.36
CA LEU J 107 -1.35 -22.99 -4.40
C LEU J 107 -1.62 -23.55 -3.02
N LYS J 108 -2.15 -24.77 -2.93
CA LYS J 108 -2.35 -25.42 -1.64
C LYS J 108 -1.02 -25.79 -1.00
N PHE J 109 -0.01 -26.10 -1.82
CA PHE J 109 1.32 -26.41 -1.30
C PHE J 109 2.00 -25.16 -0.74
N CYS J 110 1.83 -24.02 -1.42
CA CYS J 110 2.52 -22.80 -1.01
C CYS J 110 1.89 -22.16 0.23
N HIS J 111 0.59 -22.35 0.46
CA HIS J 111 -0.01 -21.85 1.69
C HIS J 111 0.40 -22.69 2.89
N TYR J 112 0.61 -23.99 2.69
CA TYR J 112 1.12 -24.85 3.74
C TYR J 112 2.60 -24.58 4.00
N MET J 113 3.32 -24.10 2.99
CA MET J 113 4.74 -23.80 3.15
C MET J 113 4.95 -22.54 3.98
N GLU J 114 4.01 -21.58 3.92
CA GLU J 114 4.15 -20.36 4.70
C GLU J 114 3.90 -20.60 6.17
N ALA J 115 3.02 -21.55 6.51
CA ALA J 115 2.68 -21.78 7.91
C ALA J 115 3.81 -22.50 8.65
N LEU J 116 4.65 -23.24 7.94
CA LEU J 116 5.77 -23.92 8.59
C LEU J 116 6.90 -22.94 8.90
N VAL J 117 7.12 -21.95 8.04
CA VAL J 117 8.13 -20.94 8.32
C VAL J 117 7.62 -19.95 9.36
N ALA J 118 6.30 -19.73 9.40
CA ALA J 118 5.73 -18.81 10.39
C ALA J 118 5.78 -19.38 11.79
N TYR J 119 5.57 -20.68 11.94
CA TYR J 119 5.70 -21.32 13.24
C TYR J 119 7.14 -21.65 13.59
N LYS J 120 8.06 -21.59 12.61
CA LYS J 120 9.46 -21.86 12.92
C LYS J 120 10.10 -20.68 13.63
N LYS J 121 9.79 -19.46 13.22
CA LYS J 121 10.35 -18.29 13.86
C LYS J 121 9.67 -17.96 15.19
N PHE J 122 8.47 -18.49 15.42
CA PHE J 122 7.73 -18.17 16.64
C PHE J 122 8.14 -19.08 17.79
N LEU J 123 8.29 -20.38 17.53
CA LEU J 123 8.62 -21.36 18.55
C LEU J 123 10.12 -21.52 18.75
N ASP J 124 10.93 -20.55 18.31
CA ASP J 124 12.37 -20.71 18.43
C ASP J 124 13.05 -19.45 18.91
N PRO J 125 13.76 -19.50 20.04
CA PRO J 125 14.70 -18.43 20.39
C PRO J 125 16.00 -18.54 19.60
N LYS J 126 16.99 -17.70 19.95
CA LYS J 126 18.22 -17.50 19.17
C LYS J 126 17.87 -17.12 17.74
N GLU J 127 16.96 -16.15 17.64
CA GLU J 127 16.30 -15.69 16.43
C GLU J 127 15.98 -14.21 16.67
N THR J 128 14.97 -13.70 15.96
CA THR J 128 14.26 -12.47 16.30
C THR J 128 15.16 -11.24 16.18
N SER J 129 15.68 -11.01 14.97
CA SER J 129 16.47 -9.82 14.69
C SER J 129 16.32 -9.40 13.24
N MET K 4 -15.71 -18.07 26.18
CA MET K 4 -14.28 -18.23 26.37
C MET K 4 -13.50 -17.15 25.62
N SER K 5 -13.87 -15.90 25.84
CA SER K 5 -13.22 -14.76 25.20
C SER K 5 -12.35 -14.01 26.19
N VAL K 6 -11.39 -13.26 25.64
CA VAL K 6 -10.56 -12.39 26.46
C VAL K 6 -11.24 -11.05 26.68
N ILE K 7 -12.20 -10.69 25.84
CA ILE K 7 -12.92 -9.43 25.97
C ILE K 7 -13.88 -9.52 27.15
N GLN K 8 -13.74 -8.59 28.10
CA GLN K 8 -14.51 -8.58 29.33
C GLN K 8 -15.77 -7.72 29.23
N ASP K 9 -16.35 -7.63 28.03
CA ASP K 9 -17.61 -6.96 27.69
C ASP K 9 -17.53 -5.44 27.84
N ASP K 10 -16.35 -4.90 28.13
CA ASP K 10 -16.11 -3.47 28.14
C ASP K 10 -15.07 -3.04 27.10
N TYR K 11 -13.92 -3.72 27.10
CA TYR K 11 -12.86 -3.67 26.08
C TYR K 11 -12.22 -2.29 25.86
N VAL K 12 -12.61 -1.27 26.63
CA VAL K 12 -11.94 0.01 26.62
C VAL K 12 -11.14 0.24 27.89
N LYS K 13 -11.66 -0.25 29.02
CA LYS K 13 -10.83 -0.39 30.21
C LYS K 13 -9.76 -1.45 30.02
N GLN K 14 -10.15 -2.57 29.38
CA GLN K 14 -9.22 -3.67 29.15
C GLN K 14 -8.13 -3.28 28.15
N ALA K 15 -8.48 -2.48 27.14
CA ALA K 15 -7.48 -1.97 26.22
C ALA K 15 -6.59 -0.90 26.84
N GLU K 16 -6.97 -0.36 27.99
CA GLU K 16 -6.09 0.52 28.75
C GLU K 16 -5.27 -0.24 29.78
N GLN K 17 -5.72 -1.42 30.19
CA GLN K 17 -4.97 -2.29 31.09
C GLN K 17 -3.85 -3.05 30.40
N VAL K 18 -3.72 -2.92 29.08
CA VAL K 18 -2.65 -3.56 28.33
C VAL K 18 -1.54 -2.59 27.99
N ILE K 19 -1.89 -1.39 27.52
CA ILE K 19 -0.88 -0.44 27.06
C ILE K 19 -0.16 0.20 28.25
N ARG K 20 -0.81 0.26 29.42
CA ARG K 20 -0.12 0.72 30.61
C ARG K 20 0.77 -0.35 31.23
N GLY K 21 0.59 -1.61 30.84
CA GLY K 21 1.43 -2.68 31.31
C GLY K 21 2.50 -3.14 30.33
N LEU K 22 2.67 -2.44 29.20
CA LEU K 22 3.67 -2.82 28.22
C LEU K 22 5.07 -2.48 28.76
N PRO K 23 6.07 -3.31 28.48
CA PRO K 23 7.42 -3.07 29.03
C PRO K 23 8.08 -1.88 28.37
N LYS K 24 8.32 -0.84 29.16
CA LYS K 24 9.02 0.33 28.66
C LYS K 24 10.53 0.08 28.67
N LYS K 25 11.25 1.02 28.08
CA LYS K 25 12.71 1.02 28.06
C LYS K 25 13.19 2.28 28.79
N ASN K 26 14.49 2.55 28.65
CA ASN K 26 15.09 3.74 29.26
C ASN K 26 14.45 5.02 28.71
N GLY K 27 14.29 5.10 27.39
CA GLY K 27 13.65 6.25 26.81
C GLY K 27 12.14 6.17 26.68
N ASP K 28 11.64 5.18 25.93
CA ASP K 28 10.22 5.11 25.57
C ASP K 28 9.77 3.66 25.61
N PHE K 29 8.61 3.40 25.01
CA PHE K 29 8.15 2.05 24.77
C PHE K 29 9.07 1.35 23.77
N GLU K 30 9.15 0.02 23.90
CA GLU K 30 9.91 -0.76 22.94
C GLU K 30 9.11 -1.09 21.69
N LEU K 31 7.79 -0.88 21.72
CA LEU K 31 6.91 -1.13 20.59
C LEU K 31 6.40 0.20 20.06
N THR K 32 6.64 0.45 18.77
CA THR K 32 6.05 1.60 18.10
C THR K 32 4.89 1.12 17.22
N THR K 33 4.28 2.06 16.50
CA THR K 33 3.15 1.74 15.64
C THR K 33 3.55 1.51 14.19
N THR K 34 4.82 1.74 13.85
CA THR K 34 5.27 1.48 12.48
C THR K 34 5.51 -0.01 12.27
N GLN K 35 5.70 -0.78 13.35
CA GLN K 35 5.91 -2.21 13.23
C GLN K 35 4.62 -2.98 13.00
N LEU K 36 3.46 -2.36 13.22
CA LEU K 36 2.18 -3.03 13.11
C LEU K 36 1.40 -2.61 11.87
N ARG K 37 2.04 -1.91 10.92
CA ARG K 37 1.33 -1.41 9.75
C ARG K 37 0.88 -2.53 8.82
N VAL K 38 1.63 -3.64 8.77
CA VAL K 38 1.24 -4.75 7.91
C VAL K 38 0.08 -5.52 8.51
N LEU K 39 -0.15 -5.41 9.81
CA LEU K 39 -1.25 -6.08 10.46
C LEU K 39 -2.48 -5.20 10.60
N LEU K 40 -2.31 -3.88 10.68
CA LEU K 40 -3.45 -2.97 10.71
C LEU K 40 -4.03 -2.73 9.33
N SER K 41 -3.31 -3.10 8.26
CA SER K 41 -3.83 -3.00 6.91
C SER K 41 -4.59 -4.25 6.48
N LEU K 42 -4.26 -5.40 7.06
CA LEU K 42 -5.02 -6.61 6.78
C LEU K 42 -6.28 -6.70 7.62
N THR K 43 -6.30 -6.05 8.79
CA THR K 43 -7.48 -6.07 9.64
C THR K 43 -8.52 -5.07 9.18
N ALA K 44 -8.13 -4.09 8.36
CA ALA K 44 -9.11 -3.18 7.79
C ALA K 44 -9.86 -3.84 6.64
N GLN K 45 -9.21 -4.75 5.92
CA GLN K 45 -9.90 -5.48 4.86
C GLN K 45 -10.84 -6.54 5.39
N LEU K 46 -10.61 -7.03 6.61
CA LEU K 46 -11.56 -7.96 7.21
C LEU K 46 -12.75 -7.23 7.81
N PHE K 47 -12.54 -6.00 8.29
CA PHE K 47 -13.63 -5.21 8.85
C PHE K 47 -14.60 -4.78 7.76
N ASP K 48 -14.09 -4.23 6.66
CA ASP K 48 -14.94 -3.70 5.60
C ASP K 48 -15.57 -4.79 4.75
N GLU K 49 -15.13 -6.03 4.86
CA GLU K 49 -15.75 -7.13 4.14
C GLU K 49 -16.83 -7.81 4.97
N ALA K 50 -16.58 -8.03 6.26
CA ALA K 50 -17.55 -8.68 7.13
C ALA K 50 -18.66 -7.74 7.56
N GLN K 51 -18.50 -6.43 7.37
CA GLN K 51 -19.56 -5.50 7.75
C GLN K 51 -20.70 -5.52 6.75
N LEU K 52 -20.39 -5.53 5.46
CA LEU K 52 -21.39 -5.48 4.41
C LEU K 52 -22.07 -6.83 4.13
N SER K 53 -21.69 -7.88 4.85
CA SER K 53 -22.33 -9.17 4.69
C SER K 53 -23.56 -9.28 5.59
N SER K 54 -24.64 -9.82 5.03
CA SER K 54 -25.91 -9.91 5.75
C SER K 54 -26.08 -11.21 6.50
N ASP K 55 -25.25 -12.22 6.25
CA ASP K 55 -25.43 -13.53 6.83
C ASP K 55 -24.98 -13.54 8.28
N GLN K 56 -25.21 -14.68 8.95
CA GLN K 56 -24.81 -14.87 10.33
C GLN K 56 -23.58 -15.76 10.47
N ASN K 57 -23.05 -16.29 9.37
CA ASN K 57 -21.82 -17.05 9.38
C ASN K 57 -20.99 -16.64 8.18
N LEU K 58 -19.68 -16.80 8.29
CA LEU K 58 -18.76 -16.28 7.30
C LEU K 58 -18.76 -17.14 6.04
N SER K 59 -18.62 -16.46 4.90
CA SER K 59 -18.43 -17.13 3.63
C SER K 59 -17.05 -17.80 3.60
N PRO K 60 -16.89 -18.89 2.83
CA PRO K 60 -15.57 -19.54 2.73
C PRO K 60 -14.49 -18.68 2.09
N ALA K 61 -14.87 -17.65 1.32
CA ALA K 61 -13.88 -16.69 0.86
C ALA K 61 -13.55 -15.66 1.95
N LEU K 62 -14.47 -15.41 2.88
CA LEU K 62 -14.21 -14.55 4.01
C LEU K 62 -13.54 -15.30 5.15
N ARG K 63 -13.83 -16.59 5.29
CA ARG K 63 -13.17 -17.43 6.29
C ARG K 63 -11.75 -17.79 5.89
N ASP K 64 -11.40 -17.62 4.61
CA ASP K 64 -10.05 -17.93 4.15
C ASP K 64 -9.04 -16.88 4.59
N LYS K 65 -9.43 -15.61 4.64
CA LYS K 65 -8.50 -14.54 4.98
C LYS K 65 -8.45 -14.25 6.46
N VAL K 66 -9.11 -15.06 7.29
CA VAL K 66 -8.87 -15.03 8.72
C VAL K 66 -7.75 -16.01 9.09
N GLN K 67 -7.64 -17.12 8.36
CA GLN K 67 -6.50 -18.01 8.53
C GLN K 67 -5.20 -17.34 8.11
N TYR K 68 -5.24 -16.49 7.09
CA TYR K 68 -4.03 -15.80 6.65
C TYR K 68 -3.64 -14.68 7.60
N LEU K 69 -4.61 -14.01 8.22
CA LEU K 69 -4.28 -13.05 9.26
C LEU K 69 -3.78 -13.76 10.52
N ARG K 70 -4.23 -15.00 10.73
CA ARG K 70 -3.72 -15.79 11.86
C ARG K 70 -2.27 -16.19 11.64
N VAL K 71 -1.89 -16.47 10.39
CA VAL K 71 -0.50 -16.82 10.08
C VAL K 71 0.41 -15.61 10.08
N ARG K 72 -0.05 -14.47 9.56
CA ARG K 72 0.76 -13.25 9.54
C ARG K 72 0.98 -12.67 10.94
N PHE K 73 0.12 -13.00 11.90
CA PHE K 73 0.37 -12.60 13.28
C PHE K 73 1.46 -13.45 13.91
N VAL K 74 1.49 -14.75 13.61
CA VAL K 74 2.50 -15.65 14.15
C VAL K 74 3.88 -15.32 13.59
N TYR K 75 3.95 -14.96 12.30
CA TYR K 75 5.23 -14.64 11.70
C TYR K 75 5.77 -13.30 12.21
N GLN K 76 4.89 -12.34 12.44
CA GLN K 76 5.34 -11.04 12.93
C GLN K 76 5.75 -11.11 14.40
N ALA K 77 5.07 -11.94 15.19
CA ALA K 77 5.46 -12.15 16.57
C ALA K 77 6.70 -13.02 16.71
N GLY K 78 7.08 -13.74 15.65
CA GLY K 78 8.27 -14.56 15.72
C GLY K 78 9.56 -13.79 15.51
N ARG K 79 9.55 -12.80 14.62
CA ARG K 79 10.75 -12.04 14.29
C ARG K 79 10.80 -10.68 14.95
N GLU K 80 9.96 -10.42 15.94
CA GLU K 80 10.01 -9.16 16.67
C GLU K 80 9.75 -9.42 18.15
N LYS K 81 10.59 -8.85 19.00
CA LYS K 81 10.46 -9.05 20.44
C LYS K 81 9.33 -8.21 21.02
N ALA K 82 9.18 -6.97 20.55
CA ALA K 82 8.15 -6.09 21.08
C ALA K 82 6.75 -6.49 20.63
N VAL K 83 6.63 -7.10 19.45
CA VAL K 83 5.33 -7.58 19.01
C VAL K 83 4.97 -8.88 19.72
N ARG K 84 5.97 -9.68 20.11
CA ARG K 84 5.70 -10.90 20.86
C ARG K 84 5.20 -10.60 22.26
N VAL K 85 5.76 -9.59 22.91
CA VAL K 85 5.32 -9.21 24.26
C VAL K 85 4.01 -8.46 24.25
N PHE K 86 3.54 -8.02 23.08
CA PHE K 86 2.27 -7.33 22.91
C PHE K 86 1.14 -8.26 22.48
N VAL K 87 1.45 -9.27 21.66
CA VAL K 87 0.45 -10.25 21.25
C VAL K 87 0.09 -11.16 22.41
N GLU K 88 1.09 -11.59 23.19
CA GLU K 88 0.82 -12.46 24.33
C GLU K 88 0.18 -11.71 25.49
N ARG K 89 0.30 -10.38 25.53
CA ARG K 89 -0.30 -9.61 26.61
C ARG K 89 -1.79 -9.37 26.36
N ALA K 90 -2.13 -8.95 25.14
CA ALA K 90 -3.53 -8.69 24.82
C ALA K 90 -4.32 -9.97 24.64
N GLY K 91 -3.67 -11.05 24.21
CA GLY K 91 -4.38 -12.29 23.95
C GLY K 91 -5.01 -12.30 22.58
N LEU K 92 -4.22 -12.02 21.55
CA LEU K 92 -4.74 -11.96 20.19
C LEU K 92 -4.65 -13.29 19.45
N LEU K 93 -3.60 -14.08 19.69
CA LEU K 93 -3.46 -15.34 18.97
C LEU K 93 -4.38 -16.42 19.50
N ASP K 94 -4.74 -16.37 20.78
CA ASP K 94 -5.72 -17.31 21.29
C ASP K 94 -7.13 -16.92 20.88
N GLU K 95 -7.39 -15.62 20.68
CA GLU K 95 -8.71 -15.16 20.26
C GLU K 95 -8.96 -15.42 18.78
N LEU K 96 -7.90 -15.44 17.96
CA LEU K 96 -8.06 -15.70 16.54
C LEU K 96 -8.41 -17.16 16.25
N ALA K 97 -8.14 -18.06 17.18
CA ALA K 97 -8.57 -19.45 17.05
C ALA K 97 -9.99 -19.67 17.56
N GLN K 98 -10.58 -18.67 18.21
CA GLN K 98 -11.96 -18.77 18.67
C GLN K 98 -12.97 -18.43 17.58
N ILE K 99 -12.55 -17.67 16.56
CA ILE K 99 -13.45 -17.31 15.47
C ILE K 99 -13.49 -18.47 14.47
N GLY K 100 -14.42 -19.40 14.67
CA GLY K 100 -14.59 -20.47 13.71
C GLY K 100 -15.20 -19.98 12.42
N ASP K 101 -16.46 -19.57 12.48
CA ASP K 101 -17.12 -18.92 11.35
C ASP K 101 -18.09 -17.84 11.80
N SER K 102 -18.06 -17.45 13.07
CA SER K 102 -19.04 -16.49 13.58
C SER K 102 -18.73 -15.09 13.09
N ARG K 103 -19.73 -14.41 12.53
CA ARG K 103 -19.57 -13.02 12.16
C ARG K 103 -19.55 -12.12 13.38
N ASP K 104 -20.27 -12.48 14.45
CA ASP K 104 -20.33 -11.65 15.63
C ASP K 104 -19.03 -11.67 16.43
N ARG K 105 -18.34 -12.81 16.48
CA ARG K 105 -17.06 -12.86 17.17
C ARG K 105 -15.93 -12.28 16.33
N LEU K 106 -16.13 -12.13 15.02
CA LEU K 106 -15.15 -11.44 14.19
C LEU K 106 -15.25 -9.92 14.34
N LEU K 107 -16.46 -9.41 14.55
CA LEU K 107 -16.66 -7.97 14.72
C LEU K 107 -16.20 -7.48 16.08
N LYS K 108 -16.24 -8.33 17.11
CA LYS K 108 -15.73 -7.94 18.41
C LYS K 108 -14.21 -7.87 18.41
N PHE K 109 -13.56 -8.64 17.54
CA PHE K 109 -12.10 -8.57 17.43
C PHE K 109 -11.66 -7.25 16.82
N CYS K 110 -12.40 -6.77 15.82
CA CYS K 110 -12.00 -5.53 15.14
C CYS K 110 -12.28 -4.31 15.99
N HIS K 111 -13.29 -4.37 16.86
CA HIS K 111 -13.52 -3.28 17.81
C HIS K 111 -12.44 -3.27 18.88
N TYR K 112 -12.05 -4.44 19.38
CA TYR K 112 -11.00 -4.56 20.37
C TYR K 112 -9.62 -4.26 19.78
N MET K 113 -9.45 -4.41 18.47
CA MET K 113 -8.15 -4.16 17.86
C MET K 113 -7.88 -2.67 17.77
N GLU K 114 -8.90 -1.86 17.46
CA GLU K 114 -8.71 -0.42 17.30
C GLU K 114 -8.87 0.35 18.61
N ALA K 115 -9.22 -0.33 19.69
CA ALA K 115 -9.12 0.30 21.01
C ALA K 115 -7.72 0.16 21.59
N LEU K 116 -6.92 -0.77 21.08
CA LEU K 116 -5.52 -0.88 21.45
C LEU K 116 -4.65 0.08 20.67
N VAL K 117 -5.08 0.46 19.46
CA VAL K 117 -4.32 1.41 18.66
C VAL K 117 -4.60 2.84 19.10
N ALA K 118 -5.82 3.11 19.60
CA ALA K 118 -6.18 4.46 20.02
C ALA K 118 -5.44 4.86 21.29
N TYR K 119 -5.34 3.95 22.26
CA TYR K 119 -4.57 4.22 23.47
C TYR K 119 -3.08 4.15 23.22
N LYS K 120 -2.64 3.50 22.15
CA LYS K 120 -1.21 3.46 21.82
C LYS K 120 -0.74 4.82 21.35
N LYS K 121 -1.56 5.55 20.59
CA LYS K 121 -1.19 6.88 20.15
C LYS K 121 -1.29 7.89 21.28
N PHE K 122 -2.10 7.63 22.30
CA PHE K 122 -2.42 8.61 23.32
C PHE K 122 -1.50 8.52 24.54
N LEU K 123 -1.08 7.33 24.93
CA LEU K 123 -0.37 7.14 26.20
C LEU K 123 1.11 7.49 26.14
N ASP K 124 1.64 7.90 25.00
CA ASP K 124 3.05 8.25 24.92
C ASP K 124 3.25 9.26 23.80
N PRO K 125 4.27 10.13 23.91
CA PRO K 125 4.69 10.95 22.77
C PRO K 125 5.44 10.16 21.70
N LYS K 126 6.02 10.88 20.74
CA LYS K 126 6.62 10.36 19.50
C LYS K 126 5.61 9.67 18.60
N GLU K 127 4.33 10.00 18.78
CA GLU K 127 3.28 9.66 17.83
C GLU K 127 2.65 10.93 17.26
N THR K 128 3.31 12.07 17.43
CA THR K 128 2.79 13.43 17.20
C THR K 128 1.46 13.64 17.92
N SER L 5 -19.50 15.07 39.14
CA SER L 5 -19.44 15.40 37.72
C SER L 5 -18.43 16.53 37.46
N VAL L 6 -17.80 16.51 36.29
CA VAL L 6 -16.82 17.54 35.96
C VAL L 6 -17.51 18.77 35.39
N ILE L 7 -18.69 18.62 34.80
CA ILE L 7 -19.41 19.75 34.23
C ILE L 7 -20.13 20.49 35.36
N GLN L 8 -19.84 21.78 35.49
CA GLN L 8 -20.48 22.61 36.50
C GLN L 8 -21.76 23.24 35.95
N ASP L 9 -22.60 23.70 36.85
CA ASP L 9 -23.78 24.45 36.46
C ASP L 9 -23.39 25.80 35.88
N ASP L 10 -24.24 26.32 35.00
CA ASP L 10 -23.95 27.44 34.11
C ASP L 10 -22.66 27.20 33.34
N TYR L 11 -22.71 26.15 32.51
CA TYR L 11 -21.57 25.74 31.70
C TYR L 11 -21.23 26.72 30.57
N VAL L 12 -22.11 27.69 30.30
CA VAL L 12 -21.85 28.65 29.23
C VAL L 12 -20.70 29.57 29.62
N LYS L 13 -20.64 29.99 30.88
CA LYS L 13 -19.51 30.77 31.34
C LYS L 13 -18.31 29.90 31.70
N GLN L 14 -18.53 28.60 31.95
CA GLN L 14 -17.40 27.68 32.06
C GLN L 14 -16.73 27.47 30.71
N ALA L 15 -17.54 27.37 29.65
CA ALA L 15 -17.02 27.19 28.30
C ALA L 15 -16.26 28.40 27.80
N GLU L 16 -16.57 29.60 28.31
CA GLU L 16 -15.79 30.77 27.91
C GLU L 16 -14.45 30.80 28.63
N GLN L 17 -14.36 30.19 29.81
CA GLN L 17 -13.09 30.13 30.54
C GLN L 17 -12.09 29.24 29.83
N VAL L 18 -12.55 28.18 29.17
CA VAL L 18 -11.64 27.24 28.51
C VAL L 18 -11.08 27.84 27.23
N ILE L 19 -11.92 28.53 26.45
CA ILE L 19 -11.46 29.05 25.17
C ILE L 19 -10.59 30.30 25.37
N ARG L 20 -10.83 31.08 26.43
CA ARG L 20 -10.00 32.25 26.70
C ARG L 20 -8.58 31.85 27.09
N GLY L 21 -8.44 30.77 27.84
CA GLY L 21 -7.12 30.27 28.17
C GLY L 21 -6.71 29.08 27.33
N LEU L 22 -5.91 29.32 26.30
CA LEU L 22 -5.44 28.32 25.36
C LEU L 22 -4.03 28.70 24.93
N PRO L 23 -3.25 27.75 24.41
CA PRO L 23 -1.92 28.11 23.89
C PRO L 23 -1.97 28.95 22.63
N LYS L 24 -2.27 30.23 22.79
CA LYS L 24 -2.27 31.18 21.68
C LYS L 24 -0.83 31.39 21.22
N LYS L 25 -0.53 30.96 20.00
CA LYS L 25 0.81 31.06 19.44
C LYS L 25 1.00 32.44 18.82
N ASN L 26 2.04 32.57 17.97
CA ASN L 26 2.38 33.83 17.31
C ASN L 26 1.24 34.38 16.46
N GLY L 27 0.40 33.52 15.92
CA GLY L 27 -0.83 33.94 15.26
C GLY L 27 -1.94 34.22 16.26
N ASP L 28 -3.16 33.88 15.88
CA ASP L 28 -4.29 34.04 16.79
C ASP L 28 -4.41 32.85 17.73
N PHE L 29 -4.64 31.66 17.16
CA PHE L 29 -4.74 30.43 17.93
C PHE L 29 -3.83 29.36 17.34
N GLU L 30 -3.94 28.13 17.85
CA GLU L 30 -3.29 26.98 17.24
C GLU L 30 -4.24 25.82 17.01
N LEU L 31 -5.45 25.87 17.55
CA LEU L 31 -6.47 24.85 17.33
C LEU L 31 -7.49 25.39 16.34
N THR L 32 -7.81 24.59 15.32
CA THR L 32 -8.82 24.94 14.34
C THR L 32 -9.95 23.92 14.39
N THR L 33 -11.14 24.33 13.95
CA THR L 33 -12.28 23.43 13.96
C THR L 33 -12.22 22.40 12.85
N THR L 34 -11.36 22.58 11.84
CA THR L 34 -11.15 21.55 10.85
C THR L 34 -10.41 20.34 11.40
N GLN L 35 -9.69 20.51 12.52
CA GLN L 35 -8.99 19.40 13.16
C GLN L 35 -9.92 18.55 14.02
N LEU L 36 -11.16 18.97 14.25
CA LEU L 36 -12.13 18.16 14.97
C LEU L 36 -13.46 18.10 14.24
N ARG L 37 -13.43 18.05 12.90
CA ARG L 37 -14.65 17.93 12.12
C ARG L 37 -15.25 16.53 12.25
N VAL L 38 -14.39 15.50 12.36
CA VAL L 38 -14.86 14.13 12.52
C VAL L 38 -15.54 13.94 13.88
N LEU L 39 -15.03 14.59 14.92
CA LEU L 39 -15.65 14.49 16.24
C LEU L 39 -16.94 15.30 16.33
N LEU L 40 -17.04 16.42 15.61
CA LEU L 40 -18.25 17.23 15.64
C LEU L 40 -19.40 16.63 14.86
N SER L 41 -19.14 15.62 14.02
CA SER L 41 -20.20 14.96 13.27
C SER L 41 -20.70 13.70 13.94
N LEU L 42 -19.88 13.05 14.78
CA LEU L 42 -20.37 11.91 15.55
C LEU L 42 -21.16 12.36 16.77
N THR L 43 -20.85 13.54 17.31
CA THR L 43 -21.60 14.07 18.44
C THR L 43 -22.98 14.55 18.01
N ALA L 44 -23.06 15.24 16.86
CA ALA L 44 -24.34 15.75 16.37
C ALA L 44 -25.29 14.64 15.96
N GLN L 45 -24.78 13.47 15.57
CA GLN L 45 -25.64 12.34 15.28
C GLN L 45 -25.99 11.53 16.52
N LEU L 46 -25.35 11.83 17.66
CA LEU L 46 -25.71 11.22 18.93
C LEU L 46 -26.71 12.07 19.71
N PHE L 47 -26.55 13.40 19.66
CA PHE L 47 -27.48 14.29 20.36
C PHE L 47 -28.83 14.32 19.67
N ASP L 48 -28.87 14.21 18.35
CA ASP L 48 -30.11 14.21 17.60
C ASP L 48 -30.80 12.86 17.58
N GLU L 49 -30.27 11.86 18.30
CA GLU L 49 -30.91 10.56 18.43
C GLU L 49 -31.25 10.21 19.87
N ALA L 50 -30.44 10.63 20.84
CA ALA L 50 -30.76 10.43 22.24
C ALA L 50 -31.81 11.42 22.75
N GLN L 51 -32.06 12.51 22.03
CA GLN L 51 -33.11 13.43 22.41
C GLN L 51 -34.48 12.94 21.97
N LEU L 52 -34.55 12.15 20.91
CA LEU L 52 -35.81 11.61 20.40
C LEU L 52 -36.17 10.28 21.04
N SER L 53 -35.41 9.84 22.05
CA SER L 53 -35.74 8.60 22.75
C SER L 53 -36.79 8.89 23.82
N SER L 54 -37.23 7.83 24.49
CA SER L 54 -38.22 8.01 25.55
C SER L 54 -37.76 7.42 26.88
N ASP L 55 -37.08 6.28 26.87
CA ASP L 55 -36.71 5.62 28.10
C ASP L 55 -35.56 6.35 28.80
N GLN L 56 -35.58 6.31 30.13
CA GLN L 56 -34.54 6.98 30.90
C GLN L 56 -33.22 6.21 30.82
N ASN L 57 -33.27 4.89 30.82
CA ASN L 57 -32.08 4.09 30.65
C ASN L 57 -31.73 4.02 29.16
N LEU L 58 -30.45 4.23 28.85
CA LEU L 58 -30.00 4.24 27.48
C LEU L 58 -30.07 2.85 26.86
N SER L 59 -30.45 2.81 25.59
CA SER L 59 -30.55 1.55 24.86
C SER L 59 -29.16 0.95 24.63
N PRO L 60 -29.06 -0.38 24.51
CA PRO L 60 -27.77 -0.97 24.12
C PRO L 60 -27.33 -0.63 22.71
N ALA L 61 -28.25 -0.21 21.83
CA ALA L 61 -27.87 0.30 20.53
C ALA L 61 -27.29 1.70 20.61
N LEU L 62 -27.54 2.43 21.69
CA LEU L 62 -26.90 3.71 21.96
C LEU L 62 -25.73 3.58 22.92
N ARG L 63 -25.60 2.45 23.60
CA ARG L 63 -24.49 2.26 24.54
C ARG L 63 -23.17 2.10 23.81
N ASP L 64 -23.18 1.42 22.67
CA ASP L 64 -21.96 1.27 21.88
C ASP L 64 -21.69 2.46 20.97
N LYS L 65 -22.60 3.43 20.88
CA LYS L 65 -22.28 4.67 20.19
C LYS L 65 -21.51 5.62 21.09
N VAL L 66 -21.67 5.52 22.41
CA VAL L 66 -20.82 6.25 23.33
C VAL L 66 -19.43 5.65 23.35
N GLN L 67 -19.34 4.32 23.19
CA GLN L 67 -18.05 3.63 23.22
C GLN L 67 -17.20 3.97 22.01
N TYR L 68 -17.82 4.10 20.83
CA TYR L 68 -17.05 4.49 19.65
C TYR L 68 -16.63 5.95 19.72
N LEU L 69 -17.44 6.80 20.35
CA LEU L 69 -17.07 8.20 20.51
C LEU L 69 -15.94 8.37 21.52
N ARG L 70 -15.91 7.53 22.56
CA ARG L 70 -14.85 7.62 23.56
C ARG L 70 -13.51 7.18 22.98
N VAL L 71 -13.50 6.13 22.16
CA VAL L 71 -12.29 5.70 21.46
C VAL L 71 -11.85 6.76 20.45
N ARG L 72 -12.80 7.49 19.87
CA ARG L 72 -12.49 8.52 18.89
C ARG L 72 -11.79 9.72 19.54
N PHE L 73 -12.18 10.08 20.76
CA PHE L 73 -11.52 11.18 21.45
C PHE L 73 -10.11 10.80 21.88
N VAL L 74 -9.88 9.53 22.21
CA VAL L 74 -8.55 9.06 22.62
C VAL L 74 -7.61 9.06 21.43
N TYR L 75 -8.10 8.63 20.26
CA TYR L 75 -7.25 8.55 19.08
C TYR L 75 -6.91 9.91 18.51
N GLN L 76 -7.86 10.85 18.56
CA GLN L 76 -7.61 12.18 18.01
C GLN L 76 -6.64 12.97 18.87
N ALA L 77 -6.73 12.83 20.20
CA ALA L 77 -5.86 13.57 21.10
C ALA L 77 -4.42 13.09 21.01
N GLY L 78 -4.22 11.77 20.83
CA GLY L 78 -2.88 11.25 20.68
C GLY L 78 -2.25 11.54 19.33
N ARG L 79 -3.06 11.87 18.33
CA ARG L 79 -2.56 12.14 16.98
C ARG L 79 -2.21 13.60 16.78
N GLU L 80 -3.10 14.50 17.18
CA GLU L 80 -2.92 15.94 16.99
C GLU L 80 -2.50 16.58 18.30
N LYS L 81 -1.53 17.49 18.23
CA LYS L 81 -1.04 18.15 19.43
C LYS L 81 -2.01 19.20 19.94
N ALA L 82 -2.53 20.04 19.05
CA ALA L 82 -3.39 21.16 19.43
C ALA L 82 -4.75 20.74 19.94
N VAL L 83 -5.19 19.51 19.66
CA VAL L 83 -6.44 19.00 20.21
C VAL L 83 -6.20 18.20 21.49
N ARG L 84 -4.96 17.84 21.80
CA ARG L 84 -4.67 17.17 23.07
C ARG L 84 -4.82 18.13 24.24
N VAL L 85 -4.44 19.40 24.04
CA VAL L 85 -4.58 20.40 25.08
C VAL L 85 -6.05 20.75 25.32
N PHE L 86 -6.87 20.65 24.26
CA PHE L 86 -8.28 21.04 24.38
C PHE L 86 -9.09 20.02 25.17
N VAL L 87 -8.78 18.73 25.02
CA VAL L 87 -9.61 17.70 25.62
C VAL L 87 -9.34 17.49 27.11
N GLU L 88 -8.21 17.97 27.62
CA GLU L 88 -7.92 17.84 29.04
C GLU L 88 -8.16 19.13 29.82
N ARG L 89 -7.93 20.29 29.20
CA ARG L 89 -8.22 21.55 29.86
C ARG L 89 -9.73 21.78 30.00
N ALA L 90 -10.52 21.23 29.08
CA ALA L 90 -11.97 21.29 29.17
C ALA L 90 -12.55 20.12 29.96
N GLY L 91 -11.80 19.03 30.11
CA GLY L 91 -12.28 17.87 30.84
C GLY L 91 -13.34 17.09 30.10
N LEU L 92 -13.02 16.63 28.89
CA LEU L 92 -13.97 15.88 28.08
C LEU L 92 -13.80 14.38 28.19
N LEU L 93 -12.57 13.88 28.33
CA LEU L 93 -12.33 12.45 28.35
C LEU L 93 -12.75 11.82 29.67
N ASP L 94 -12.67 12.58 30.76
CA ASP L 94 -13.17 12.15 32.06
C ASP L 94 -14.64 12.52 32.27
N GLU L 95 -15.37 12.76 31.18
CA GLU L 95 -16.81 12.97 31.20
C GLU L 95 -17.56 11.92 30.40
N LEU L 96 -16.94 11.37 29.35
CA LEU L 96 -17.54 10.27 28.60
C LEU L 96 -17.50 8.96 29.36
N ALA L 97 -16.63 8.84 30.36
CA ALA L 97 -16.51 7.62 31.15
C ALA L 97 -17.64 7.45 32.16
N GLN L 98 -18.49 8.45 32.34
CA GLN L 98 -19.55 8.41 33.34
C GLN L 98 -20.92 8.08 32.78
N ILE L 99 -21.12 8.20 31.47
CA ILE L 99 -22.44 8.02 30.89
C ILE L 99 -22.70 6.54 30.67
N GLY L 100 -23.18 5.86 31.70
CA GLY L 100 -23.44 4.44 31.60
C GLY L 100 -24.86 4.09 31.18
N ASP L 101 -25.84 4.51 31.98
CA ASP L 101 -27.23 4.14 31.77
C ASP L 101 -28.17 5.32 31.99
N SER L 102 -27.71 6.54 31.70
CA SER L 102 -28.47 7.74 31.97
C SER L 102 -28.65 8.54 30.70
N ARG L 103 -29.90 8.80 30.33
CA ARG L 103 -30.19 9.60 29.14
C ARG L 103 -29.84 11.07 29.37
N ASP L 104 -30.15 11.60 30.55
CA ASP L 104 -29.91 13.01 30.83
C ASP L 104 -28.44 13.32 31.04
N ARG L 105 -27.62 12.32 31.41
CA ARG L 105 -26.18 12.54 31.45
C ARG L 105 -25.60 12.71 30.05
N LEU L 106 -26.19 12.05 29.05
CA LEU L 106 -25.75 12.23 27.67
C LEU L 106 -26.09 13.62 27.16
N LEU L 107 -27.21 14.19 27.62
CA LEU L 107 -27.60 15.52 27.16
C LEU L 107 -26.76 16.61 27.80
N LYS L 108 -26.24 16.36 29.02
CA LYS L 108 -25.36 17.35 29.64
C LYS L 108 -24.02 17.43 28.92
N PHE L 109 -23.55 16.31 28.36
CA PHE L 109 -22.30 16.35 27.58
C PHE L 109 -22.51 17.04 26.24
N CYS L 110 -23.66 16.82 25.61
CA CYS L 110 -23.88 17.37 24.28
C CYS L 110 -24.23 18.85 24.33
N HIS L 111 -24.92 19.30 25.39
CA HIS L 111 -25.19 20.73 25.54
C HIS L 111 -23.92 21.49 25.91
N TYR L 112 -23.03 20.88 26.69
CA TYR L 112 -21.76 21.51 27.02
C TYR L 112 -20.82 21.54 25.82
N MET L 113 -20.92 20.55 24.93
CA MET L 113 -20.08 20.52 23.74
C MET L 113 -20.48 21.59 22.74
N GLU L 114 -21.78 21.94 22.68
CA GLU L 114 -22.24 22.97 21.76
C GLU L 114 -21.73 24.36 22.17
N ALA L 115 -21.63 24.62 23.47
CA ALA L 115 -21.16 25.92 23.94
C ALA L 115 -19.66 26.09 23.75
N LEU L 116 -18.92 24.99 23.66
CA LEU L 116 -17.47 25.07 23.48
C LEU L 116 -17.11 25.53 22.08
N VAL L 117 -17.81 25.01 21.05
CA VAL L 117 -17.50 25.37 19.68
C VAL L 117 -18.08 26.72 19.30
N ALA L 118 -19.08 27.20 20.03
CA ALA L 118 -19.63 28.54 19.77
C ALA L 118 -18.63 29.62 20.14
N TYR L 119 -18.01 29.49 21.32
CA TYR L 119 -16.96 30.44 21.72
C TYR L 119 -15.65 30.16 21.00
N LYS L 120 -15.45 28.94 20.49
CA LYS L 120 -14.23 28.62 19.75
C LYS L 120 -14.16 29.42 18.45
N LYS L 121 -15.29 29.59 17.77
CA LYS L 121 -15.30 30.27 16.49
C LYS L 121 -15.52 31.77 16.65
N PHE L 122 -16.21 32.19 17.70
CA PHE L 122 -16.47 33.61 17.89
C PHE L 122 -15.22 34.37 18.33
N LEU L 123 -14.34 33.73 19.09
CA LEU L 123 -13.21 34.42 19.70
C LEU L 123 -11.94 34.40 18.84
N ASP L 124 -12.07 34.17 17.53
CA ASP L 124 -10.92 34.34 16.63
C ASP L 124 -11.39 34.80 15.26
N PRO L 125 -10.68 35.75 14.65
CA PRO L 125 -11.06 36.22 13.31
C PRO L 125 -10.53 35.36 12.17
N LYS L 126 -9.99 34.17 12.45
CA LYS L 126 -9.56 33.26 11.40
C LYS L 126 -10.70 32.36 10.95
N GLU L 127 -11.35 31.69 11.89
CA GLU L 127 -12.56 30.91 11.60
C GLU L 127 -13.70 31.90 11.35
N THR L 128 -14.14 31.96 10.09
CA THR L 128 -15.21 32.84 9.59
C THR L 128 -14.99 34.32 9.92
N ASP M 10 -38.91 54.75 25.12
CA ASP M 10 -37.64 55.44 25.40
C ASP M 10 -36.51 54.85 24.55
N TYR M 11 -36.62 53.56 24.24
CA TYR M 11 -35.64 52.88 23.39
C TYR M 11 -36.01 52.92 21.91
N VAL M 12 -36.99 53.74 21.53
CA VAL M 12 -37.36 53.85 20.12
C VAL M 12 -36.29 54.62 19.37
N LYS M 13 -35.72 55.65 20.00
CA LYS M 13 -34.59 56.37 19.42
C LYS M 13 -33.27 55.65 19.60
N GLN M 14 -33.24 54.59 20.43
CA GLN M 14 -32.01 53.84 20.63
C GLN M 14 -31.67 52.95 19.44
N ALA M 15 -32.67 52.62 18.63
CA ALA M 15 -32.39 51.93 17.37
C ALA M 15 -31.67 52.86 16.39
N GLU M 16 -32.07 54.13 16.35
CA GLU M 16 -31.44 55.11 15.47
C GLU M 16 -30.06 55.55 15.96
N GLN M 17 -29.64 55.12 17.16
CA GLN M 17 -28.24 55.30 17.55
C GLN M 17 -27.36 54.28 16.87
N VAL M 18 -27.92 53.14 16.47
CA VAL M 18 -27.15 52.02 15.93
C VAL M 18 -27.39 51.83 14.43
N ILE M 19 -28.65 51.95 13.98
CA ILE M 19 -28.95 51.65 12.58
C ILE M 19 -28.77 52.86 11.68
N ARG M 20 -28.60 54.05 12.23
CA ARG M 20 -28.17 55.20 11.43
C ARG M 20 -26.67 55.23 11.26
N GLY M 21 -25.92 54.80 12.28
CA GLY M 21 -24.50 54.57 12.16
C GLY M 21 -24.22 53.11 11.86
N LEU M 22 -25.06 52.51 11.01
CA LEU M 22 -24.92 51.12 10.64
C LEU M 22 -23.69 50.94 9.75
N PRO M 23 -23.01 49.79 9.85
CA PRO M 23 -21.86 49.53 8.96
C PRO M 23 -22.29 49.27 7.53
N LYS M 24 -22.59 50.34 6.80
CA LYS M 24 -23.05 50.24 5.42
C LYS M 24 -21.89 50.16 4.46
N THR M 33 -31.35 40.87 4.42
CA THR M 33 -32.78 40.69 4.71
C THR M 33 -33.02 39.28 5.25
N THR M 34 -32.20 38.33 4.78
CA THR M 34 -32.32 36.97 5.28
C THR M 34 -31.78 36.86 6.71
N GLN M 35 -30.75 37.63 7.04
CA GLN M 35 -30.24 37.69 8.40
C GLN M 35 -31.02 38.66 9.28
N LEU M 36 -31.90 39.47 8.68
CA LEU M 36 -32.66 40.47 9.43
C LEU M 36 -33.77 39.85 10.28
N ARG M 37 -34.06 38.56 10.08
CA ARG M 37 -35.13 37.89 10.79
C ARG M 37 -34.74 36.54 11.37
N VAL M 38 -33.71 35.88 10.84
CA VAL M 38 -33.44 34.49 11.19
C VAL M 38 -32.87 34.35 12.61
N LEU M 39 -32.27 35.41 13.16
CA LEU M 39 -31.84 35.36 14.55
C LEU M 39 -32.94 35.77 15.52
N LEU M 40 -34.06 36.31 15.02
CA LEU M 40 -35.22 36.58 15.86
C LEU M 40 -36.07 35.35 16.11
N SER M 41 -35.80 34.23 15.42
CA SER M 41 -36.61 33.03 15.59
C SER M 41 -36.42 32.42 16.96
N LEU M 42 -35.19 32.45 17.48
CA LEU M 42 -34.93 32.07 18.86
C LEU M 42 -35.13 33.22 19.84
N THR M 43 -35.72 34.33 19.39
CA THR M 43 -36.03 35.47 20.25
C THR M 43 -37.52 35.78 20.27
N ALA M 44 -38.18 35.77 19.12
CA ALA M 44 -39.63 36.02 19.08
C ALA M 44 -40.43 34.83 19.57
N GLN M 45 -39.85 33.63 19.58
CA GLN M 45 -40.49 32.49 20.21
C GLN M 45 -40.36 32.54 21.73
N LEU M 46 -39.37 33.27 22.24
CA LEU M 46 -39.27 33.51 23.67
C LEU M 46 -40.28 34.53 24.16
N PHE M 47 -40.84 35.35 23.26
CA PHE M 47 -41.80 36.37 23.66
C PHE M 47 -43.17 35.77 23.98
N ASP M 48 -43.59 34.77 23.20
CA ASP M 48 -44.90 34.17 23.40
C ASP M 48 -44.97 33.32 24.68
N GLU M 49 -43.83 32.92 25.24
CA GLU M 49 -43.78 32.24 26.52
C GLU M 49 -43.37 33.15 27.66
N ALA M 50 -43.22 34.45 27.41
CA ALA M 50 -42.85 35.40 28.46
C ALA M 50 -43.97 36.37 28.80
N GLN M 51 -44.83 36.74 27.83
CA GLN M 51 -45.96 37.60 28.13
C GLN M 51 -47.02 36.86 28.92
N LEU M 52 -47.33 35.63 28.51
CA LEU M 52 -48.34 34.81 29.16
C LEU M 52 -47.81 34.06 30.38
N SER M 53 -46.61 34.40 30.86
CA SER M 53 -46.02 33.73 32.01
C SER M 53 -46.75 34.16 33.30
N SER M 54 -46.52 33.39 34.36
CA SER M 54 -47.29 33.52 35.59
C SER M 54 -46.79 34.65 36.48
N ASP M 55 -45.55 34.57 36.96
CA ASP M 55 -45.07 35.50 37.96
C ASP M 55 -43.68 36.05 37.65
N GLN M 56 -43.11 36.79 38.60
CA GLN M 56 -41.87 37.52 38.35
C GLN M 56 -40.63 36.62 38.37
N ASN M 57 -40.64 35.55 39.17
CA ASN M 57 -39.52 34.63 39.19
C ASN M 57 -39.65 33.64 38.04
N LEU M 58 -38.59 33.54 37.23
CA LEU M 58 -38.65 32.76 36.00
C LEU M 58 -38.67 31.27 36.28
N SER M 59 -39.30 30.52 35.39
CA SER M 59 -39.46 29.09 35.56
C SER M 59 -38.14 28.36 35.29
N PRO M 60 -37.86 27.28 36.04
CA PRO M 60 -36.62 26.53 35.78
C PRO M 60 -36.62 25.76 34.49
N ALA M 61 -37.80 25.44 33.94
CA ALA M 61 -37.90 24.85 32.62
C ALA M 61 -37.93 25.89 31.51
N LEU M 62 -38.07 27.16 31.85
CA LEU M 62 -38.08 28.25 30.89
C LEU M 62 -36.79 29.05 30.87
N ARG M 63 -36.08 29.13 32.00
CA ARG M 63 -34.79 29.82 32.03
C ARG M 63 -33.71 29.06 31.28
N ASP M 64 -33.91 27.77 31.02
CA ASP M 64 -32.98 27.04 30.16
C ASP M 64 -33.09 27.47 28.71
N LYS M 65 -34.27 27.97 28.30
CA LYS M 65 -34.47 28.38 26.91
C LYS M 65 -33.70 29.65 26.59
N VAL M 66 -33.47 30.52 27.59
CA VAL M 66 -32.58 31.65 27.41
C VAL M 66 -31.16 31.35 27.84
N GLN M 67 -30.92 30.17 28.44
CA GLN M 67 -29.57 29.82 28.88
C GLN M 67 -28.65 29.52 27.70
N TYR M 68 -29.11 28.68 26.77
CA TYR M 68 -28.37 28.43 25.54
C TYR M 68 -28.76 29.38 24.42
N LEU M 69 -29.44 30.47 24.73
CA LEU M 69 -29.68 31.52 23.75
C LEU M 69 -28.42 32.32 23.47
N ARG M 70 -27.56 32.47 24.47
CA ARG M 70 -26.29 33.19 24.32
C ARG M 70 -25.19 32.31 23.76
N VAL M 71 -25.47 31.03 23.50
CA VAL M 71 -24.54 30.19 22.75
C VAL M 71 -24.90 30.15 21.27
N ARG M 72 -26.11 30.54 20.90
CA ARG M 72 -26.52 30.58 19.49
C ARG M 72 -26.47 31.99 18.92
N PHE M 73 -26.63 33.01 19.76
CA PHE M 73 -26.38 34.38 19.31
C PHE M 73 -24.89 34.61 19.12
N VAL M 74 -24.06 33.94 19.94
CA VAL M 74 -22.61 34.03 19.81
C VAL M 74 -22.13 33.31 18.55
N TYR M 75 -22.78 32.19 18.21
CA TYR M 75 -22.42 31.43 17.02
C TYR M 75 -22.64 32.23 15.74
N GLN M 76 -23.80 32.88 15.62
CA GLN M 76 -24.10 33.67 14.44
C GLN M 76 -23.25 34.94 14.38
N ALA M 77 -22.98 35.55 15.54
CA ALA M 77 -22.08 36.71 15.57
C ALA M 77 -20.63 36.32 15.33
N GLY M 78 -20.26 35.06 15.54
CA GLY M 78 -18.93 34.60 15.25
C GLY M 78 -18.80 34.08 13.83
N ARG M 79 -19.92 33.67 13.24
CA ARG M 79 -19.93 33.19 11.87
C ARG M 79 -20.10 34.32 10.87
N GLU M 80 -20.64 35.47 11.30
CA GLU M 80 -20.87 36.60 10.41
C GLU M 80 -20.31 37.84 11.07
N LYS M 81 -19.32 38.47 10.42
CA LYS M 81 -18.77 39.74 10.89
C LYS M 81 -19.80 40.86 10.78
N ALA M 82 -20.70 40.79 9.80
CA ALA M 82 -21.69 41.83 9.58
C ALA M 82 -22.71 41.92 10.72
N VAL M 83 -22.90 40.85 11.47
CA VAL M 83 -23.75 40.89 12.66
C VAL M 83 -22.94 40.89 13.95
N ARG M 84 -21.60 40.84 13.86
CA ARG M 84 -20.77 41.02 15.05
C ARG M 84 -20.85 42.46 15.54
N VAL M 85 -20.84 43.43 14.63
CA VAL M 85 -21.03 44.83 14.98
C VAL M 85 -22.50 45.20 15.12
N PHE M 86 -23.42 44.27 14.85
CA PHE M 86 -24.81 44.43 15.24
C PHE M 86 -25.02 44.17 16.73
N VAL M 87 -24.04 43.57 17.39
CA VAL M 87 -24.09 43.34 18.82
C VAL M 87 -22.93 43.98 19.57
N GLU M 88 -21.86 44.38 18.87
CA GLU M 88 -20.79 45.12 19.52
C GLU M 88 -21.20 46.58 19.74
N ARG M 89 -21.91 47.16 18.79
CA ARG M 89 -22.40 48.53 18.91
C ARG M 89 -23.71 48.62 19.67
N ALA M 90 -24.54 47.58 19.63
CA ALA M 90 -25.78 47.57 20.41
C ALA M 90 -25.58 47.07 21.83
N GLY M 91 -24.50 46.34 22.10
CA GLY M 91 -24.12 45.97 23.45
C GLY M 91 -25.01 44.95 24.13
N LEU M 92 -25.97 44.34 23.42
CA LEU M 92 -26.89 43.41 24.05
C LEU M 92 -26.32 42.01 24.22
N LEU M 93 -25.06 41.78 23.82
CA LEU M 93 -24.39 40.54 24.18
C LEU M 93 -24.16 40.48 25.68
N ASP M 94 -23.78 41.61 26.28
CA ASP M 94 -23.67 41.68 27.74
C ASP M 94 -25.05 41.62 28.39
N GLU M 95 -26.05 42.27 27.77
CA GLU M 95 -27.40 42.28 28.31
C GLU M 95 -28.07 40.91 28.22
N LEU M 96 -27.63 40.08 27.28
CA LEU M 96 -28.12 38.70 27.19
C LEU M 96 -27.67 37.85 28.37
N ALA M 97 -26.57 38.20 29.03
CA ALA M 97 -26.06 37.47 30.17
C ALA M 97 -26.52 38.05 31.51
N GLN M 98 -27.18 39.22 31.51
CA GLN M 98 -27.64 39.84 32.75
C GLN M 98 -28.86 39.16 33.35
N ILE M 99 -29.52 38.27 32.61
CA ILE M 99 -30.77 37.66 33.04
C ILE M 99 -30.43 36.57 34.04
N GLY M 100 -30.43 36.91 35.33
CA GLY M 100 -30.21 35.90 36.35
C GLY M 100 -31.43 35.05 36.61
N ASP M 101 -32.48 35.65 37.19
CA ASP M 101 -33.73 34.93 37.42
C ASP M 101 -34.97 35.77 37.16
N SER M 102 -34.84 37.03 36.78
CA SER M 102 -35.99 37.91 36.67
C SER M 102 -36.74 37.67 35.35
N ARG M 103 -37.96 38.22 35.28
CA ARG M 103 -38.81 38.07 34.11
C ARG M 103 -38.78 39.30 33.21
N ASP M 104 -39.11 40.47 33.76
CA ASP M 104 -39.32 41.65 32.93
C ASP M 104 -38.02 42.33 32.51
N ARG M 105 -36.88 41.95 33.10
CA ARG M 105 -35.61 42.44 32.59
C ARG M 105 -35.26 41.77 31.27
N LEU M 106 -35.63 40.49 31.12
CA LEU M 106 -35.48 39.82 29.83
C LEU M 106 -36.59 40.20 28.86
N LEU M 107 -37.67 40.82 29.33
CA LEU M 107 -38.69 41.35 28.44
C LEU M 107 -38.26 42.63 27.74
N LYS M 108 -37.09 43.19 28.09
CA LYS M 108 -36.50 44.23 27.26
C LYS M 108 -36.17 43.69 25.87
N PHE M 109 -35.71 42.45 25.79
CA PHE M 109 -35.55 41.80 24.50
C PHE M 109 -36.89 41.51 23.83
N CYS M 110 -37.96 41.40 24.61
CA CYS M 110 -39.30 41.37 24.06
C CYS M 110 -39.83 42.78 23.76
N HIS M 111 -39.08 43.82 24.15
CA HIS M 111 -39.48 45.20 23.88
C HIS M 111 -38.51 45.91 22.95
N TYR M 112 -37.22 45.93 23.29
CA TYR M 112 -36.24 46.72 22.52
C TYR M 112 -35.86 46.05 21.21
N MET M 113 -35.76 44.71 21.19
CA MET M 113 -35.42 44.01 19.96
C MET M 113 -36.58 44.01 18.97
N GLU M 114 -37.79 44.34 19.41
CA GLU M 114 -38.86 44.62 18.46
C GLU M 114 -38.55 45.85 17.62
N ALA M 115 -38.33 47.00 18.29
CA ALA M 115 -38.07 48.26 17.59
C ALA M 115 -36.67 48.34 17.01
N LEU M 116 -35.79 47.37 17.29
CA LEU M 116 -34.44 47.39 16.72
C LEU M 116 -34.47 47.10 15.23
N VAL M 117 -35.39 46.24 14.79
CA VAL M 117 -35.47 45.84 13.39
C VAL M 117 -36.81 46.21 12.75
N ALA M 118 -37.72 46.85 13.50
CA ALA M 118 -39.03 47.19 12.93
C ALA M 118 -38.94 48.35 11.94
N TYR M 119 -37.99 49.27 12.16
CA TYR M 119 -37.86 50.42 11.27
C TYR M 119 -37.20 50.04 9.94
N LYS M 120 -36.50 48.91 9.89
CA LYS M 120 -35.81 48.51 8.67
C LYS M 120 -36.78 48.00 7.60
N LYS M 121 -37.88 47.39 8.01
CA LYS M 121 -38.89 46.90 7.06
C LYS M 121 -39.63 48.04 6.37
#